data_8CQK
#
_entry.id   8CQK
#
_cell.length_a   93.284
_cell.length_b   93.284
_cell.length_c   363.262
_cell.angle_alpha   90.00
_cell.angle_beta   90.00
_cell.angle_gamma   90.00
#
_symmetry.space_group_name_H-M   'P 41 21 2'
#
loop_
_entity.id
_entity.type
_entity.pdbx_description
1 polymer Elongin-B
2 polymer Elongin-C
3 polymer 'von Hippel-Lindau disease tumor suppressor'
4 non-polymer (2~{S},4~{R})-1-[(2~{S})-2-[(1-fluoranylcyclopropyl)carbonylamino]-3,3-dimethyl-butanoyl]-~{N}-[(1~{S})-1-[2-methyl-4-(4-methyl-1,3-thiazol-5-yl)phenyl]ethyl]-4-oxidanyl-pyrrolidine-2-carboxamide
5 water water
#
loop_
_entity_poly.entity_id
_entity_poly.type
_entity_poly.pdbx_seq_one_letter_code
_entity_poly.pdbx_strand_id
1 'polypeptide(L)'
;MDVFLMIRRHKTTIFTDAKESSTVFELKRIVEGILKRPPDEQRLYKDDQLLDDGKTLGE(CAS)GFTSQTARPQAPATVG
LAFRADDTFEAL(CAS)IEPFSSPPELPDVMK
;
A,D,G,J
2 'polypeptide(L)'
;MMYVKLISSDGHEFIVKREHALTSGTIKAMLSGPGQFAENETNEVNFREIPSHVLSKVCMYFTYKVRYTNSSTEIPEFPI
APEIALELLMAANFLDC
;
B,E,H,K
3 'polypeptide(L)'
;GSMEAGRPRPVLRSVNSREPSQVIF(CAS)NRSPRVVLPVWLNFDGEPQPYPTLPPGTGRRIHSYRGHLWLFRDAGTHDG
LLVNQTELFVPSLNVDGQPIFANITLPVYTLKERCLQVVRSLVKPENYRRLDIVRSLYEDLEDHPNVQKDLERLTQERIA
HQRMGD
;
C,F,I,L
#
loop_
_chem_comp.id
_chem_comp.type
_chem_comp.name
_chem_comp.formula
VYQ non-polymer (2~{S},4~{R})-1-[(2~{S})-2-[(1-fluoranylcyclopropyl)carbonylamino]-3,3-dimethyl-butanoyl]-~{N}-[(1~{S})-1-[2-methyl-4-(4-methyl-1,3-thiazol-5-yl)phenyl]ethyl]-4-oxidanyl-pyrrolidine-2-carboxamide 'C28 H37 F N4 O4 S'
#
# COMPACT_ATOMS: atom_id res chain seq x y z
N MET A 1 -8.21 6.56 16.50
CA MET A 1 -8.31 7.11 17.84
C MET A 1 -7.61 6.19 18.80
N ASP A 2 -6.83 6.77 19.70
CA ASP A 2 -6.14 5.94 20.69
C ASP A 2 -6.92 5.88 21.99
N VAL A 3 -7.07 4.68 22.57
CA VAL A 3 -7.73 4.55 23.88
C VAL A 3 -6.77 3.95 24.90
N PHE A 4 -6.84 4.45 26.11
CA PHE A 4 -5.89 4.10 27.17
C PHE A 4 -6.60 3.38 28.31
N LEU A 5 -6.06 2.23 28.70
CA LEU A 5 -6.82 1.24 29.46
C LEU A 5 -6.02 0.71 30.64
N MET A 6 -6.74 0.34 31.70
CA MET A 6 -6.22 -0.45 32.81
C MET A 6 -7.01 -1.75 32.82
N ILE A 7 -6.37 -2.87 32.50
CA ILE A 7 -7.05 -4.16 32.57
C ILE A 7 -6.68 -4.80 33.91
N ARG A 8 -7.71 -4.97 34.74
CA ARG A 8 -7.52 -5.41 36.08
C ARG A 8 -8.11 -6.73 36.50
N ARG A 9 -7.34 -7.52 37.20
CA ARG A 9 -7.80 -8.79 37.76
C ARG A 9 -7.13 -9.01 39.10
N HIS A 10 -7.89 -9.00 40.17
CA HIS A 10 -7.37 -9.19 41.50
C HIS A 10 -6.47 -8.06 41.88
N LYS A 11 -5.18 -8.33 42.00
CA LYS A 11 -4.20 -7.32 42.33
C LYS A 11 -3.32 -7.13 41.15
N THR A 12 -3.76 -7.57 40.01
CA THR A 12 -3.02 -7.38 38.77
C THR A 12 -3.66 -6.24 37.98
N THR A 13 -2.84 -5.30 37.51
CA THR A 13 -3.30 -4.16 36.74
C THR A 13 -2.36 -3.98 35.56
N ILE A 14 -2.89 -4.10 34.35
CA ILE A 14 -2.11 -3.94 33.12
C ILE A 14 -2.45 -2.58 32.51
N PHE A 15 -1.41 -1.80 32.21
CA PHE A 15 -1.56 -0.52 31.52
C PHE A 15 -1.21 -0.72 30.05
N THR A 16 -2.17 -0.45 29.16
CA THR A 16 -1.88 -0.59 27.74
C THR A 16 -2.83 0.32 26.95
N ASP A 17 -2.55 0.43 25.66
CA ASP A 17 -3.37 1.20 24.75
C ASP A 17 -3.80 0.29 23.60
N ALA A 18 -4.86 0.70 22.91
CA ALA A 18 -5.37 -0.02 21.76
C ALA A 18 -6.09 0.98 20.87
N LYS A 19 -6.78 0.47 19.87
CA LYS A 19 -7.55 1.34 18.99
C LYS A 19 -9.01 1.26 19.38
N GLU A 20 -9.73 2.37 19.15
CA GLU A 20 -11.17 2.39 19.35
C GLU A 20 -11.83 1.42 18.38
N SER A 21 -11.22 1.20 17.21
CA SER A 21 -11.69 0.23 16.23
C SER A 21 -11.25 -1.21 16.53
N SER A 22 -10.29 -1.40 17.42
CA SER A 22 -9.87 -2.75 17.77
C SER A 22 -10.99 -3.49 18.49
N THR A 23 -10.98 -4.81 18.40
CA THR A 23 -12.02 -5.64 18.97
C THR A 23 -11.62 -6.15 20.35
N VAL A 24 -12.61 -6.68 21.07
CA VAL A 24 -12.36 -7.26 22.39
C VAL A 24 -11.44 -8.46 22.29
N PHE A 25 -11.55 -9.25 21.22
CA PHE A 25 -10.68 -10.41 21.07
C PHE A 25 -9.22 -10.00 20.91
N GLU A 26 -8.97 -8.94 20.14
CA GLU A 26 -7.60 -8.46 19.99
C GLU A 26 -7.03 -7.97 21.31
N LEU A 27 -7.88 -7.42 22.18
CA LEU A 27 -7.44 -7.09 23.53
C LEU A 27 -7.12 -8.37 24.32
N LYS A 28 -7.90 -9.42 24.13
CA LYS A 28 -7.60 -10.70 24.75
C LYS A 28 -6.28 -11.26 24.24
N ARG A 29 -5.96 -11.02 22.97
CA ARG A 29 -4.67 -11.42 22.45
C ARG A 29 -3.54 -10.65 23.12
N ILE A 30 -3.80 -9.38 23.48
CA ILE A 30 -2.78 -8.60 24.18
C ILE A 30 -2.58 -9.14 25.60
N VAL A 31 -3.67 -9.42 26.31
CA VAL A 31 -3.54 -10.03 27.63
C VAL A 31 -2.81 -11.37 27.53
N GLU A 32 -3.05 -12.10 26.44
CA GLU A 32 -2.40 -13.39 26.25
C GLU A 32 -0.89 -13.24 26.16
N GLY A 33 -0.41 -12.24 25.42
CA GLY A 33 1.01 -12.01 25.31
C GLY A 33 1.67 -11.58 26.61
N ILE A 34 0.89 -11.05 27.55
CA ILE A 34 1.44 -10.53 28.80
C ILE A 34 1.36 -11.59 29.89
N LEU A 35 0.17 -12.12 30.15
CA LEU A 35 -0.04 -13.05 31.25
C LEU A 35 -0.02 -14.51 30.80
N LYS A 36 0.17 -14.79 29.51
CA LYS A 36 0.37 -16.14 28.99
C LYS A 36 -0.87 -17.02 29.22
N ARG A 37 -2.06 -16.47 29.00
CA ARG A 37 -3.30 -17.22 29.08
C ARG A 37 -4.10 -17.00 27.80
N PRO A 38 -4.59 -18.06 27.16
CA PRO A 38 -5.27 -17.91 25.86
C PRO A 38 -6.62 -17.25 26.00
N PRO A 39 -7.13 -16.66 24.91
CA PRO A 39 -8.43 -15.96 24.99
C PRO A 39 -9.59 -16.85 25.41
N ASP A 40 -9.55 -18.15 25.09
CA ASP A 40 -10.63 -19.05 25.48
C ASP A 40 -10.87 -19.04 26.98
N GLU A 41 -9.83 -18.79 27.76
CA GLU A 41 -9.93 -18.74 29.22
C GLU A 41 -10.08 -17.32 29.75
N GLN A 42 -10.39 -16.36 28.87
CA GLN A 42 -10.50 -14.96 29.26
C GLN A 42 -11.93 -14.47 29.10
N ARG A 43 -12.28 -13.59 30.03
CA ARG A 43 -13.55 -12.90 29.98
C ARG A 43 -13.28 -11.47 30.41
N LEU A 44 -13.67 -10.50 29.61
CA LEU A 44 -13.44 -9.09 29.82
C LEU A 44 -14.76 -8.41 30.16
N TYR A 45 -14.70 -7.43 31.05
CA TYR A 45 -15.90 -6.77 31.55
C TYR A 45 -15.73 -5.26 31.51
N LYS A 46 -16.81 -4.57 31.15
CA LYS A 46 -16.95 -3.15 31.42
C LYS A 46 -17.95 -3.06 32.57
N ASP A 47 -17.45 -2.70 33.76
CA ASP A 47 -18.23 -2.81 35.00
C ASP A 47 -18.66 -4.26 35.12
N ASP A 48 -19.95 -4.58 35.14
CA ASP A 48 -20.43 -5.95 35.25
C ASP A 48 -20.82 -6.56 33.90
N GLN A 49 -20.77 -5.79 32.82
CA GLN A 49 -21.26 -6.28 31.54
C GLN A 49 -20.19 -7.09 30.83
N LEU A 50 -20.56 -8.30 30.42
CA LEU A 50 -19.65 -9.15 29.66
C LEU A 50 -19.46 -8.57 28.26
N LEU A 51 -18.22 -8.53 27.80
CA LEU A 51 -17.90 -7.97 26.50
C LEU A 51 -17.77 -9.08 25.47
N ASP A 52 -18.40 -8.87 24.31
CA ASP A 52 -18.42 -9.86 23.24
C ASP A 52 -17.22 -9.69 22.32
N ASP A 53 -16.65 -10.82 21.88
CA ASP A 53 -15.39 -10.84 21.15
C ASP A 53 -15.39 -9.93 19.92
N GLY A 54 -16.51 -9.89 19.19
CA GLY A 54 -16.52 -9.21 17.91
C GLY A 54 -16.68 -7.70 17.95
N LYS A 55 -17.19 -7.16 19.05
CA LYS A 55 -17.48 -5.73 19.12
C LYS A 55 -16.21 -4.91 19.32
N THR A 56 -16.22 -3.68 18.81
CA THR A 56 -15.06 -2.81 18.95
C THR A 56 -15.09 -2.12 20.32
N LEU A 57 -13.92 -1.64 20.74
CA LEU A 57 -13.82 -0.98 22.03
C LEU A 57 -14.68 0.28 22.06
N GLY A 58 -14.73 1.01 20.94
CA GLY A 58 -15.63 2.15 20.85
C GLY A 58 -17.09 1.77 21.05
N GLU A 59 -17.51 0.66 20.42
CA GLU A 59 -18.86 0.14 20.58
C GLU A 59 -19.14 -0.17 22.04
N CAS A 60 -18.11 -0.63 22.76
CA CAS A 60 -18.26 -1.01 24.15
CB CAS A 60 -17.27 -2.10 24.54
C CAS A 60 -18.08 0.19 25.03
O CAS A 60 -18.00 0.04 26.28
SG CAS A 60 -17.59 -3.52 23.56
AS CAS A 60 -19.70 -3.98 24.16
CE1 CAS A 60 -20.88 -3.53 22.61
CE2 CAS A 60 -19.95 -5.90 24.55
N GLY A 61 -18.03 1.38 24.44
CA GLY A 61 -18.02 2.61 25.21
C GLY A 61 -16.67 3.12 25.65
N PHE A 62 -15.60 2.55 25.09
CA PHE A 62 -14.24 3.03 25.34
C PHE A 62 -13.86 3.97 24.21
N THR A 63 -13.83 5.26 24.50
CA THR A 63 -13.59 6.27 23.48
C THR A 63 -12.34 7.07 23.81
N SER A 64 -11.73 7.65 22.77
CA SER A 64 -10.48 8.37 22.93
C SER A 64 -10.61 9.53 23.91
N GLN A 65 -11.84 9.96 24.17
CA GLN A 65 -12.10 11.09 25.05
C GLN A 65 -12.57 10.69 26.44
N THR A 66 -12.85 9.40 26.68
CA THR A 66 -13.09 8.90 28.03
C THR A 66 -12.00 7.97 28.54
N ALA A 67 -11.27 7.30 27.64
CA ALA A 67 -10.13 6.47 28.02
C ALA A 67 -8.88 7.27 27.69
N ARG A 68 -8.47 8.13 28.63
CA ARG A 68 -7.41 9.11 28.45
C ARG A 68 -6.11 8.63 29.09
N PRO A 69 -4.96 9.10 28.59
CA PRO A 69 -3.68 8.66 29.18
C PRO A 69 -3.56 8.99 30.66
N GLN A 70 -4.01 10.17 31.08
CA GLN A 70 -3.92 10.60 32.46
C GLN A 70 -5.06 10.08 33.31
N ALA A 71 -6.03 9.39 32.72
CA ALA A 71 -7.17 8.85 33.46
C ALA A 71 -7.81 7.73 32.66
N PRO A 72 -7.17 6.57 32.58
CA PRO A 72 -7.64 5.49 31.72
C PRO A 72 -8.91 4.84 32.26
N ALA A 73 -9.54 4.07 31.39
CA ALA A 73 -10.72 3.28 31.73
C ALA A 73 -10.30 1.90 32.26
N THR A 74 -11.13 1.35 33.14
CA THR A 74 -10.87 0.06 33.75
C THR A 74 -11.63 -1.03 33.01
N VAL A 75 -10.92 -2.09 32.62
CA VAL A 75 -11.51 -3.26 31.99
C VAL A 75 -11.23 -4.45 32.89
N GLY A 76 -12.30 -5.10 33.37
CA GLY A 76 -12.13 -6.24 34.25
C GLY A 76 -11.79 -7.51 33.50
N LEU A 77 -11.03 -8.39 34.16
CA LEU A 77 -10.63 -9.66 33.59
C LEU A 77 -10.93 -10.79 34.56
N ALA A 78 -11.44 -11.90 34.03
CA ALA A 78 -11.75 -13.09 34.80
C ALA A 78 -11.27 -14.31 34.03
N PHE A 79 -10.51 -15.18 34.69
CA PHE A 79 -9.92 -16.37 34.10
C PHE A 79 -10.73 -17.62 34.39
N ARG A 80 -10.48 -18.65 33.58
CA ARG A 80 -11.20 -19.92 33.64
C ARG A 80 -10.36 -21.01 34.32
N ALA A 81 -10.80 -21.43 35.50
CA ALA A 81 -10.21 -22.51 36.28
C ALA A 81 -10.59 -23.89 35.71
N ASP A 82 -10.08 -24.17 34.51
CA ASP A 82 -10.23 -25.47 33.83
C ASP A 82 -11.62 -25.64 33.21
N ASP A 83 -12.67 -25.72 34.03
CA ASP A 83 -14.02 -25.87 33.51
C ASP A 83 -14.98 -24.78 33.96
N THR A 84 -14.71 -24.09 35.06
CA THR A 84 -15.57 -23.03 35.57
C THR A 84 -14.86 -21.70 35.47
N PHE A 85 -15.57 -20.68 34.97
CA PHE A 85 -15.04 -19.33 35.00
C PHE A 85 -15.19 -18.75 36.39
N GLU A 86 -14.16 -18.05 36.86
CA GLU A 86 -14.22 -17.41 38.16
C GLU A 86 -15.12 -16.19 38.13
N ALA A 87 -15.51 -15.73 39.32
CA ALA A 87 -16.23 -14.47 39.44
C ALA A 87 -15.28 -13.30 39.20
N LEU A 88 -15.83 -12.16 38.80
CA LEU A 88 -15.05 -10.95 38.63
C LEU A 88 -14.62 -10.37 39.98
N CAS A 89 -13.31 -10.30 40.23
CA CAS A 89 -12.77 -9.69 41.45
CB CAS A 89 -12.14 -10.72 42.37
C CAS A 89 -11.69 -8.72 41.18
O CAS A 89 -10.59 -9.09 40.80
SG CAS A 89 -11.14 -10.09 43.66
AS CAS A 89 -12.84 -9.57 44.97
CE1 CAS A 89 -12.97 -10.99 46.35
CE2 CAS A 89 -12.50 -7.85 45.89
N ILE A 90 -11.95 -7.46 41.39
CA ILE A 90 -10.95 -6.46 41.26
C ILE A 90 -10.66 -5.94 42.64
N GLU A 91 -9.47 -6.20 43.13
CA GLU A 91 -9.16 -5.74 44.44
C GLU A 91 -8.92 -4.28 44.41
N PRO A 92 -9.53 -3.60 45.33
CA PRO A 92 -9.34 -2.17 45.42
C PRO A 92 -7.93 -1.75 45.77
N PHE A 93 -7.61 -0.50 45.49
CA PHE A 93 -6.33 0.04 45.83
C PHE A 93 -6.36 0.57 47.24
N SER A 94 -5.21 0.87 47.80
CA SER A 94 -5.13 1.32 49.17
C SER A 94 -5.90 2.60 49.35
N SER A 95 -6.20 2.93 50.60
CA SER A 95 -6.90 4.19 50.85
C SER A 95 -5.93 5.26 51.35
N PRO A 96 -6.11 6.50 50.92
CA PRO A 96 -5.25 7.59 51.38
C PRO A 96 -5.52 7.93 52.83
N PRO A 97 -4.54 8.53 53.52
CA PRO A 97 -4.77 8.95 54.91
C PRO A 97 -5.65 10.18 54.99
N GLU A 98 -5.95 10.65 56.19
CA GLU A 98 -6.71 11.88 56.31
C GLU A 98 -5.85 13.06 55.89
N LEU A 99 -6.48 14.05 55.27
CA LEU A 99 -5.76 15.26 54.90
C LEU A 99 -5.20 15.92 56.15
N PRO A 100 -3.91 16.20 56.20
CA PRO A 100 -3.37 17.00 57.31
C PRO A 100 -4.10 18.33 57.44
N ASP A 101 -4.01 18.90 58.63
CA ASP A 101 -4.75 20.13 58.94
C ASP A 101 -4.30 21.28 58.06
N VAL A 102 -2.99 21.41 57.82
CA VAL A 102 -2.46 22.51 57.04
C VAL A 102 -2.96 22.52 55.61
N MET A 103 -3.54 21.41 55.14
CA MET A 103 -4.10 21.33 53.79
C MET A 103 -5.60 21.54 53.77
N LYS A 104 -6.27 21.43 54.91
CA LYS A 104 -7.71 21.64 54.99
C LYS A 104 -8.02 23.13 54.87
N MET B 1 5.30 -4.34 22.88
CA MET B 1 6.72 -4.47 23.17
C MET B 1 6.93 -5.24 24.46
N MET B 2 7.96 -4.89 25.22
CA MET B 2 8.18 -5.56 26.50
C MET B 2 7.57 -4.80 27.65
N TYR B 3 7.12 -5.57 28.63
CA TYR B 3 6.43 -5.07 29.79
C TYR B 3 7.20 -5.41 31.06
N VAL B 4 7.09 -4.51 32.03
CA VAL B 4 7.73 -4.67 33.33
C VAL B 4 6.63 -4.59 34.38
N LYS B 5 6.91 -5.18 35.53
CA LYS B 5 5.98 -5.20 36.66
C LYS B 5 6.53 -4.32 37.78
N LEU B 6 5.68 -3.46 38.32
CA LEU B 6 6.01 -2.60 39.44
C LEU B 6 5.09 -2.96 40.60
N ILE B 7 5.68 -3.38 41.72
CA ILE B 7 4.93 -3.87 42.86
C ILE B 7 4.95 -2.82 43.96
N SER B 8 3.77 -2.51 44.47
CA SER B 8 3.64 -1.55 45.54
C SER B 8 3.83 -2.16 46.90
N SER B 9 3.64 -1.35 47.94
CA SER B 9 3.76 -1.83 49.30
C SER B 9 2.64 -2.79 49.66
N ASP B 10 1.48 -2.61 49.06
CA ASP B 10 0.32 -3.42 49.39
C ASP B 10 0.14 -4.70 48.60
N GLY B 11 1.05 -4.98 47.68
CA GLY B 11 0.99 -6.21 46.90
C GLY B 11 0.45 -6.06 45.50
N HIS B 12 0.01 -4.89 45.14
CA HIS B 12 -0.55 -4.68 43.84
C HIS B 12 0.52 -4.69 42.79
N GLU B 13 0.24 -5.37 41.70
CA GLU B 13 1.24 -5.55 40.64
C GLU B 13 0.76 -4.79 39.40
N PHE B 14 1.53 -3.80 38.98
CA PHE B 14 1.19 -2.95 37.85
C PHE B 14 2.11 -3.29 36.69
N ILE B 15 1.53 -3.69 35.57
CA ILE B 15 2.29 -4.09 34.38
C ILE B 15 2.23 -2.96 33.37
N VAL B 16 3.39 -2.35 33.10
CA VAL B 16 3.48 -1.23 32.17
C VAL B 16 4.49 -1.57 31.09
N LYS B 17 4.38 -0.86 29.98
CA LYS B 17 5.38 -1.01 28.92
C LYS B 17 6.73 -0.57 29.44
N ARG B 18 7.78 -1.29 29.06
CA ARG B 18 9.11 -1.02 29.60
C ARG B 18 9.58 0.39 29.26
N GLU B 19 9.42 0.81 28.00
CA GLU B 19 9.81 2.17 27.64
C GLU B 19 9.14 3.22 28.52
N HIS B 20 7.90 3.00 28.91
CA HIS B 20 7.22 3.96 29.78
C HIS B 20 7.87 4.03 31.13
N ALA B 21 8.26 2.87 31.69
CA ALA B 21 8.85 2.84 33.02
C ALA B 21 10.25 3.45 33.02
N LEU B 22 10.97 3.31 31.92
CA LEU B 22 12.33 3.82 31.76
C LEU B 22 12.41 5.35 31.80
N THR B 23 11.28 6.04 31.67
CA THR B 23 11.22 7.47 31.99
C THR B 23 11.83 7.77 33.36
N SER B 24 11.51 6.97 34.38
CA SER B 24 12.05 7.21 35.73
C SER B 24 13.46 6.66 35.82
N GLY B 25 14.43 7.56 36.01
CA GLY B 25 15.82 7.14 36.15
C GLY B 25 16.06 6.25 37.35
N THR B 26 15.30 6.45 38.42
CA THR B 26 15.40 5.60 39.60
C THR B 26 15.06 4.14 39.26
N ILE B 27 13.93 3.91 38.59
CA ILE B 27 13.56 2.55 38.19
C ILE B 27 14.61 1.96 37.24
N LYS B 28 15.15 2.78 36.34
CA LYS B 28 16.19 2.29 35.43
C LYS B 28 17.30 1.56 36.18
N ALA B 29 17.75 2.15 37.30
CA ALA B 29 18.83 1.54 38.07
C ALA B 29 18.38 0.25 38.73
N MET B 30 17.16 0.21 39.24
CA MET B 30 16.65 -0.97 39.93
C MET B 30 16.44 -2.16 39.00
N LEU B 31 16.46 -1.97 37.68
CA LEU B 31 16.28 -3.08 36.76
C LEU B 31 17.60 -3.68 36.30
N SER B 32 18.64 -2.88 36.14
CA SER B 32 19.93 -3.38 35.70
C SER B 32 20.96 -3.30 36.82
N THR B 42 16.47 -8.04 35.61
CA THR B 42 15.15 -8.43 36.09
C THR B 42 14.04 -7.80 35.25
N ASN B 43 12.80 -8.14 35.60
CA ASN B 43 11.60 -7.58 34.98
C ASN B 43 10.58 -7.17 36.04
N GLU B 44 11.00 -7.05 37.29
CA GLU B 44 10.12 -6.74 38.41
C GLU B 44 10.82 -5.84 39.41
N VAL B 45 10.06 -4.95 40.03
CA VAL B 45 10.56 -4.07 41.08
C VAL B 45 9.54 -3.99 42.22
N ASN B 46 10.04 -4.05 43.45
CA ASN B 46 9.28 -3.82 44.67
C ASN B 46 9.60 -2.45 45.27
N PHE B 47 8.52 -1.73 45.62
CA PHE B 47 8.57 -0.43 46.28
C PHE B 47 7.92 -0.64 47.65
N ARG B 48 8.74 -0.75 48.68
CA ARG B 48 8.24 -0.97 50.05
C ARG B 48 7.69 0.28 50.71
N GLU B 49 7.71 1.44 50.05
CA GLU B 49 7.19 2.67 50.64
C GLU B 49 6.05 3.30 49.85
N ILE B 50 5.74 2.82 48.66
CA ILE B 50 4.76 3.45 47.78
C ILE B 50 3.50 2.60 47.76
N PRO B 51 2.40 3.16 48.30
CA PRO B 51 1.15 2.43 48.25
C PRO B 51 0.54 2.40 46.87
N SER B 52 -0.47 1.58 46.66
CA SER B 52 -1.07 1.41 45.34
C SER B 52 -1.73 2.66 44.79
N HIS B 53 -2.38 3.42 45.66
CA HIS B 53 -3.06 4.63 45.19
C HIS B 53 -2.08 5.68 44.68
N VAL B 54 -0.80 5.54 45.00
CA VAL B 54 0.23 6.43 44.46
C VAL B 54 0.87 5.84 43.22
N LEU B 55 1.23 4.55 43.25
CA LEU B 55 1.93 3.96 42.12
C LEU B 55 1.06 3.87 40.88
N SER B 56 -0.25 3.70 41.05
CA SER B 56 -1.16 3.73 39.91
C SER B 56 -1.18 5.10 39.26
N LYS B 57 -1.23 6.17 40.06
CA LYS B 57 -1.20 7.52 39.51
C LYS B 57 0.15 7.81 38.86
N VAL B 58 1.22 7.24 39.40
CA VAL B 58 2.53 7.31 38.77
C VAL B 58 2.50 6.64 37.41
N CYS B 59 1.87 5.47 37.32
CA CYS B 59 1.80 4.75 36.05
C CYS B 59 0.97 5.52 35.03
N MET B 60 -0.10 6.17 35.48
CA MET B 60 -0.84 7.06 34.59
C MET B 60 0.06 8.20 34.12
N TYR B 61 0.90 8.73 35.01
CA TYR B 61 1.79 9.82 34.61
C TYR B 61 2.77 9.38 33.55
N PHE B 62 3.27 8.13 33.63
CA PHE B 62 4.12 7.60 32.57
C PHE B 62 3.40 7.67 31.24
N THR B 63 2.14 7.23 31.21
CA THR B 63 1.37 7.24 29.98
C THR B 63 1.18 8.68 29.48
N TYR B 64 0.88 9.59 30.40
CA TYR B 64 0.68 11.00 30.06
C TYR B 64 1.95 11.64 29.51
N LYS B 65 3.11 11.36 30.11
CA LYS B 65 4.36 11.96 29.66
C LYS B 65 4.72 11.50 28.25
N VAL B 66 4.67 10.19 27.98
CA VAL B 66 4.98 9.67 26.65
C VAL B 66 4.00 10.21 25.60
N ARG B 67 2.72 10.36 25.95
CA ARG B 67 1.72 10.70 24.93
C ARG B 67 1.81 12.16 24.50
N TYR B 68 1.99 13.07 25.45
CA TYR B 68 1.85 14.51 25.17
C TYR B 68 3.19 15.25 25.06
N THR B 69 4.32 14.58 25.25
CA THR B 69 5.59 15.27 25.14
C THR B 69 5.89 15.55 23.67
N ASN B 70 6.30 16.78 23.37
CA ASN B 70 6.60 17.23 22.00
C ASN B 70 5.38 17.14 21.10
N SER B 71 4.26 17.68 21.57
CA SER B 71 3.01 17.69 20.84
C SER B 71 2.51 19.12 20.72
N SER B 72 2.07 19.50 19.52
CA SER B 72 1.43 20.79 19.30
C SER B 72 -0.02 20.79 19.75
N THR B 73 -0.68 19.63 19.72
CA THR B 73 -2.04 19.52 20.23
C THR B 73 -2.09 19.99 21.68
N GLU B 74 -3.22 20.63 22.04
CA GLU B 74 -3.35 21.23 23.36
C GLU B 74 -3.09 20.22 24.47
N ILE B 75 -2.19 20.57 25.37
CA ILE B 75 -1.84 19.68 26.49
C ILE B 75 -2.89 19.85 27.58
N PRO B 76 -3.45 18.77 28.11
CA PRO B 76 -4.37 18.87 29.24
C PRO B 76 -3.65 18.80 30.57
N GLU B 77 -4.33 19.29 31.60
CA GLU B 77 -3.75 19.26 32.94
C GLU B 77 -3.60 17.82 33.43
N PHE B 78 -2.50 17.55 34.11
CA PHE B 78 -2.40 16.32 34.88
C PHE B 78 -3.11 16.52 36.21
N PRO B 79 -4.18 15.78 36.49
CA PRO B 79 -4.94 15.98 37.73
C PRO B 79 -4.39 15.19 38.89
N ILE B 80 -4.29 15.83 40.05
CA ILE B 80 -3.84 15.18 41.27
C ILE B 80 -4.81 15.53 42.39
N ALA B 81 -5.46 14.53 42.95
CA ALA B 81 -6.37 14.76 44.05
C ALA B 81 -5.57 15.22 45.28
N PRO B 82 -6.14 16.11 46.09
CA PRO B 82 -5.40 16.60 47.26
C PRO B 82 -4.97 15.51 48.23
N GLU B 83 -5.80 14.48 48.43
CA GLU B 83 -5.50 13.45 49.41
C GLU B 83 -4.24 12.66 49.08
N ILE B 84 -3.84 12.63 47.81
CA ILE B 84 -2.66 11.87 47.40
C ILE B 84 -1.50 12.78 47.02
N ALA B 85 -1.66 14.10 47.16
CA ALA B 85 -0.65 15.03 46.68
C ALA B 85 0.67 14.87 47.44
N LEU B 86 0.61 14.74 48.76
CA LEU B 86 1.84 14.60 49.56
C LEU B 86 2.53 13.27 49.29
N GLU B 87 1.77 12.19 49.18
CA GLU B 87 2.41 10.89 48.95
C GLU B 87 2.97 10.80 47.53
N LEU B 88 2.25 11.37 46.56
CA LEU B 88 2.74 11.43 45.18
C LEU B 88 3.99 12.31 45.09
N LEU B 89 4.02 13.39 45.87
CA LEU B 89 5.17 14.30 45.86
C LEU B 89 6.42 13.56 46.30
N MET B 90 6.34 12.83 47.42
CA MET B 90 7.49 12.09 47.90
C MET B 90 7.89 10.99 46.93
N ALA B 91 6.91 10.29 46.35
CA ALA B 91 7.21 9.28 45.35
C ALA B 91 7.89 9.90 44.13
N ALA B 92 7.38 11.05 43.67
CA ALA B 92 8.00 11.71 42.52
C ALA B 92 9.42 12.16 42.84
N ASN B 93 9.68 12.56 44.08
CA ASN B 93 11.04 12.94 44.47
C ASN B 93 11.96 11.74 44.44
N PHE B 94 11.49 10.58 44.89
CA PHE B 94 12.34 9.39 44.91
C PHE B 94 12.55 8.81 43.51
N LEU B 95 11.52 8.86 42.66
CA LEU B 95 11.63 8.30 41.32
C LEU B 95 12.26 9.26 40.32
N ASP B 96 12.41 10.53 40.68
CA ASP B 96 12.98 11.55 39.80
C ASP B 96 12.28 11.57 38.44
N CYS B 97 10.97 11.77 38.48
CA CYS B 97 10.16 11.90 37.27
C CYS B 97 9.30 13.15 37.34
N VAL C 11 21.20 41.27 28.21
CA VAL C 11 21.31 40.00 27.51
C VAL C 11 20.03 39.64 26.83
N LEU C 12 19.06 39.21 27.59
CA LEU C 12 17.80 38.91 27.04
C LEU C 12 17.05 40.19 27.11
N ARG C 13 16.87 40.80 25.96
CA ARG C 13 16.23 42.05 25.91
C ARG C 13 15.52 42.27 24.62
N SER C 14 14.58 43.19 24.61
CA SER C 14 13.88 43.54 23.40
C SER C 14 14.68 44.61 22.65
N VAL C 15 14.62 44.57 21.33
CA VAL C 15 15.35 45.51 20.54
C VAL C 15 14.45 46.64 20.11
N ASN C 16 14.87 47.88 20.36
CA ASN C 16 14.08 49.05 19.99
C ASN C 16 14.09 49.24 18.49
N SER C 17 13.37 48.39 17.79
CA SER C 17 13.34 48.42 16.33
C SER C 17 12.37 49.46 15.79
N ARG C 18 11.27 49.70 16.49
CA ARG C 18 10.25 50.63 16.04
C ARG C 18 9.57 50.13 14.78
N GLU C 19 9.51 48.82 14.61
CA GLU C 19 8.87 48.22 13.44
C GLU C 19 7.68 47.40 13.89
N PRO C 20 6.45 47.90 13.71
CA PRO C 20 5.29 47.26 14.34
C PRO C 20 5.02 45.86 13.82
N SER C 21 4.36 45.07 14.67
CA SER C 21 4.03 43.69 14.38
C SER C 21 2.79 43.32 15.19
N GLN C 22 1.73 42.90 14.51
CA GLN C 22 0.50 42.51 15.18
C GLN C 22 0.57 41.02 15.51
N VAL C 23 0.13 40.69 16.73
CA VAL C 23 0.28 39.35 17.28
C VAL C 23 -1.04 38.91 17.90
N ILE C 24 -1.36 37.62 17.74
CA ILE C 24 -2.48 36.98 18.42
C ILE C 24 -1.94 36.31 19.67
N PHE C 25 -2.45 36.70 20.82
CA PHE C 25 -2.09 36.03 22.06
C PHE C 25 -3.20 35.03 22.29
N CAS C 26 -2.94 33.76 22.01
CA CAS C 26 -3.95 32.72 22.09
CB CAS C 26 -3.95 31.89 20.81
C CAS C 26 -3.71 31.81 23.28
O CAS C 26 -2.68 31.09 23.30
SG CAS C 26 -4.99 30.50 21.07
AS CAS C 26 -7.02 31.36 20.71
CE1 CAS C 26 -8.33 30.64 22.04
CE2 CAS C 26 -7.61 30.80 18.90
N ASN C 27 -4.62 31.80 24.24
CA ASN C 27 -4.45 30.99 25.45
C ASN C 27 -5.10 29.62 25.39
N ARG C 28 -4.31 28.62 25.00
CA ARG C 28 -4.77 27.23 24.97
C ARG C 28 -4.36 26.50 26.23
N SER C 29 -4.64 27.08 27.39
CA SER C 29 -4.29 26.50 28.68
C SER C 29 -5.47 26.69 29.63
N PRO C 30 -5.56 25.88 30.67
CA PRO C 30 -6.58 26.09 31.71
C PRO C 30 -6.23 27.16 32.73
N ARG C 31 -5.13 27.88 32.54
CA ARG C 31 -4.67 28.87 33.49
C ARG C 31 -4.92 30.26 32.96
N VAL C 32 -5.08 31.20 33.88
CA VAL C 32 -5.03 32.62 33.53
C VAL C 32 -3.59 32.98 33.21
N VAL C 33 -3.38 33.54 32.02
CA VAL C 33 -2.03 33.77 31.52
C VAL C 33 -1.64 35.23 31.78
N LEU C 34 -0.46 35.43 32.33
CA LEU C 34 0.12 36.76 32.45
C LEU C 34 1.16 36.93 31.35
N PRO C 35 0.95 37.89 30.45
CA PRO C 35 2.00 38.18 29.47
C PRO C 35 3.05 39.10 30.06
N VAL C 36 4.32 38.82 29.80
CA VAL C 36 5.42 39.61 30.34
C VAL C 36 6.30 40.05 29.18
N TRP C 37 6.48 41.36 29.02
CA TRP C 37 7.36 41.88 27.99
C TRP C 37 8.67 42.29 28.60
N LEU C 38 9.75 41.86 27.98
CA LEU C 38 11.07 42.23 28.45
C LEU C 38 11.46 43.54 27.78
N ASN C 39 11.73 44.55 28.58
CA ASN C 39 12.04 45.84 28.04
C ASN C 39 13.36 45.89 27.40
N PHE C 40 13.68 47.05 26.87
CA PHE C 40 14.93 47.22 26.20
C PHE C 40 16.03 47.18 27.25
N ASP C 41 15.66 47.20 28.51
CA ASP C 41 16.64 47.10 29.57
C ASP C 41 16.72 45.73 30.14
N GLY C 42 15.84 44.84 29.74
CA GLY C 42 15.84 43.48 30.21
C GLY C 42 14.89 43.28 31.33
N GLU C 43 14.19 44.31 31.71
CA GLU C 43 13.31 44.22 32.88
C GLU C 43 11.97 43.62 32.49
N PRO C 44 11.44 42.66 33.27
CA PRO C 44 10.11 42.13 33.00
C PRO C 44 9.03 43.15 33.32
N GLN C 45 8.09 43.33 32.39
CA GLN C 45 6.95 44.22 32.55
C GLN C 45 5.66 43.43 32.41
N PRO C 46 4.79 43.41 33.42
CA PRO C 46 3.53 42.66 33.29
C PRO C 46 2.51 43.38 32.43
N TYR C 47 1.75 42.59 31.67
CA TYR C 47 0.74 43.14 30.81
C TYR C 47 -0.58 42.49 31.16
N PRO C 48 -1.69 43.03 30.63
CA PRO C 48 -3.01 42.49 30.94
C PRO C 48 -3.14 40.97 30.82
N THR C 49 -3.94 40.35 31.68
CA THR C 49 -4.04 38.90 31.71
C THR C 49 -5.10 38.38 30.72
N LEU C 50 -5.00 37.10 30.42
CA LEU C 50 -5.95 36.45 29.53
C LEU C 50 -6.57 35.24 30.20
N PRO C 51 -7.89 35.19 30.30
CA PRO C 51 -8.58 34.03 30.87
C PRO C 51 -8.39 32.80 29.99
N PRO C 52 -8.60 31.61 30.52
CA PRO C 52 -8.38 30.39 29.72
C PRO C 52 -9.28 30.37 28.48
N GLY C 53 -8.69 29.94 27.37
CA GLY C 53 -9.45 29.85 26.13
C GLY C 53 -9.77 31.18 25.46
N THR C 54 -9.17 32.27 25.89
CA THR C 54 -9.42 33.57 25.29
C THR C 54 -8.27 33.95 24.36
N GLY C 55 -8.52 34.96 23.55
CA GLY C 55 -7.52 35.47 22.64
C GLY C 55 -7.56 36.98 22.59
N ARG C 56 -6.41 37.57 22.29
CA ARG C 56 -6.33 39.00 22.18
C ARG C 56 -5.40 39.39 21.06
N ARG C 57 -5.79 40.39 20.28
CA ARG C 57 -4.96 40.92 19.20
C ARG C 57 -4.22 42.13 19.75
N ILE C 58 -2.90 42.04 19.74
CA ILE C 58 -2.11 43.10 20.31
C ILE C 58 -1.14 43.67 19.32
N HIS C 59 -0.53 44.77 19.69
CA HIS C 59 0.46 45.39 18.84
C HIS C 59 1.80 45.39 19.51
N SER C 60 2.76 44.72 18.88
CA SER C 60 4.12 44.71 19.39
C SER C 60 5.03 45.11 18.28
N TYR C 61 6.30 44.75 18.39
CA TYR C 61 7.25 45.16 17.40
C TYR C 61 8.24 44.05 17.14
N ARG C 62 8.80 44.05 15.93
CA ARG C 62 9.77 43.02 15.58
C ARG C 62 10.97 43.10 16.50
N GLY C 63 11.40 41.97 17.02
CA GLY C 63 12.55 41.98 17.87
C GLY C 63 12.28 42.07 19.32
N HIS C 64 11.01 42.19 19.67
CA HIS C 64 10.64 42.33 21.06
C HIS C 64 10.53 40.97 21.73
N LEU C 65 10.80 40.92 23.02
CA LEU C 65 10.79 39.67 23.73
C LEU C 65 9.64 39.49 24.71
N TRP C 66 8.99 38.34 24.62
CA TRP C 66 7.85 38.04 25.46
C TRP C 66 7.87 36.67 26.08
N LEU C 67 7.39 36.54 27.30
CA LEU C 67 7.19 35.23 27.91
C LEU C 67 5.84 35.21 28.61
N PHE C 68 5.44 34.03 29.08
CA PHE C 68 4.10 33.85 29.60
C PHE C 68 4.12 32.97 30.84
N ARG C 69 3.36 33.39 31.86
CA ARG C 69 3.31 32.75 33.16
C ARG C 69 1.86 32.65 33.63
N ASP C 70 1.64 31.80 34.63
CA ASP C 70 0.35 31.78 35.32
C ASP C 70 0.21 33.05 36.16
N ALA C 71 -0.96 33.69 36.08
CA ALA C 71 -1.16 34.96 36.77
C ALA C 71 -1.22 34.78 38.28
N GLY C 72 -1.65 33.63 38.75
CA GLY C 72 -1.80 33.37 40.17
C GLY C 72 -0.58 32.76 40.85
N THR C 73 0.24 32.03 40.09
CA THR C 73 1.35 31.28 40.66
C THR C 73 2.68 31.53 39.98
N HIS C 74 2.71 32.22 38.84
CA HIS C 74 3.92 32.46 38.06
C HIS C 74 4.52 31.17 37.51
N ASP C 75 3.75 30.09 37.48
CA ASP C 75 4.19 28.86 36.84
C ASP C 75 4.57 29.12 35.39
N GLY C 76 5.61 28.45 34.92
CA GLY C 76 6.06 28.64 33.55
C GLY C 76 5.07 28.04 32.55
N LEU C 77 4.89 28.75 31.45
CA LEU C 77 4.05 28.29 30.35
C LEU C 77 4.84 28.34 29.05
N LEU C 78 4.33 27.65 28.04
CA LEU C 78 4.97 27.58 26.74
C LEU C 78 4.23 28.46 25.74
N VAL C 79 4.99 29.05 24.82
CA VAL C 79 4.44 29.78 23.69
C VAL C 79 5.09 29.24 22.44
N ASN C 80 4.28 28.68 21.53
CA ASN C 80 4.80 28.01 20.34
C ASN C 80 5.88 27.00 20.70
N GLN C 81 5.64 26.24 21.78
CA GLN C 81 6.46 25.12 22.23
C GLN C 81 7.84 25.54 22.72
N THR C 82 8.08 26.83 22.97
CA THR C 82 9.34 27.34 23.49
C THR C 82 9.08 28.32 24.64
N GLU C 83 10.17 28.83 25.22
CA GLU C 83 10.06 29.66 26.40
C GLU C 83 9.80 31.13 26.04
N LEU C 84 10.45 31.62 24.99
CA LEU C 84 10.38 33.03 24.61
C LEU C 84 9.73 33.18 23.24
N PHE C 85 9.00 34.26 23.08
CA PHE C 85 8.30 34.58 21.83
C PHE C 85 8.80 35.93 21.32
N VAL C 86 9.16 35.97 20.05
CA VAL C 86 9.67 37.19 19.44
C VAL C 86 8.80 37.54 18.24
N PRO C 87 8.04 38.65 18.27
CA PRO C 87 7.25 39.03 17.10
C PRO C 87 8.13 39.16 15.87
N SER C 88 7.69 38.55 14.79
CA SER C 88 8.44 38.55 13.54
C SER C 88 7.69 39.38 12.50
N LEU C 89 8.09 39.25 11.24
CA LEU C 89 7.49 40.03 10.16
C LEU C 89 6.12 39.49 9.79
N ASN C 90 5.14 40.39 9.69
CA ASN C 90 3.80 40.05 9.20
C ASN C 90 3.85 39.92 7.69
N VAL C 91 3.75 38.69 7.19
CA VAL C 91 3.72 38.43 5.75
C VAL C 91 2.29 38.60 5.26
N ASP C 92 2.12 39.40 4.20
CA ASP C 92 0.81 39.69 3.61
C ASP C 92 -0.15 40.31 4.62
N GLY C 93 0.38 41.03 5.60
CA GLY C 93 -0.42 41.65 6.64
C GLY C 93 -0.98 40.71 7.69
N GLN C 94 -0.83 39.39 7.51
CA GLN C 94 -1.37 38.43 8.47
C GLN C 94 -0.60 38.51 9.78
N PRO C 95 -1.28 38.57 10.93
CA PRO C 95 -0.57 38.66 12.20
C PRO C 95 0.08 37.34 12.56
N ILE C 96 1.08 37.44 13.44
CA ILE C 96 1.82 36.28 13.94
C ILE C 96 1.04 35.64 15.07
N PHE C 97 1.03 34.30 15.11
CA PHE C 97 0.23 33.54 16.06
C PHE C 97 1.11 33.06 17.21
N ALA C 98 0.74 33.43 18.43
CA ALA C 98 1.43 33.00 19.65
C ALA C 98 0.51 32.02 20.38
N ASN C 99 0.88 30.75 20.37
CA ASN C 99 0.07 29.68 20.94
C ASN C 99 0.57 29.37 22.34
N ILE C 100 -0.13 29.91 23.35
CA ILE C 100 0.25 29.74 24.74
C ILE C 100 -0.38 28.45 25.25
N THR C 101 0.45 27.48 25.62
CA THR C 101 -0.03 26.17 26.03
C THR C 101 0.65 25.72 27.31
N LEU C 102 0.07 24.70 27.93
CA LEU C 102 0.68 24.10 29.11
C LEU C 102 1.92 23.32 28.71
N PRO C 103 3.01 23.44 29.45
CA PRO C 103 4.11 22.50 29.29
C PRO C 103 3.77 21.19 29.99
N VAL C 104 4.43 20.12 29.56
CA VAL C 104 4.35 18.86 30.29
C VAL C 104 5.28 18.98 31.49
N TYR C 105 4.71 19.36 32.64
CA TYR C 105 5.49 19.48 33.86
C TYR C 105 6.00 18.13 34.33
N THR C 106 7.13 18.15 35.03
CA THR C 106 7.57 16.98 35.78
C THR C 106 6.56 16.67 36.88
N LEU C 107 6.49 15.39 37.25
CA LEU C 107 5.54 15.00 38.29
C LEU C 107 5.84 15.69 39.62
N LYS C 108 7.12 15.93 39.92
CA LYS C 108 7.46 16.61 41.16
C LYS C 108 7.00 18.06 41.15
N GLU C 109 7.28 18.78 40.06
CA GLU C 109 6.88 20.18 39.97
C GLU C 109 5.36 20.31 39.99
N ARG C 110 4.66 19.41 39.32
CA ARG C 110 3.20 19.44 39.32
C ARG C 110 2.64 19.14 40.71
N CYS C 111 3.28 18.21 41.44
CA CYS C 111 2.84 17.93 42.81
C CYS C 111 3.06 19.13 43.71
N LEU C 112 4.20 19.82 43.58
CA LEU C 112 4.44 21.03 44.34
C LEU C 112 3.37 22.08 44.09
N GLN C 113 2.95 22.22 42.83
CA GLN C 113 1.92 23.20 42.48
C GLN C 113 0.64 22.96 43.26
N VAL C 114 0.20 21.70 43.36
CA VAL C 114 -1.02 21.38 44.08
C VAL C 114 -0.87 21.70 45.56
N VAL C 115 0.30 21.38 46.14
CA VAL C 115 0.49 21.63 47.57
C VAL C 115 0.53 23.11 47.86
N ARG C 116 1.24 23.88 47.02
CA ARG C 116 1.27 25.33 47.19
C ARG C 116 -0.13 25.92 47.13
N SER C 117 -0.98 25.40 46.26
CA SER C 117 -2.34 25.90 46.11
C SER C 117 -3.24 25.54 47.28
N LEU C 118 -2.87 24.52 48.07
CA LEU C 118 -3.71 24.10 49.18
C LEU C 118 -3.20 24.54 50.54
N VAL C 119 -1.90 24.80 50.68
CA VAL C 119 -1.30 25.13 51.97
C VAL C 119 -0.82 26.57 51.96
N LYS C 120 -1.09 27.30 53.03
CA LYS C 120 -0.52 28.61 53.19
C LYS C 120 0.99 28.47 53.32
N PRO C 121 1.76 29.43 52.81
CA PRO C 121 3.23 29.31 52.92
C PRO C 121 3.71 29.23 54.36
N GLU C 122 2.95 29.82 55.28
CA GLU C 122 3.31 29.81 56.69
C GLU C 122 3.30 28.39 57.26
N ASN C 123 2.47 27.52 56.71
CA ASN C 123 2.32 26.16 57.19
C ASN C 123 3.14 25.17 56.38
N TYR C 124 4.06 25.66 55.55
CA TYR C 124 4.93 24.75 54.79
C TYR C 124 5.82 23.94 55.73
N ARG C 125 6.46 24.61 56.69
CA ARG C 125 7.37 23.95 57.63
C ARG C 125 6.64 23.06 58.64
N ARG C 126 5.31 23.00 58.59
CA ARG C 126 4.53 22.11 59.45
C ARG C 126 4.18 20.78 58.78
N LEU C 127 4.39 20.65 57.47
CA LEU C 127 4.05 19.40 56.80
C LEU C 127 5.06 18.31 57.13
N ASP C 128 4.59 17.07 57.18
CA ASP C 128 5.42 15.92 57.52
C ASP C 128 6.12 15.43 56.27
N ILE C 129 7.26 16.05 55.95
CA ILE C 129 8.06 15.74 54.78
C ILE C 129 9.51 16.00 55.12
N VAL C 130 10.41 15.62 54.21
CA VAL C 130 11.82 15.91 54.40
C VAL C 130 12.05 17.41 54.21
N ARG C 131 13.06 17.94 54.89
CA ARG C 131 13.39 19.36 54.77
C ARG C 131 13.64 19.75 53.32
N SER C 132 14.14 18.81 52.51
CA SER C 132 14.40 19.11 51.09
C SER C 132 13.11 19.47 50.38
N LEU C 133 12.00 18.80 50.70
CA LEU C 133 10.74 19.10 50.03
C LEU C 133 10.15 20.41 50.54
N TYR C 134 10.48 20.80 51.77
CA TYR C 134 10.06 22.10 52.28
C TYR C 134 10.78 23.24 51.55
N GLU C 135 12.10 23.10 51.32
CA GLU C 135 12.83 24.11 50.57
C GLU C 135 12.34 24.22 49.13
N ASP C 136 11.89 23.09 48.56
CA ASP C 136 11.36 23.12 47.20
C ASP C 136 10.00 23.80 47.15
N LEU C 137 9.17 23.59 48.18
CA LEU C 137 7.87 24.27 48.23
C LEU C 137 8.02 25.77 48.40
N GLU C 138 9.06 26.22 49.10
CA GLU C 138 9.29 27.65 49.27
C GLU C 138 9.92 28.29 48.06
N ASP C 139 10.58 27.50 47.21
CA ASP C 139 11.20 27.99 45.97
C ASP C 139 10.16 28.16 44.86
N HIS C 140 9.15 28.98 45.16
CA HIS C 140 8.07 29.24 44.23
C HIS C 140 8.62 29.82 42.91
N PRO C 141 7.97 29.54 41.79
CA PRO C 141 8.45 30.06 40.52
C PRO C 141 8.60 31.57 40.56
N ASN C 142 9.69 32.06 39.99
CA ASN C 142 10.02 33.48 39.97
C ASN C 142 10.64 33.80 38.63
N VAL C 143 10.26 34.87 37.98
CA VAL C 143 10.76 35.16 36.63
C VAL C 143 12.19 35.57 36.49
N GLN C 144 12.66 36.46 37.34
CA GLN C 144 14.04 36.90 37.31
C GLN C 144 14.98 35.74 37.52
N LYS C 145 14.59 34.84 38.37
CA LYS C 145 15.39 33.69 38.54
C LYS C 145 15.48 33.02 37.22
N ASP C 146 14.33 32.71 36.65
CA ASP C 146 14.35 31.99 35.38
C ASP C 146 15.08 32.77 34.30
N LEU C 147 14.98 34.10 34.32
CA LEU C 147 15.65 34.92 33.30
C LEU C 147 17.16 34.81 33.43
N GLU C 148 17.68 34.79 34.65
CA GLU C 148 19.12 34.63 34.83
C GLU C 148 19.57 33.22 34.43
N ARG C 149 18.70 32.23 34.63
CA ARG C 149 18.99 30.86 34.20
C ARG C 149 19.10 30.78 32.68
N LEU C 150 18.15 31.39 31.97
CA LEU C 150 18.25 31.43 30.52
C LEU C 150 19.42 32.29 30.05
N THR C 151 19.73 33.37 30.78
CA THR C 151 20.89 34.18 30.44
C THR C 151 22.16 33.37 30.55
N GLN C 152 22.25 32.50 31.57
CA GLN C 152 23.39 31.60 31.68
C GLN C 152 23.47 30.66 30.48
N GLU C 153 22.32 30.23 29.97
CA GLU C 153 22.25 29.40 28.78
C GLU C 153 22.70 30.17 27.55
N MET D 1 9.72 -15.77 -17.93
CA MET D 1 11.05 -15.31 -17.53
C MET D 1 11.71 -16.33 -16.61
N ASP D 2 12.60 -15.86 -15.75
CA ASP D 2 13.25 -16.71 -14.76
C ASP D 2 12.50 -16.64 -13.44
N VAL D 3 12.35 -17.79 -12.79
CA VAL D 3 11.76 -17.88 -11.46
C VAL D 3 12.80 -18.50 -10.53
N PHE D 4 12.83 -18.03 -9.28
CA PHE D 4 13.83 -18.45 -8.32
C PHE D 4 13.12 -19.14 -7.15
N LEU D 5 13.59 -20.34 -6.80
CA LEU D 5 12.79 -21.26 -5.99
C LEU D 5 13.61 -21.87 -4.86
N MET D 6 12.91 -22.21 -3.77
CA MET D 6 13.40 -23.04 -2.68
C MET D 6 12.60 -24.34 -2.69
N ILE D 7 13.27 -25.46 -2.94
CA ILE D 7 12.65 -26.77 -2.89
C ILE D 7 12.87 -27.33 -1.49
N ARG D 8 11.80 -27.57 -0.74
CA ARG D 8 11.86 -27.85 0.68
C ARG D 8 11.39 -29.27 0.96
N ARG D 9 12.20 -30.06 1.67
CA ARG D 9 11.75 -31.34 2.21
C ARG D 9 12.44 -31.52 3.57
N HIS D 10 11.64 -31.60 4.62
CA HIS D 10 12.16 -31.78 5.98
C HIS D 10 13.12 -30.66 6.32
N LYS D 11 14.39 -30.99 6.51
CA LYS D 11 15.42 -30.00 6.77
C LYS D 11 16.31 -29.76 5.54
N THR D 12 15.87 -30.19 4.37
CA THR D 12 16.63 -30.01 3.14
C THR D 12 16.04 -28.83 2.38
N THR D 13 16.90 -27.92 1.91
CA THR D 13 16.45 -26.74 1.17
C THR D 13 17.35 -26.55 -0.03
N ILE D 14 16.78 -26.62 -1.24
CA ILE D 14 17.54 -26.49 -2.47
C ILE D 14 17.26 -25.13 -3.09
N PHE D 15 18.32 -24.39 -3.42
CA PHE D 15 18.20 -23.11 -4.10
C PHE D 15 18.52 -23.29 -5.57
N THR D 16 17.55 -23.00 -6.45
CA THR D 16 17.77 -23.12 -7.88
C THR D 16 16.83 -22.18 -8.63
N ASP D 17 17.07 -22.06 -9.94
CA ASP D 17 16.27 -21.24 -10.82
C ASP D 17 15.74 -22.07 -11.98
N ALA D 18 14.69 -21.55 -12.63
CA ALA D 18 14.10 -22.21 -13.79
C ALA D 18 13.37 -21.17 -14.63
N LYS D 19 12.65 -21.64 -15.65
CA LYS D 19 11.85 -20.82 -16.54
C LYS D 19 10.37 -20.95 -16.21
N GLU D 20 9.60 -19.91 -16.54
CA GLU D 20 8.15 -20.00 -16.44
C GLU D 20 7.59 -21.06 -17.38
N SER D 21 8.29 -21.30 -18.49
CA SER D 21 7.90 -22.33 -19.45
C SER D 21 8.30 -23.73 -19.03
N SER D 22 9.20 -23.85 -18.06
CA SER D 22 9.60 -25.18 -17.60
C SER D 22 8.42 -25.88 -16.94
N THR D 23 8.41 -27.19 -17.02
CA THR D 23 7.33 -27.98 -16.45
C THR D 23 7.76 -28.57 -15.12
N VAL D 24 6.77 -29.06 -14.37
CA VAL D 24 7.05 -29.67 -13.07
C VAL D 24 7.95 -30.89 -13.24
N PHE D 25 7.80 -31.63 -14.34
CA PHE D 25 8.64 -32.81 -14.54
C PHE D 25 10.10 -32.42 -14.73
N GLU D 26 10.35 -31.35 -15.48
CA GLU D 26 11.73 -30.88 -15.66
C GLU D 26 12.33 -30.40 -14.35
N LEU D 27 11.51 -29.81 -13.48
CA LEU D 27 11.99 -29.45 -12.15
C LEU D 27 12.33 -30.69 -11.34
N LYS D 28 11.54 -31.75 -11.47
CA LYS D 28 11.85 -33.01 -10.81
C LYS D 28 13.15 -33.60 -11.34
N ARG D 29 13.45 -33.37 -12.63
CA ARG D 29 14.72 -33.81 -13.19
C ARG D 29 15.90 -33.07 -12.58
N ILE D 30 15.77 -31.78 -12.26
CA ILE D 30 16.88 -31.12 -11.58
C ILE D 30 17.04 -31.66 -10.15
N VAL D 31 15.93 -31.90 -9.44
CA VAL D 31 16.04 -32.53 -8.12
C VAL D 31 16.73 -33.88 -8.25
N GLU D 32 16.48 -34.60 -9.35
CA GLU D 32 17.14 -35.89 -9.56
C GLU D 32 18.64 -35.74 -9.67
N GLY D 33 19.11 -34.71 -10.40
CA GLY D 33 20.54 -34.48 -10.51
C GLY D 33 21.20 -34.07 -9.21
N ILE D 34 20.45 -33.50 -8.29
CA ILE D 34 20.99 -33.01 -7.02
C ILE D 34 20.82 -34.04 -5.91
N LEU D 35 19.59 -34.51 -5.70
CA LEU D 35 19.29 -35.42 -4.60
C LEU D 35 19.28 -36.89 -5.02
N LYS D 36 19.53 -37.18 -6.30
CA LYS D 36 19.74 -38.54 -6.79
C LYS D 36 18.50 -39.42 -6.58
N ARG D 37 17.32 -38.87 -6.85
CA ARG D 37 16.06 -39.61 -6.75
C ARG D 37 15.30 -39.47 -8.05
N PRO D 38 14.76 -40.55 -8.62
CA PRO D 38 14.13 -40.47 -9.92
C PRO D 38 12.84 -39.70 -9.84
N PRO D 39 12.39 -39.07 -10.94
CA PRO D 39 11.17 -38.26 -10.90
C PRO D 39 9.92 -39.04 -10.51
N ASP D 40 9.83 -40.32 -10.90
CA ASP D 40 8.66 -41.13 -10.54
C ASP D 40 8.47 -41.23 -9.04
N GLU D 41 9.55 -41.11 -8.27
CA GLU D 41 9.49 -41.20 -6.82
C GLU D 41 9.39 -39.83 -6.17
N GLN D 42 9.10 -38.79 -6.94
CA GLN D 42 9.01 -37.42 -6.47
C GLN D 42 7.59 -36.90 -6.63
N ARG D 43 7.14 -36.12 -5.65
CA ARG D 43 5.91 -35.37 -5.75
C ARG D 43 6.18 -33.94 -5.32
N LEU D 44 5.80 -32.98 -6.16
CA LEU D 44 6.02 -31.57 -5.89
C LEU D 44 4.70 -30.89 -5.53
N TYR D 45 4.77 -29.95 -4.59
CA TYR D 45 3.58 -29.30 -4.07
C TYR D 45 3.78 -27.79 -4.02
N LYS D 46 2.73 -27.05 -4.35
CA LYS D 46 2.63 -25.62 -4.04
C LYS D 46 1.68 -25.48 -2.87
N ASP D 47 2.22 -25.13 -1.69
CA ASP D 47 1.48 -25.18 -0.43
C ASP D 47 0.98 -26.61 -0.27
N ASP D 48 -0.33 -26.86 -0.24
CA ASP D 48 -0.85 -28.21 -0.09
C ASP D 48 -1.27 -28.85 -1.42
N GLN D 49 -1.21 -28.12 -2.53
CA GLN D 49 -1.69 -28.62 -3.81
C GLN D 49 -0.63 -29.43 -4.55
N LEU D 50 -1.00 -30.62 -5.01
CA LEU D 50 -0.09 -31.43 -5.81
C LEU D 50 0.13 -30.82 -7.18
N LEU D 51 1.38 -30.81 -7.63
CA LEU D 51 1.73 -30.31 -8.96
C LEU D 51 1.84 -31.47 -9.93
N ASP D 52 1.19 -31.34 -11.07
CA ASP D 52 1.14 -32.38 -12.09
C ASP D 52 2.33 -32.27 -13.03
N ASP D 53 2.88 -33.42 -13.42
CA ASP D 53 4.15 -33.48 -14.16
C ASP D 53 4.12 -32.60 -15.41
N GLY D 54 3.00 -32.57 -16.13
CA GLY D 54 2.96 -31.91 -17.42
C GLY D 54 2.80 -30.41 -17.39
N LYS D 55 2.34 -29.85 -16.28
CA LYS D 55 2.04 -28.42 -16.21
C LYS D 55 3.30 -27.58 -16.06
N THR D 56 3.24 -26.35 -16.59
CA THR D 56 4.36 -25.44 -16.47
C THR D 56 4.33 -24.73 -15.12
N LEU D 57 5.51 -24.23 -14.70
CA LEU D 57 5.61 -23.55 -13.41
C LEU D 57 4.79 -22.26 -13.39
N GLY D 58 4.77 -21.53 -14.51
CA GLY D 58 3.91 -20.36 -14.59
C GLY D 58 2.45 -20.68 -14.38
N GLU D 59 1.98 -21.76 -15.01
CA GLU D 59 0.60 -22.22 -14.87
C GLU D 59 0.25 -22.49 -13.42
N CAS D 60 1.19 -23.10 -12.70
CA CAS D 60 0.95 -23.45 -11.31
CB CAS D 60 1.85 -24.60 -10.87
C CAS D 60 1.17 -22.28 -10.39
O CAS D 60 1.27 -22.48 -9.17
SG CAS D 60 1.51 -26.09 -11.77
AS CAS D 60 -0.63 -26.52 -11.27
CE1 CAS D 60 -1.75 -26.26 -12.89
CE2 CAS D 60 -0.84 -28.41 -10.65
N GLY D 61 1.24 -21.08 -10.94
CA GLY D 61 1.27 -19.88 -10.12
C GLY D 61 2.63 -19.42 -9.63
N PHE D 62 3.69 -19.98 -10.21
CA PHE D 62 5.05 -19.54 -9.95
C PHE D 62 5.44 -18.54 -11.03
N THR D 63 5.47 -17.26 -10.68
CA THR D 63 5.76 -16.21 -11.65
C THR D 63 6.99 -15.42 -11.21
N SER D 64 7.66 -14.82 -12.19
CA SER D 64 8.93 -14.13 -11.95
C SER D 64 8.81 -12.98 -10.97
N GLN D 65 7.61 -12.46 -10.75
CA GLN D 65 7.44 -11.32 -9.87
C GLN D 65 7.00 -11.74 -8.48
N THR D 66 6.71 -13.03 -8.29
CA THR D 66 6.50 -13.63 -6.99
C THR D 66 7.61 -14.59 -6.58
N ALA D 67 8.31 -15.20 -7.55
CA ALA D 67 9.45 -16.07 -7.27
C ALA D 67 10.72 -15.30 -7.58
N ARG D 68 11.15 -14.52 -6.62
CA ARG D 68 12.21 -13.53 -6.81
C ARG D 68 13.53 -14.01 -6.22
N PRO D 69 14.66 -13.53 -6.74
CA PRO D 69 15.97 -13.95 -6.19
C PRO D 69 16.12 -13.61 -4.70
N GLN D 70 15.66 -12.44 -4.29
CA GLN D 70 15.78 -12.02 -2.90
C GLN D 70 14.66 -12.57 -2.02
N ALA D 71 13.70 -13.28 -2.61
CA ALA D 71 12.57 -13.86 -1.89
C ALA D 71 11.97 -14.99 -2.72
N PRO D 72 12.62 -16.13 -2.82
CA PRO D 72 12.12 -17.19 -3.71
C PRO D 72 10.85 -17.83 -3.18
N ALA D 73 10.17 -18.53 -4.09
CA ALA D 73 8.96 -19.27 -3.77
C ALA D 73 9.32 -20.67 -3.29
N THR D 74 8.49 -21.20 -2.39
CA THR D 74 8.73 -22.48 -1.76
C THR D 74 7.91 -23.57 -2.45
N VAL D 75 8.59 -24.66 -2.83
CA VAL D 75 7.96 -25.82 -3.43
C VAL D 75 8.23 -27.03 -2.54
N GLY D 76 7.15 -27.68 -2.09
CA GLY D 76 7.30 -28.83 -1.22
C GLY D 76 7.72 -30.08 -1.97
N LEU D 77 8.43 -30.95 -1.26
CA LEU D 77 8.94 -32.21 -1.81
C LEU D 77 8.55 -33.38 -0.91
N ALA D 78 8.08 -34.47 -1.52
CA ALA D 78 7.69 -35.67 -0.81
C ALA D 78 8.18 -36.90 -1.56
N PHE D 79 8.85 -37.81 -0.85
CA PHE D 79 9.43 -39.01 -1.46
C PHE D 79 8.63 -40.27 -1.18
N ARG D 80 8.92 -41.30 -1.98
CA ARG D 80 8.33 -42.62 -1.87
C ARG D 80 9.37 -43.55 -1.24
N ALA D 81 9.06 -44.09 -0.05
CA ALA D 81 10.01 -44.97 0.60
C ALA D 81 10.13 -46.31 -0.13
N ASP D 82 9.03 -46.78 -0.71
CA ASP D 82 9.02 -48.00 -1.50
C ASP D 82 7.84 -47.97 -2.46
N ASP D 83 6.63 -48.05 -1.89
CA ASP D 83 5.39 -47.98 -2.64
C ASP D 83 4.49 -46.85 -2.17
N THR D 84 4.72 -46.32 -0.97
CA THR D 84 3.93 -45.26 -0.37
C THR D 84 4.72 -43.96 -0.30
N PHE D 85 4.10 -42.86 -0.72
CA PHE D 85 4.66 -41.54 -0.51
C PHE D 85 4.39 -41.07 0.91
N GLU D 86 5.39 -40.42 1.50
CA GLU D 86 5.23 -39.80 2.81
C GLU D 86 4.39 -38.54 2.67
N ALA D 87 3.89 -38.06 3.82
CA ALA D 87 3.23 -36.77 3.84
C ALA D 87 4.24 -35.64 3.73
N LEU D 88 3.77 -34.48 3.30
CA LEU D 88 4.63 -33.30 3.22
C LEU D 88 5.00 -32.82 4.60
N CAS D 89 6.29 -32.62 4.82
CA CAS D 89 6.74 -32.09 6.08
CB CAS D 89 7.08 -33.22 7.05
C CAS D 89 7.90 -31.20 5.75
O CAS D 89 8.95 -31.65 5.23
SG CAS D 89 7.98 -32.66 8.45
AS CAS D 89 6.26 -31.85 9.60
CE1 CAS D 89 5.46 -33.21 10.81
CE2 CAS D 89 6.92 -30.35 10.74
N ILE D 90 7.69 -29.92 6.00
CA ILE D 90 8.70 -28.91 5.79
C ILE D 90 9.09 -28.40 7.16
N GLU D 91 10.30 -28.72 7.59
CA GLU D 91 10.72 -28.31 8.92
C GLU D 91 10.81 -26.80 8.97
N PRO D 92 10.22 -26.15 9.98
CA PRO D 92 10.35 -24.70 10.09
C PRO D 92 11.80 -24.30 10.32
N PHE D 93 12.12 -23.07 9.92
CA PHE D 93 13.42 -22.51 10.22
C PHE D 93 13.47 -22.08 11.69
N SER D 94 14.65 -21.67 12.13
CA SER D 94 14.86 -21.25 13.50
C SER D 94 14.06 -19.98 13.80
N SER D 95 13.82 -19.73 15.09
CA SER D 95 13.08 -18.51 15.41
C SER D 95 14.03 -17.40 15.85
N PRO D 96 13.81 -16.17 15.38
CA PRO D 96 14.67 -15.06 15.80
C PRO D 96 14.40 -14.69 17.26
N PRO D 97 15.42 -14.05 17.89
CA PRO D 97 15.27 -13.57 19.25
C PRO D 97 14.42 -12.38 19.28
N GLU D 98 14.07 -11.94 20.45
CA GLU D 98 13.32 -10.75 20.56
C GLU D 98 14.26 -9.59 20.52
N LEU D 99 13.76 -8.41 20.16
CA LEU D 99 14.65 -7.28 19.94
C LEU D 99 15.19 -6.56 21.11
N PRO D 100 16.46 -6.21 21.02
CA PRO D 100 17.06 -5.42 22.07
C PRO D 100 16.28 -4.13 22.24
N ASP D 101 16.31 -3.56 23.44
CA ASP D 101 15.55 -2.38 23.67
C ASP D 101 16.18 -1.26 22.93
N VAL D 102 17.49 -1.22 22.85
CA VAL D 102 18.05 -0.14 22.04
C VAL D 102 17.61 -0.15 20.58
N MET D 103 17.01 -1.22 20.13
CA MET D 103 16.63 -1.31 18.73
C MET D 103 15.13 -1.12 18.50
N LYS D 104 14.32 -1.37 19.50
CA LYS D 104 12.87 -1.27 19.32
C LYS D 104 12.43 0.16 19.14
N MET E 1 25.74 -28.37 -13.29
CA MET E 1 26.76 -27.68 -12.53
C MET E 1 27.05 -28.42 -11.23
N MET E 2 27.91 -27.83 -10.39
CA MET E 2 28.26 -28.38 -9.09
C MET E 2 27.45 -27.74 -7.99
N TYR E 3 27.05 -28.53 -7.01
CA TYR E 3 26.27 -28.03 -5.88
C TYR E 3 27.00 -28.31 -4.58
N VAL E 4 26.87 -27.38 -3.64
CA VAL E 4 27.48 -27.48 -2.32
C VAL E 4 26.39 -27.38 -1.27
N LYS E 5 26.65 -27.95 -0.11
CA LYS E 5 25.72 -27.95 1.01
C LYS E 5 26.26 -27.09 2.14
N LEU E 6 25.41 -26.22 2.67
CA LEU E 6 25.76 -25.39 3.83
C LEU E 6 24.82 -25.79 4.95
N ILE E 7 25.38 -26.28 6.06
CA ILE E 7 24.61 -26.80 7.19
C ILE E 7 24.66 -25.76 8.31
N SER E 8 23.49 -25.39 8.83
CA SER E 8 23.36 -24.39 9.86
C SER E 8 23.52 -25.00 11.25
N SER E 9 23.41 -24.14 12.29
CA SER E 9 23.58 -24.60 13.66
C SER E 9 22.44 -25.51 14.11
N ASP E 10 21.22 -25.26 13.64
CA ASP E 10 20.06 -26.07 14.03
C ASP E 10 19.81 -27.23 13.08
N GLY E 11 20.75 -27.55 12.20
CA GLY E 11 20.69 -28.75 11.40
C GLY E 11 20.11 -28.60 10.01
N HIS E 12 19.59 -27.43 9.65
CA HIS E 12 19.04 -27.25 8.32
C HIS E 12 20.14 -27.33 7.27
N GLU E 13 19.84 -28.01 6.17
CA GLU E 13 20.81 -28.25 5.10
C GLU E 13 20.37 -27.51 3.84
N PHE E 14 21.21 -26.60 3.38
CA PHE E 14 20.91 -25.73 2.23
C PHE E 14 21.74 -26.15 1.04
N ILE E 15 21.08 -26.42 -0.08
CA ILE E 15 21.75 -26.90 -1.28
C ILE E 15 21.84 -25.70 -2.21
N VAL E 16 23.05 -25.19 -2.45
CA VAL E 16 23.22 -24.01 -3.30
C VAL E 16 24.18 -24.36 -4.42
N LYS E 17 24.11 -23.57 -5.50
CA LYS E 17 25.08 -23.74 -6.57
C LYS E 17 26.47 -23.39 -6.05
N ARG E 18 27.46 -24.16 -6.49
CA ARG E 18 28.82 -23.96 -6.01
C ARG E 18 29.32 -22.58 -6.37
N GLU E 19 29.04 -22.12 -7.60
CA GLU E 19 29.50 -20.81 -8.04
C GLU E 19 28.94 -19.70 -7.16
N HIS E 20 27.67 -19.82 -6.75
CA HIS E 20 27.08 -18.82 -5.86
C HIS E 20 27.78 -18.79 -4.51
N ALA E 21 28.12 -19.97 -3.98
CA ALA E 21 28.67 -20.03 -2.64
C ALA E 21 30.07 -19.44 -2.56
N LEU E 22 30.87 -19.59 -3.61
CA LEU E 22 32.23 -19.07 -3.46
C LEU E 22 32.29 -17.55 -3.50
N THR E 23 31.17 -16.90 -3.61
CA THR E 23 31.17 -15.49 -3.52
C THR E 23 31.95 -15.15 -2.28
N SER E 24 31.66 -15.78 -1.17
CA SER E 24 32.37 -15.57 0.09
C SER E 24 33.69 -16.33 0.05
N GLY E 25 34.80 -15.59 0.12
CA GLY E 25 36.10 -16.23 0.24
C GLY E 25 36.24 -17.09 1.48
N THR E 26 35.52 -16.73 2.55
CA THR E 26 35.50 -17.54 3.76
C THR E 26 35.02 -18.96 3.44
N ILE E 27 33.89 -19.07 2.74
CA ILE E 27 33.37 -20.38 2.37
C ILE E 27 34.34 -21.09 1.43
N LYS E 28 34.90 -20.36 0.46
CA LYS E 28 35.89 -20.94 -0.45
C LYS E 28 37.03 -21.58 0.32
N ALA E 29 37.52 -20.91 1.37
CA ALA E 29 38.59 -21.46 2.18
C ALA E 29 38.12 -22.71 2.93
N MET E 30 36.88 -22.71 3.43
CA MET E 30 36.36 -23.86 4.15
C MET E 30 36.16 -25.07 3.24
N LEU E 31 36.16 -24.89 1.92
CA LEU E 31 35.98 -26.01 0.99
C LEU E 31 37.29 -26.59 0.50
N SER E 32 38.31 -25.76 0.29
CA SER E 32 39.60 -26.22 -0.18
C SER E 32 40.68 -26.05 0.89
N ASN E 43 32.53 -30.50 -0.14
CA ASN E 43 31.26 -30.08 -0.69
C ASN E 43 30.21 -29.86 0.40
N GLU E 44 30.66 -29.79 1.65
CA GLU E 44 29.79 -29.60 2.81
C GLU E 44 30.50 -28.72 3.81
N VAL E 45 29.74 -27.85 4.48
CA VAL E 45 30.28 -26.97 5.51
C VAL E 45 29.33 -26.91 6.70
N ASN E 46 29.88 -26.94 7.92
CA ASN E 46 29.13 -26.66 9.14
C ASN E 46 29.45 -25.28 9.67
N PHE E 47 28.40 -24.54 9.99
CA PHE E 47 28.49 -23.21 10.56
C PHE E 47 27.84 -23.25 11.94
N ARG E 48 28.64 -23.33 12.99
CA ARG E 48 28.04 -23.06 14.28
C ARG E 48 27.84 -21.56 14.36
N GLU E 49 27.09 -21.09 15.35
CA GLU E 49 26.81 -19.66 15.47
C GLU E 49 25.86 -19.06 14.45
N ILE E 50 25.63 -19.77 13.34
CA ILE E 50 24.79 -19.25 12.27
C ILE E 50 23.51 -20.09 12.24
N PRO E 51 22.38 -19.56 12.68
CA PRO E 51 21.12 -20.30 12.59
C PRO E 51 20.57 -20.31 11.17
N SER E 52 19.51 -21.10 10.99
CA SER E 52 18.92 -21.29 9.66
C SER E 52 18.20 -20.04 9.17
N HIS E 53 17.67 -19.26 10.06
CA HIS E 53 17.00 -18.05 9.68
C HIS E 53 17.93 -16.97 9.21
N VAL E 54 19.22 -17.19 9.34
CA VAL E 54 20.20 -16.24 8.91
C VAL E 54 20.81 -16.75 7.63
N LEU E 55 21.02 -18.02 7.52
CA LEU E 55 21.68 -18.60 6.36
C LEU E 55 20.76 -18.65 5.19
N SER E 56 19.48 -18.62 5.47
CA SER E 56 18.51 -18.60 4.43
C SER E 56 18.66 -17.31 3.67
N LYS E 57 18.75 -16.22 4.37
CA LYS E 57 18.90 -14.94 3.74
C LYS E 57 20.26 -14.78 3.09
N VAL E 58 21.24 -15.49 3.56
CA VAL E 58 22.55 -15.43 2.98
C VAL E 58 22.51 -16.10 1.68
N CYS E 59 21.79 -17.19 1.64
CA CYS E 59 21.75 -17.97 0.46
C CYS E 59 20.91 -17.30 -0.57
N MET E 60 20.10 -16.37 -0.14
CA MET E 60 19.25 -15.65 -1.01
C MET E 60 19.99 -14.47 -1.50
N TYR E 61 20.94 -14.00 -0.72
CA TYR E 61 21.70 -12.81 -1.07
C TYR E 61 22.59 -13.13 -2.20
N PHE E 62 22.97 -14.36 -2.27
CA PHE E 62 23.85 -14.78 -3.31
C PHE E 62 23.13 -14.75 -4.62
N THR E 63 21.91 -15.21 -4.61
CA THR E 63 21.13 -15.23 -5.82
C THR E 63 20.89 -13.81 -6.25
N TYR E 64 20.60 -12.94 -5.32
CA TYR E 64 20.33 -11.55 -5.60
C TYR E 64 21.52 -10.84 -6.13
N LYS E 65 22.67 -11.13 -5.59
CA LYS E 65 23.88 -10.52 -6.08
C LYS E 65 24.28 -10.96 -7.48
N VAL E 66 24.20 -12.22 -7.75
CA VAL E 66 24.53 -12.72 -9.06
C VAL E 66 23.56 -12.22 -10.11
N ARG E 67 22.31 -12.03 -9.74
CA ARG E 67 21.29 -11.57 -10.66
C ARG E 67 21.31 -10.11 -10.97
N TYR E 68 21.43 -9.27 -9.96
CA TYR E 68 21.35 -7.85 -10.17
C TYR E 68 22.70 -7.17 -10.24
N THR E 69 23.77 -7.94 -10.08
CA THR E 69 25.10 -7.36 -10.23
C THR E 69 25.33 -7.06 -11.69
N ASN E 70 25.81 -5.86 -11.98
CA ASN E 70 26.04 -5.45 -13.37
C ASN E 70 24.74 -5.60 -14.11
N SER E 71 23.73 -4.87 -13.67
CA SER E 71 22.42 -4.97 -14.28
C SER E 71 21.89 -3.60 -14.67
N SER E 72 21.34 -3.51 -15.89
CA SER E 72 20.62 -2.32 -16.32
C SER E 72 19.18 -2.29 -15.82
N THR E 73 18.53 -3.46 -15.72
CA THR E 73 17.19 -3.53 -15.16
C THR E 73 17.18 -3.02 -13.72
N GLU E 74 16.11 -2.34 -13.33
CA GLU E 74 16.01 -1.70 -12.03
C GLU E 74 16.24 -2.70 -10.89
N ILE E 75 17.21 -2.39 -10.04
CA ILE E 75 17.57 -3.26 -8.92
C ILE E 75 16.67 -2.97 -7.72
N PRO E 76 16.10 -4.00 -7.10
CA PRO E 76 15.25 -3.82 -5.91
C PRO E 76 16.03 -3.82 -4.61
N GLU E 77 15.38 -3.33 -3.55
CA GLU E 77 16.02 -3.34 -2.24
C GLU E 77 16.29 -4.79 -1.86
N PHE E 78 17.37 -5.04 -1.15
CA PHE E 78 17.56 -6.36 -0.59
C PHE E 78 16.86 -6.30 0.75
N PRO E 79 15.97 -7.23 0.97
CA PRO E 79 15.17 -7.17 2.18
C PRO E 79 15.75 -7.84 3.45
N ILE E 80 15.92 -7.12 4.54
CA ILE E 80 16.41 -7.66 5.81
C ILE E 80 15.49 -7.23 6.91
N ALA E 81 14.83 -8.18 7.53
CA ALA E 81 13.90 -7.87 8.57
C ALA E 81 14.56 -7.44 9.81
N PRO E 82 13.92 -6.58 10.54
CA PRO E 82 14.61 -6.02 11.71
C PRO E 82 15.01 -7.04 12.76
N GLU E 83 14.18 -8.06 12.98
CA GLU E 83 14.46 -9.03 14.03
C GLU E 83 15.72 -9.84 13.76
N ILE E 84 16.24 -9.83 12.55
CA ILE E 84 17.37 -10.66 12.22
C ILE E 84 18.52 -9.87 11.73
N ALA E 85 18.37 -8.58 11.71
CA ALA E 85 19.41 -7.73 11.15
C ALA E 85 20.74 -7.89 11.88
N LEU E 86 20.69 -7.99 13.22
CA LEU E 86 21.93 -8.07 13.99
C LEU E 86 22.67 -9.37 13.74
N GLU E 87 21.96 -10.50 13.72
CA GLU E 87 22.63 -11.79 13.53
C GLU E 87 23.14 -11.94 12.12
N LEU E 88 22.50 -11.35 11.14
CA LEU E 88 22.95 -11.43 9.77
C LEU E 88 24.13 -10.55 9.57
N LEU E 89 24.19 -9.48 10.31
CA LEU E 89 25.35 -8.61 10.24
C LEU E 89 26.63 -9.34 10.64
N MET E 90 26.59 -10.05 11.77
CA MET E 90 27.74 -10.79 12.24
C MET E 90 28.11 -11.91 11.27
N ALA E 91 27.11 -12.59 10.74
CA ALA E 91 27.38 -13.62 9.73
C ALA E 91 28.03 -13.00 8.51
N ALA E 92 27.52 -11.84 8.07
CA ALA E 92 28.13 -11.17 6.93
C ALA E 92 29.54 -10.69 7.26
N ASN E 93 29.78 -10.32 8.52
CA ASN E 93 31.11 -9.93 8.95
C ASN E 93 32.07 -11.12 8.91
N PHE E 94 31.60 -12.30 9.33
CA PHE E 94 32.45 -13.48 9.35
C PHE E 94 32.66 -14.06 7.96
N LEU E 95 31.62 -14.03 7.12
CA LEU E 95 31.68 -14.60 5.77
C LEU E 95 32.31 -13.65 4.76
N ASP E 96 32.48 -12.37 5.10
CA ASP E 96 33.03 -11.35 4.20
C ASP E 96 32.31 -11.36 2.85
N CYS E 97 30.99 -11.18 2.91
CA CYS E 97 30.18 -11.05 1.70
C CYS E 97 29.29 -9.82 1.80
N VAL F 11 41.40 17.86 -7.27
CA VAL F 11 41.48 16.65 -8.06
C VAL F 11 40.18 16.43 -8.83
N LEU F 12 39.13 16.02 -8.11
CA LEU F 12 37.81 15.83 -8.69
C LEU F 12 37.03 17.13 -8.58
N ARG F 13 36.80 17.79 -9.71
CA ARG F 13 36.13 19.08 -9.75
C ARG F 13 35.39 19.21 -11.08
N SER F 14 34.41 20.11 -11.11
CA SER F 14 33.76 20.49 -12.37
C SER F 14 34.58 21.54 -13.10
N VAL F 15 34.49 21.52 -14.40
CA VAL F 15 35.15 22.51 -15.19
C VAL F 15 34.11 23.48 -15.67
N ASN F 16 34.45 24.76 -15.64
CA ASN F 16 33.55 25.79 -16.11
C ASN F 16 33.68 25.85 -17.59
N SER F 17 32.74 25.24 -18.29
CA SER F 17 32.79 25.20 -19.69
C SER F 17 31.96 26.29 -20.23
N ARG F 18 30.99 26.71 -19.43
CA ARG F 18 30.06 27.72 -19.89
C ARG F 18 29.43 27.14 -21.12
N GLU F 19 29.36 25.82 -21.18
CA GLU F 19 28.75 25.14 -22.32
C GLU F 19 27.53 24.34 -21.86
N PRO F 20 26.32 24.83 -22.10
CA PRO F 20 25.14 24.22 -21.48
C PRO F 20 24.87 22.80 -21.97
N SER F 21 24.21 22.02 -21.10
CA SER F 21 23.85 20.64 -21.40
C SER F 21 22.66 20.28 -20.52
N GLN F 22 21.55 19.88 -21.16
CA GLN F 22 20.33 19.53 -20.44
C GLN F 22 20.34 18.05 -20.07
N VAL F 23 19.90 17.75 -18.85
CA VAL F 23 20.03 16.42 -18.27
C VAL F 23 18.70 16.01 -17.65
N ILE F 24 18.35 14.73 -17.80
CA ILE F 24 17.23 14.11 -17.12
C ILE F 24 17.76 13.40 -15.89
N PHE F 25 17.28 13.77 -14.72
CA PHE F 25 17.65 13.04 -13.54
C PHE F 25 16.53 12.05 -13.32
N CAS F 26 16.83 10.77 -13.41
CA CAS F 26 15.80 9.75 -13.31
CB CAS F 26 15.70 8.97 -14.62
C CAS F 26 16.06 8.83 -12.15
O CAS F 26 16.99 7.99 -12.21
SG CAS F 26 14.64 7.59 -14.32
AS CAS F 26 12.62 8.54 -14.40
CE1 CAS F 26 11.47 7.74 -12.99
CE2 CAS F 26 11.79 8.21 -16.18
N ASN F 27 15.25 8.94 -11.11
CA ASN F 27 15.42 8.16 -9.88
C ASN F 27 14.69 6.82 -9.95
N ARG F 28 15.39 5.78 -10.36
CA ARG F 28 14.83 4.42 -10.41
C ARG F 28 15.23 3.62 -9.18
N SER F 29 15.03 4.19 -8.01
CA SER F 29 15.39 3.56 -6.74
C SER F 29 14.25 3.79 -5.75
N PRO F 30 14.18 2.98 -4.70
CA PRO F 30 13.20 3.25 -3.63
C PRO F 30 13.63 4.29 -2.63
N ARG F 31 14.74 5.01 -2.88
CA ARG F 31 15.25 6.00 -1.95
C ARG F 31 15.00 7.40 -2.49
N VAL F 32 14.85 8.35 -1.56
CA VAL F 32 14.88 9.77 -1.90
C VAL F 32 16.33 10.14 -2.23
N VAL F 33 16.54 10.69 -3.42
CA VAL F 33 17.89 10.92 -3.94
C VAL F 33 18.30 12.36 -3.72
N LEU F 34 19.52 12.54 -3.20
CA LEU F 34 20.15 13.85 -3.10
C LEU F 34 21.17 14.01 -4.22
N PRO F 35 20.94 14.97 -5.12
CA PRO F 35 21.95 15.24 -6.15
C PRO F 35 23.05 16.16 -5.61
N VAL F 36 24.31 15.80 -5.82
CA VAL F 36 25.43 16.58 -5.29
C VAL F 36 26.34 16.98 -6.45
N TRP F 37 26.48 18.28 -6.67
CA TRP F 37 27.38 18.78 -7.70
C TRP F 37 28.66 19.27 -7.07
N LEU F 38 29.77 18.83 -7.61
CA LEU F 38 31.09 19.23 -7.13
C LEU F 38 31.49 20.51 -7.84
N ASN F 39 31.71 21.59 -7.09
CA ASN F 39 31.94 22.88 -7.70
C ASN F 39 33.33 22.93 -8.35
N PHE F 40 33.69 24.09 -8.86
CA PHE F 40 34.98 24.25 -9.53
C PHE F 40 36.14 24.15 -8.56
N ASP F 41 35.89 24.35 -7.27
CA ASP F 41 36.91 24.14 -6.27
C ASP F 41 36.93 22.70 -5.73
N GLY F 42 36.03 21.84 -6.20
CA GLY F 42 35.94 20.48 -5.71
C GLY F 42 34.99 20.29 -4.55
N GLU F 43 34.33 21.35 -4.10
CA GLU F 43 33.46 21.26 -2.93
C GLU F 43 32.11 20.65 -3.32
N PRO F 44 31.59 19.71 -2.54
CA PRO F 44 30.26 19.15 -2.83
C PRO F 44 29.17 20.15 -2.50
N GLN F 45 28.23 20.32 -3.42
CA GLN F 45 27.06 21.18 -3.20
C GLN F 45 25.79 20.33 -3.31
N PRO F 46 24.95 20.28 -2.29
CA PRO F 46 23.69 19.55 -2.40
C PRO F 46 22.65 20.31 -3.20
N TYR F 47 21.83 19.56 -3.94
CA TYR F 47 20.80 20.17 -4.75
C TYR F 47 19.45 19.60 -4.36
N PRO F 48 18.36 20.13 -4.93
CA PRO F 48 17.01 19.66 -4.61
C PRO F 48 16.83 18.13 -4.68
N THR F 49 16.11 17.54 -3.72
CA THR F 49 15.98 16.09 -3.68
C THR F 49 14.92 15.60 -4.67
N LEU F 50 15.01 14.32 -5.01
CA LEU F 50 14.05 13.71 -5.90
C LEU F 50 13.42 12.48 -5.26
N PRO F 51 12.09 12.48 -5.08
CA PRO F 51 11.41 11.31 -4.51
C PRO F 51 11.56 10.10 -5.40
N PRO F 52 11.32 8.89 -4.87
CA PRO F 52 11.46 7.67 -5.67
C PRO F 52 10.52 7.63 -6.87
N GLY F 53 11.04 7.12 -7.98
CA GLY F 53 10.25 7.00 -9.19
C GLY F 53 9.95 8.31 -9.90
N THR F 54 10.62 9.39 -9.52
CA THR F 54 10.37 10.68 -10.13
C THR F 54 11.47 11.02 -11.14
N GLY F 55 11.19 12.00 -11.97
CA GLY F 55 12.15 12.47 -12.95
C GLY F 55 12.12 13.98 -13.04
N ARG F 56 13.26 14.54 -13.41
CA ARG F 56 13.37 15.98 -13.52
C ARG F 56 14.26 16.40 -14.68
N ARG F 57 13.85 17.41 -15.42
CA ARG F 57 14.65 17.96 -16.50
C ARG F 57 15.38 19.19 -15.95
N ILE F 58 16.70 19.11 -15.92
CA ILE F 58 17.49 20.18 -15.34
C ILE F 58 18.55 20.74 -16.29
N HIS F 59 19.11 21.89 -15.95
CA HIS F 59 20.15 22.48 -16.77
C HIS F 59 21.53 22.40 -16.15
N SER F 60 22.49 21.85 -16.88
CA SER F 60 23.86 21.73 -16.39
C SER F 60 24.81 22.05 -17.52
N TYR F 61 26.07 21.67 -17.38
CA TYR F 61 27.06 22.03 -18.36
C TYR F 61 28.04 20.91 -18.69
N ARG F 62 28.65 20.97 -19.87
CA ARG F 62 29.61 19.96 -20.29
C ARG F 62 30.74 19.92 -19.27
N GLY F 63 31.14 18.72 -18.84
CA GLY F 63 32.27 18.61 -17.95
C GLY F 63 31.99 18.79 -16.47
N HIS F 64 30.74 18.98 -16.09
CA HIS F 64 30.38 19.11 -14.70
C HIS F 64 30.30 17.74 -14.01
N LEU F 65 30.56 17.69 -12.71
CA LEU F 65 30.61 16.43 -11.98
C LEU F 65 29.42 16.32 -11.04
N TRP F 66 28.78 15.17 -11.07
CA TRP F 66 27.64 14.93 -10.23
C TRP F 66 27.66 13.55 -9.63
N LEU F 67 27.22 13.44 -8.39
CA LEU F 67 27.04 12.14 -7.76
C LEU F 67 25.72 12.16 -7.00
N PHE F 68 25.30 11.00 -6.51
CA PHE F 68 23.97 10.86 -5.93
C PHE F 68 24.01 10.00 -4.68
N ARG F 69 23.30 10.45 -3.66
CA ARG F 69 23.30 9.81 -2.36
C ARG F 69 21.87 9.70 -1.84
N ASP F 70 21.69 8.86 -0.83
CA ASP F 70 20.42 8.84 -0.12
C ASP F 70 20.27 10.13 0.67
N ALA F 71 19.11 10.77 0.55
CA ALA F 71 18.92 12.07 1.18
C ALA F 71 18.88 11.96 2.70
N GLY F 72 18.45 10.81 3.22
CA GLY F 72 18.34 10.65 4.66
C GLY F 72 19.58 10.07 5.32
N THR F 73 20.36 9.28 4.58
CA THR F 73 21.49 8.56 5.16
C THR F 73 22.81 8.73 4.41
N HIS F 74 22.80 9.35 3.23
CA HIS F 74 24.00 9.53 2.41
C HIS F 74 24.59 8.20 1.94
N ASP F 75 23.78 7.14 1.95
CA ASP F 75 24.19 5.89 1.34
C ASP F 75 24.55 6.12 -0.13
N GLY F 76 25.57 5.41 -0.60
CA GLY F 76 25.98 5.59 -1.98
C GLY F 76 24.95 5.04 -2.95
N LEU F 77 24.74 5.76 -4.04
CA LEU F 77 23.88 5.33 -5.12
C LEU F 77 24.64 5.40 -6.42
N LEU F 78 24.13 4.69 -7.43
CA LEU F 78 24.76 4.65 -8.74
C LEU F 78 23.97 5.50 -9.73
N VAL F 79 24.71 6.09 -10.66
CA VAL F 79 24.14 6.82 -11.79
C VAL F 79 24.74 6.25 -13.06
N ASN F 80 23.88 5.72 -13.93
CA ASN F 80 24.29 4.99 -15.13
C ASN F 80 25.33 3.92 -14.78
N GLN F 81 25.08 3.22 -13.67
CA GLN F 81 25.84 2.06 -13.21
C GLN F 81 27.26 2.39 -12.76
N THR F 82 27.57 3.66 -12.52
CA THR F 82 28.87 4.05 -11.98
C THR F 82 28.66 5.08 -10.88
N GLU F 83 29.76 5.55 -10.28
CA GLU F 83 29.68 6.45 -9.14
C GLU F 83 29.48 7.91 -9.57
N LEU F 84 30.11 8.32 -10.67
CA LEU F 84 30.10 9.70 -11.11
C LEU F 84 29.41 9.85 -12.47
N PHE F 85 28.74 10.99 -12.65
CA PHE F 85 28.05 11.31 -13.89
C PHE F 85 28.56 12.63 -14.44
N VAL F 86 28.89 12.65 -15.72
CA VAL F 86 29.36 13.87 -16.40
C VAL F 86 28.46 14.15 -17.60
N PRO F 87 27.66 15.21 -17.58
CA PRO F 87 26.84 15.54 -18.75
C PRO F 87 27.69 15.76 -19.99
N SER F 88 27.29 15.14 -21.10
CA SER F 88 27.97 15.23 -22.39
C SER F 88 27.11 16.03 -23.37
N LEU F 89 27.39 15.87 -24.66
CA LEU F 89 26.65 16.62 -25.68
C LEU F 89 25.21 16.17 -25.78
N ASN F 90 24.32 17.17 -25.77
CA ASN F 90 22.93 16.97 -26.15
C ASN F 90 22.92 16.92 -27.67
N VAL F 91 22.77 15.73 -28.24
CA VAL F 91 22.73 15.59 -29.68
C VAL F 91 21.32 15.85 -30.16
N ASP F 92 21.18 16.73 -31.15
CA ASP F 92 19.88 17.12 -31.70
C ASP F 92 18.96 17.71 -30.63
N GLY F 93 19.55 18.34 -29.61
CA GLY F 93 18.81 18.91 -28.51
C GLY F 93 18.30 17.91 -27.49
N GLN F 94 18.45 16.62 -27.73
CA GLN F 94 17.95 15.61 -26.81
C GLN F 94 18.75 15.64 -25.52
N PRO F 95 18.10 15.68 -24.35
CA PRO F 95 18.85 15.73 -23.10
C PRO F 95 19.50 14.39 -22.76
N ILE F 96 20.55 14.47 -21.92
CA ILE F 96 21.29 13.30 -21.45
C ILE F 96 20.53 12.65 -20.31
N PHE F 97 20.53 11.32 -20.29
CA PHE F 97 19.74 10.55 -19.34
C PHE F 97 20.62 10.06 -18.19
N ALA F 98 20.25 10.44 -16.97
CA ALA F 98 20.94 10.00 -15.76
C ALA F 98 20.03 9.02 -15.02
N ASN F 99 20.40 7.74 -15.05
CA ASN F 99 19.58 6.68 -14.46
C ASN F 99 20.12 6.36 -13.07
N ILE F 100 19.46 6.89 -12.05
CA ILE F 100 19.89 6.71 -10.66
C ILE F 100 19.25 5.45 -10.10
N THR F 101 20.08 4.50 -9.68
CA THR F 101 19.59 3.22 -9.16
C THR F 101 20.34 2.85 -7.88
N LEU F 102 19.82 1.83 -7.21
CA LEU F 102 20.50 1.25 -6.07
C LEU F 102 21.75 0.49 -6.53
N PRO F 103 22.86 0.61 -5.82
CA PRO F 103 23.97 -0.32 -6.05
C PRO F 103 23.66 -1.67 -5.43
N VAL F 104 24.39 -2.69 -5.83
CA VAL F 104 24.23 -3.96 -5.16
C VAL F 104 25.16 -3.86 -3.99
N TYR F 105 24.62 -3.48 -2.87
CA TYR F 105 25.40 -3.36 -1.64
C TYR F 105 25.95 -4.71 -1.22
N THR F 106 27.10 -4.68 -0.56
CA THR F 106 27.56 -5.87 0.15
C THR F 106 26.56 -6.19 1.26
N LEU F 107 26.47 -7.47 1.61
CA LEU F 107 25.53 -7.88 2.64
C LEU F 107 25.86 -7.23 3.98
N LYS F 108 27.14 -7.00 4.26
CA LYS F 108 27.53 -6.35 5.52
C LYS F 108 27.06 -4.90 5.55
N GLU F 109 27.29 -4.16 4.47
CA GLU F 109 26.88 -2.76 4.42
C GLU F 109 25.37 -2.63 4.50
N ARG F 110 24.64 -3.53 3.86
CA ARG F 110 23.18 -3.47 3.90
C ARG F 110 22.64 -3.75 5.30
N CYS F 111 23.27 -4.68 6.03
CA CYS F 111 22.87 -4.92 7.42
C CYS F 111 23.16 -3.70 8.28
N LEU F 112 24.32 -3.07 8.07
CA LEU F 112 24.63 -1.83 8.77
C LEU F 112 23.57 -0.77 8.52
N GLN F 113 23.07 -0.70 7.28
CA GLN F 113 22.04 0.28 6.94
C GLN F 113 20.78 0.06 7.76
N VAL F 114 20.33 -1.20 7.87
CA VAL F 114 19.12 -1.49 8.63
C VAL F 114 19.32 -1.19 10.10
N VAL F 115 20.48 -1.55 10.65
CA VAL F 115 20.72 -1.32 12.07
C VAL F 115 20.84 0.17 12.36
N ARG F 116 21.53 0.91 11.48
CA ARG F 116 21.62 2.35 11.66
C ARG F 116 20.24 3.00 11.67
N SER F 117 19.33 2.51 10.82
CA SER F 117 17.99 3.10 10.75
C SER F 117 17.15 2.76 11.97
N LEU F 118 17.54 1.74 12.73
CA LEU F 118 16.79 1.28 13.90
C LEU F 118 17.38 1.71 15.24
N VAL F 119 18.68 1.96 15.34
CA VAL F 119 19.29 2.31 16.61
C VAL F 119 19.84 3.73 16.50
N LYS F 120 19.52 4.56 17.49
CA LYS F 120 20.11 5.90 17.55
C LYS F 120 21.61 5.79 17.81
N PRO F 121 22.39 6.74 17.30
CA PRO F 121 23.86 6.65 17.47
C PRO F 121 24.29 6.55 18.92
N GLU F 122 23.51 7.10 19.85
CA GLU F 122 23.91 7.02 21.25
C GLU F 122 23.94 5.58 21.75
N ASN F 123 23.11 4.68 21.23
CA ASN F 123 23.11 3.33 21.78
C ASN F 123 23.95 2.36 20.94
N TYR F 124 24.84 2.86 20.07
CA TYR F 124 25.65 1.94 19.28
C TYR F 124 26.53 1.08 20.16
N ARG F 125 27.21 1.70 21.13
CA ARG F 125 28.10 0.96 22.03
C ARG F 125 27.33 0.08 23.02
N ARG F 126 26.00 0.10 23.01
CA ARG F 126 25.21 -0.77 23.86
C ARG F 126 24.83 -2.07 23.17
N LEU F 127 25.08 -2.19 21.87
CA LEU F 127 24.77 -3.41 21.16
C LEU F 127 25.81 -4.49 21.47
N ASP F 128 25.34 -5.75 21.50
CA ASP F 128 26.18 -6.90 21.82
C ASP F 128 26.88 -7.37 20.55
N ILE F 129 28.05 -6.80 20.27
CA ILE F 129 28.80 -7.06 19.06
C ILE F 129 30.29 -6.98 19.38
N VAL F 130 31.11 -7.31 18.38
CA VAL F 130 32.54 -7.14 18.51
C VAL F 130 32.85 -5.65 18.35
N ARG F 131 33.94 -5.19 19.00
CA ARG F 131 34.29 -3.77 18.95
C ARG F 131 34.46 -3.27 17.51
N SER F 132 34.89 -4.15 16.60
CA SER F 132 35.07 -3.75 15.20
C SER F 132 33.75 -3.32 14.57
N LEU F 133 32.65 -4.00 14.90
CA LEU F 133 31.36 -3.69 14.30
C LEU F 133 30.79 -2.39 14.84
N TYR F 134 31.16 -2.03 16.07
CA TYR F 134 30.73 -0.75 16.63
C TYR F 134 31.39 0.42 15.90
N GLU F 135 32.69 0.30 15.61
CA GLU F 135 33.36 1.30 14.79
C GLU F 135 32.79 1.32 13.38
N ASP F 136 32.31 0.17 12.90
CA ASP F 136 31.71 0.12 11.56
C ASP F 136 30.38 0.84 11.51
N LEU F 137 29.56 0.73 12.56
CA LEU F 137 28.29 1.44 12.59
C LEU F 137 28.48 2.95 12.71
N GLU F 138 29.52 3.39 13.40
CA GLU F 138 29.73 4.82 13.58
C GLU F 138 30.34 5.48 12.35
N ASP F 139 31.09 4.75 11.53
CA ASP F 139 31.62 5.32 10.29
C ASP F 139 30.57 5.32 9.18
N HIS F 140 29.39 5.87 9.46
CA HIS F 140 28.32 5.89 8.49
C HIS F 140 28.72 6.72 7.26
N PRO F 141 28.13 6.44 6.10
CA PRO F 141 28.57 7.08 4.85
C PRO F 141 28.67 8.60 4.94
N ASN F 142 29.73 9.13 4.32
CA ASN F 142 30.02 10.56 4.29
C ASN F 142 30.60 10.88 2.91
N VAL F 143 30.10 11.94 2.28
CA VAL F 143 30.48 12.24 0.90
C VAL F 143 31.93 12.66 0.80
N GLN F 144 32.38 13.51 1.71
CA GLN F 144 33.77 13.97 1.66
C GLN F 144 34.72 12.79 1.78
N LYS F 145 34.43 11.85 2.68
CA LYS F 145 35.27 10.67 2.84
C LYS F 145 35.33 9.85 1.55
N ASP F 146 34.18 9.66 0.90
CA ASP F 146 34.17 8.88 -0.34
C ASP F 146 34.93 9.60 -1.45
N LEU F 147 34.88 10.93 -1.45
CA LEU F 147 35.60 11.69 -2.45
C LEU F 147 37.11 11.54 -2.30
N GLU F 148 37.61 11.54 -1.08
CA GLU F 148 39.06 11.45 -0.95
C GLU F 148 39.52 10.02 -1.24
N ARG F 149 38.65 9.03 -0.97
CA ARG F 149 38.94 7.64 -1.29
C ARG F 149 39.06 7.41 -2.79
N LEU F 150 38.15 8.01 -3.56
CA LEU F 150 38.25 7.91 -5.03
C LEU F 150 39.48 8.64 -5.55
N THR F 151 39.87 9.76 -4.91
CA THR F 151 41.06 10.47 -5.34
C THR F 151 42.31 9.62 -5.16
N GLN F 152 42.40 8.91 -4.04
CA GLN F 152 43.57 8.07 -3.77
C GLN F 152 43.58 6.83 -4.66
N MET G 1 -10.37 -15.89 -17.61
CA MET G 1 -10.32 -16.94 -16.61
C MET G 1 -10.75 -16.45 -15.24
N ASP G 2 -11.53 -17.26 -14.53
CA ASP G 2 -11.97 -16.90 -13.19
C ASP G 2 -11.01 -17.47 -12.15
N VAL G 3 -10.68 -16.65 -11.15
CA VAL G 3 -9.85 -17.06 -10.03
C VAL G 3 -10.65 -16.85 -8.75
N PHE G 4 -10.47 -17.75 -7.79
CA PHE G 4 -11.28 -17.76 -6.59
C PHE G 4 -10.39 -17.53 -5.38
N LEU G 5 -10.76 -16.54 -4.55
CA LEU G 5 -9.83 -15.92 -3.62
C LEU G 5 -10.46 -15.82 -2.23
N MET G 6 -9.61 -15.89 -1.22
CA MET G 6 -9.95 -15.59 0.16
C MET G 6 -9.15 -14.37 0.59
N ILE G 7 -9.85 -13.27 0.87
CA ILE G 7 -9.23 -12.05 1.38
C ILE G 7 -9.34 -12.07 2.90
N ARG G 8 -8.21 -12.15 3.59
CA ARG G 8 -8.17 -12.41 5.02
C ARG G 8 -7.47 -11.29 5.77
N ARG G 9 -8.12 -10.77 6.80
CA ARG G 9 -7.53 -9.79 7.71
C ARG G 9 -8.05 -10.06 9.11
N HIS G 10 -7.15 -10.38 10.04
CA HIS G 10 -7.50 -10.67 11.44
C HIS G 10 -8.43 -11.89 11.43
N LYS G 11 -9.67 -11.76 11.89
CA LYS G 11 -10.66 -12.84 11.85
C LYS G 11 -11.70 -12.59 10.77
N THR G 12 -11.40 -11.70 9.83
CA THR G 12 -12.28 -11.36 8.71
C THR G 12 -11.83 -12.14 7.49
N THR G 13 -12.78 -12.77 6.79
CA THR G 13 -12.47 -13.52 5.58
C THR G 13 -13.53 -13.19 4.53
N ILE G 14 -13.10 -12.61 3.41
CA ILE G 14 -14.01 -12.33 2.30
C ILE G 14 -13.78 -13.39 1.24
N PHE G 15 -14.87 -14.02 0.81
CA PHE G 15 -14.82 -14.99 -0.28
C PHE G 15 -15.29 -14.28 -1.54
N THR G 16 -14.44 -14.20 -2.54
CA THR G 16 -14.83 -13.54 -3.77
C THR G 16 -14.04 -14.14 -4.92
N ASP G 17 -14.50 -13.82 -6.12
CA ASP G 17 -13.85 -14.24 -7.35
C ASP G 17 -13.57 -13.00 -8.18
N ALA G 18 -12.65 -13.15 -9.13
CA ALA G 18 -12.30 -12.08 -10.05
C ALA G 18 -11.73 -12.73 -11.30
N LYS G 19 -11.16 -11.91 -12.18
CA LYS G 19 -10.57 -12.42 -13.40
C LYS G 19 -9.06 -12.50 -13.23
N GLU G 20 -8.45 -13.44 -13.97
CA GLU G 20 -6.99 -13.54 -13.97
C GLU G 20 -6.34 -12.28 -14.55
N SER G 21 -7.05 -11.59 -15.45
CA SER G 21 -6.60 -10.33 -16.01
C SER G 21 -6.93 -9.11 -15.13
N SER G 22 -7.81 -9.26 -14.15
CA SER G 22 -8.14 -8.13 -13.28
C SER G 22 -6.92 -7.73 -12.45
N THR G 23 -6.90 -6.47 -12.03
CA THR G 23 -5.77 -5.89 -11.32
C THR G 23 -5.99 -5.89 -9.81
N VAL G 24 -4.89 -5.62 -9.09
CA VAL G 24 -4.92 -5.54 -7.63
C VAL G 24 -5.83 -4.42 -7.15
N PHE G 25 -5.86 -3.30 -7.88
CA PHE G 25 -6.69 -2.17 -7.47
C PHE G 25 -8.18 -2.47 -7.57
N GLU G 26 -8.60 -3.13 -8.66
CA GLU G 26 -10.02 -3.47 -8.78
C GLU G 26 -10.44 -4.42 -7.68
N LEU G 27 -9.53 -5.28 -7.25
CA LEU G 27 -9.80 -6.17 -6.13
C LEU G 27 -9.95 -5.36 -4.84
N LYS G 28 -9.14 -4.29 -4.70
CA LYS G 28 -9.28 -3.38 -3.56
C LYS G 28 -10.61 -2.64 -3.61
N ARG G 29 -11.13 -2.35 -4.80
CA ARG G 29 -12.44 -1.73 -4.90
C ARG G 29 -13.54 -2.67 -4.40
N ILE G 30 -13.35 -3.98 -4.55
CA ILE G 30 -14.29 -4.94 -3.99
C ILE G 30 -14.23 -4.92 -2.46
N VAL G 31 -13.02 -4.86 -1.91
CA VAL G 31 -12.88 -4.73 -0.45
C VAL G 31 -13.55 -3.45 0.04
N GLU G 32 -13.46 -2.38 -0.75
CA GLU G 32 -14.06 -1.11 -0.35
C GLU G 32 -15.58 -1.22 -0.20
N GLY G 33 -16.23 -1.91 -1.15
CA GLY G 33 -17.67 -2.06 -1.06
C GLY G 33 -18.14 -2.88 0.13
N ILE G 34 -17.28 -3.74 0.65
CA ILE G 34 -17.66 -4.63 1.76
C ILE G 34 -17.25 -4.02 3.09
N LEU G 35 -15.97 -3.68 3.24
CA LEU G 35 -15.43 -3.22 4.52
C LEU G 35 -15.39 -1.70 4.65
N LYS G 36 -15.82 -0.98 3.61
CA LYS G 36 -16.01 0.48 3.67
C LYS G 36 -14.71 1.23 3.96
N ARG G 37 -13.62 0.79 3.35
CA ARG G 37 -12.32 1.46 3.48
C ARG G 37 -11.73 1.69 2.09
N PRO G 38 -11.24 2.89 1.80
CA PRO G 38 -10.81 3.21 0.44
C PRO G 38 -9.57 2.43 0.05
N PRO G 39 -9.34 2.24 -1.26
CA PRO G 39 -8.15 1.52 -1.70
C PRO G 39 -6.87 2.16 -1.20
N ASP G 40 -6.91 3.48 -0.99
CA ASP G 40 -5.79 4.22 -0.42
C ASP G 40 -5.34 3.65 0.92
N GLU G 41 -6.26 3.15 1.73
CA GLU G 41 -5.91 2.67 3.06
C GLU G 41 -5.71 1.17 3.13
N GLN G 42 -5.58 0.50 1.99
CA GLN G 42 -5.46 -0.95 1.94
C GLN G 42 -4.10 -1.35 1.38
N ARG G 43 -3.56 -2.43 1.93
CA ARG G 43 -2.42 -3.11 1.34
C ARG G 43 -2.74 -4.59 1.25
N LEU G 44 -2.58 -5.14 0.05
CA LEU G 44 -2.86 -6.55 -0.21
C LEU G 44 -1.55 -7.30 -0.35
N TYR G 45 -1.54 -8.54 0.12
CA TYR G 45 -0.32 -9.33 0.17
C TYR G 45 -0.57 -10.71 -0.41
N LYS G 46 0.40 -11.22 -1.14
CA LYS G 46 0.49 -12.64 -1.44
C LYS G 46 1.61 -13.17 -0.56
N ASP G 47 1.24 -13.98 0.44
CA ASP G 47 2.13 -14.38 1.53
C ASP G 47 2.61 -13.10 2.19
N ASP G 48 3.91 -12.80 2.21
CA ASP G 48 4.40 -11.57 2.81
C ASP G 48 4.71 -10.48 1.80
N GLN G 49 4.55 -10.77 0.51
CA GLN G 49 4.93 -9.81 -0.52
C GLN G 49 3.83 -8.79 -0.75
N LEU G 50 4.20 -7.51 -0.71
CA LEU G 50 3.24 -6.46 -1.01
C LEU G 50 2.94 -6.46 -2.51
N LEU G 51 1.66 -6.35 -2.84
CA LEU G 51 1.19 -6.37 -4.22
C LEU G 51 0.99 -4.96 -4.74
N ASP G 52 1.46 -4.73 -5.96
CA ASP G 52 1.36 -3.41 -6.59
C ASP G 52 0.00 -3.26 -7.26
N ASP G 53 -0.60 -2.08 -7.10
CA ASP G 53 -1.98 -1.85 -7.55
C ASP G 53 -2.15 -2.18 -9.03
N GLY G 54 -1.15 -1.86 -9.85
CA GLY G 54 -1.30 -1.99 -11.29
C GLY G 54 -1.18 -3.39 -11.82
N LYS G 55 -0.62 -4.31 -11.03
CA LYS G 55 -0.35 -5.66 -11.53
C LYS G 55 -1.63 -6.47 -11.63
N THR G 56 -1.67 -7.36 -12.62
CA THR G 56 -2.82 -8.24 -12.76
C THR G 56 -2.69 -9.44 -11.83
N LEU G 57 -3.83 -10.07 -11.55
CA LEU G 57 -3.86 -11.20 -10.63
C LEU G 57 -3.05 -12.38 -11.18
N GLY G 58 -3.14 -12.62 -12.48
CA GLY G 58 -2.30 -13.64 -13.08
C GLY G 58 -0.83 -13.39 -12.85
N GLU G 59 -0.40 -12.14 -13.02
CA GLU G 59 0.99 -11.75 -12.78
C GLU G 59 1.43 -12.04 -11.34
N CAS G 60 0.51 -11.91 -10.39
CA CAS G 60 0.85 -12.13 -8.99
CB CAS G 60 -0.01 -11.31 -8.03
C CAS G 60 0.71 -13.59 -8.66
O CAS G 60 0.74 -13.95 -7.46
SG CAS G 60 0.26 -9.60 -8.36
AS CAS G 60 2.45 -9.43 -8.04
CE1 CAS G 60 3.27 -9.16 -9.83
CE2 CAS G 60 2.94 -7.86 -6.92
N GLY G 61 0.53 -14.43 -9.67
CA GLY G 61 0.54 -15.86 -9.49
C GLY G 61 -0.80 -16.45 -9.09
N PHE G 62 -1.86 -15.67 -9.22
CA PHE G 62 -3.21 -16.16 -8.96
C PHE G 62 -3.79 -16.62 -10.29
N THR G 63 -3.84 -17.94 -10.47
CA THR G 63 -4.25 -18.55 -11.72
C THR G 63 -5.43 -19.47 -11.46
N SER G 64 -6.19 -19.72 -12.53
CA SER G 64 -7.39 -20.52 -12.44
C SER G 64 -7.13 -21.94 -11.96
N GLN G 65 -5.90 -22.41 -12.04
CA GLN G 65 -5.59 -23.78 -11.67
C GLN G 65 -4.95 -23.90 -10.29
N THR G 66 -4.61 -22.77 -9.67
CA THR G 66 -4.23 -22.73 -8.26
C THR G 66 -5.26 -21.98 -7.41
N ALA G 67 -6.05 -21.10 -8.00
CA ALA G 67 -7.14 -20.41 -7.32
C ALA G 67 -8.45 -21.06 -7.74
N ARG G 68 -8.81 -22.14 -7.06
CA ARG G 68 -9.93 -22.95 -7.48
C ARG G 68 -11.16 -22.68 -6.62
N PRO G 69 -12.37 -22.87 -7.15
CA PRO G 69 -13.57 -22.59 -6.32
C PRO G 69 -13.60 -23.41 -5.05
N GLN G 70 -13.25 -24.69 -5.12
CA GLN G 70 -13.27 -25.58 -3.96
C GLN G 70 -12.02 -25.46 -3.11
N ALA G 71 -11.04 -24.65 -3.52
CA ALA G 71 -9.79 -24.47 -2.77
C ALA G 71 -9.17 -23.14 -3.14
N PRO G 72 -9.75 -22.03 -2.68
CA PRO G 72 -9.30 -20.71 -3.13
C PRO G 72 -7.94 -20.33 -2.57
N ALA G 73 -7.34 -19.31 -3.20
CA ALA G 73 -6.07 -18.75 -2.79
C ALA G 73 -6.28 -17.65 -1.76
N THR G 74 -5.31 -17.49 -0.87
CA THR G 74 -5.40 -16.53 0.23
C THR G 74 -4.65 -15.24 -0.11
N VAL G 75 -5.34 -14.12 0.03
CA VAL G 75 -4.75 -12.80 -0.13
C VAL G 75 -4.86 -12.07 1.20
N GLY G 76 -3.73 -11.65 1.75
CA GLY G 76 -3.74 -10.93 3.01
C GLY G 76 -4.17 -9.49 2.82
N LEU G 77 -4.77 -8.94 3.87
CA LEU G 77 -5.24 -7.56 3.86
C LEU G 77 -4.74 -6.83 5.12
N ALA G 78 -4.30 -5.59 4.93
CA ALA G 78 -3.82 -4.74 6.03
C ALA G 78 -4.38 -3.34 5.84
N PHE G 79 -4.97 -2.79 6.91
CA PHE G 79 -5.59 -1.47 6.93
C PHE G 79 -4.64 -0.43 7.53
N ARG G 80 -5.01 0.83 7.35
CA ARG G 80 -4.21 1.93 7.85
C ARG G 80 -4.79 2.46 9.15
N ALA G 81 -4.08 2.24 10.24
CA ALA G 81 -4.43 2.78 11.55
C ALA G 81 -4.00 4.24 11.61
N ASP G 82 -4.96 5.16 11.51
CA ASP G 82 -4.74 6.60 11.61
C ASP G 82 -3.74 7.13 10.57
N ASP G 83 -2.45 6.90 10.80
CA ASP G 83 -1.41 7.33 9.86
C ASP G 83 -0.46 6.23 9.44
N THR G 84 -0.36 5.15 10.21
CA THR G 84 0.53 4.03 9.94
C THR G 84 -0.30 2.81 9.57
N PHE G 85 0.18 2.05 8.58
CA PHE G 85 -0.49 0.79 8.26
C PHE G 85 -0.19 -0.23 9.34
N GLU G 86 -1.19 -1.04 9.68
CA GLU G 86 -0.98 -2.13 10.62
C GLU G 86 -0.13 -3.21 9.98
N ALA G 87 0.46 -4.06 10.80
CA ALA G 87 1.14 -5.22 10.27
C ALA G 87 0.12 -6.25 9.77
N LEU G 88 0.55 -7.07 8.82
CA LEU G 88 -0.33 -8.11 8.29
C LEU G 88 -0.57 -9.18 9.35
N CAS G 89 -1.84 -9.30 9.77
CA CAS G 89 -2.21 -10.28 10.76
CB CAS G 89 -2.49 -9.57 12.08
C CAS G 89 -3.42 -11.06 10.28
O CAS G 89 -4.49 -10.47 10.02
SG CAS G 89 -3.34 -10.63 13.20
AS CAS G 89 -1.61 -11.73 14.08
CE1 CAS G 89 -1.04 -10.85 15.77
CE2 CAS G 89 -2.18 -13.60 14.45
N ILE G 90 -3.27 -12.38 10.16
CA ILE G 90 -4.36 -13.26 9.76
C ILE G 90 -4.57 -14.32 10.83
N GLU G 91 -5.68 -14.24 11.55
CA GLU G 91 -5.90 -15.23 12.60
C GLU G 91 -6.15 -16.58 11.95
N PRO G 92 -5.43 -17.63 12.35
CA PRO G 92 -5.71 -18.96 11.80
C PRO G 92 -7.09 -19.43 12.21
N PHE G 93 -7.62 -20.37 11.43
CA PHE G 93 -8.88 -20.97 11.80
C PHE G 93 -8.68 -21.91 12.97
N SER G 94 -9.78 -22.39 13.46
CA SER G 94 -9.74 -23.32 14.52
C SER G 94 -9.16 -24.59 14.03
N SER G 95 -8.51 -25.30 14.92
CA SER G 95 -7.90 -26.54 14.56
C SER G 95 -8.79 -27.67 14.90
N PRO G 96 -8.78 -28.67 14.06
CA PRO G 96 -9.72 -29.73 14.27
C PRO G 96 -9.24 -30.69 15.31
N PRO G 97 -10.16 -31.45 15.86
CA PRO G 97 -9.83 -32.44 16.87
C PRO G 97 -9.13 -33.66 16.32
N GLU G 98 -8.74 -34.55 17.20
CA GLU G 98 -8.02 -35.75 16.81
C GLU G 98 -8.87 -36.75 16.11
N LEU G 99 -8.28 -37.47 15.17
CA LEU G 99 -9.11 -38.50 14.57
C LEU G 99 -9.58 -39.52 15.60
N PRO G 100 -10.88 -39.80 15.65
CA PRO G 100 -11.39 -40.92 16.45
C PRO G 100 -10.73 -42.24 16.05
N ASP G 101 -10.80 -43.20 16.97
CA ASP G 101 -10.15 -44.49 16.74
C ASP G 101 -10.78 -45.21 15.55
N VAL G 102 -12.10 -45.19 15.45
CA VAL G 102 -12.79 -45.88 14.36
C VAL G 102 -12.47 -45.29 12.99
N MET G 103 -11.91 -44.08 12.95
CA MET G 103 -11.52 -43.43 11.72
C MET G 103 -10.02 -43.51 11.44
N LYS G 104 -9.21 -43.88 12.43
CA LYS G 104 -7.77 -43.96 12.24
C LYS G 104 -7.40 -45.15 11.36
N MET H 1 -21.31 -6.11 -5.54
CA MET H 1 -22.41 -7.05 -5.34
C MET H 1 -22.99 -7.05 -3.93
N MET H 2 -23.90 -7.99 -3.67
CA MET H 2 -24.53 -8.16 -2.36
C MET H 2 -23.74 -9.22 -1.60
N TYR H 3 -23.40 -8.93 -0.34
CA TYR H 3 -22.66 -9.87 0.49
C TYR H 3 -23.35 -10.08 1.83
N VAL H 4 -23.20 -11.29 2.37
CA VAL H 4 -23.73 -11.63 3.69
C VAL H 4 -22.57 -12.11 4.57
N LYS H 5 -22.77 -12.00 5.89
CA LYS H 5 -21.76 -12.39 6.87
C LYS H 5 -22.21 -13.61 7.64
N LEU H 6 -21.32 -14.60 7.73
CA LEU H 6 -21.55 -15.81 8.51
C LEU H 6 -20.47 -15.91 9.59
N ILE H 7 -20.88 -15.91 10.86
CA ILE H 7 -19.96 -15.90 11.98
C ILE H 7 -19.94 -17.27 12.63
N SER H 8 -18.75 -17.82 12.79
CA SER H 8 -18.58 -19.16 13.33
C SER H 8 -18.62 -19.11 14.85
N SER H 9 -18.49 -20.28 15.47
CA SER H 9 -18.56 -20.34 16.93
C SER H 9 -17.36 -19.67 17.59
N ASP H 10 -16.19 -19.74 16.95
CA ASP H 10 -14.98 -19.16 17.49
C ASP H 10 -14.74 -17.72 17.04
N GLY H 11 -15.75 -17.07 16.45
CA GLY H 11 -15.70 -15.64 16.18
C GLY H 11 -15.24 -15.26 14.79
N HIS H 12 -14.79 -16.21 13.97
CA HIS H 12 -14.38 -15.90 12.62
C HIS H 12 -15.57 -15.44 11.78
N GLU H 13 -15.37 -14.40 10.98
CA GLU H 13 -16.44 -13.79 10.21
C GLU H 13 -16.19 -14.02 8.72
N PHE H 14 -17.12 -14.72 8.08
CA PHE H 14 -16.98 -15.11 6.68
C PHE H 14 -17.99 -14.33 5.85
N ILE H 15 -17.49 -13.57 4.88
CA ILE H 15 -18.32 -12.73 4.02
C ILE H 15 -18.41 -13.39 2.65
N VAL H 16 -19.61 -13.82 2.27
CA VAL H 16 -19.84 -14.49 0.99
C VAL H 16 -20.88 -13.69 0.21
N LYS H 17 -20.87 -13.87 -1.10
CA LYS H 17 -21.88 -13.25 -1.93
C LYS H 17 -23.25 -13.83 -1.61
N ARG H 18 -24.26 -12.96 -1.61
CA ARG H 18 -25.59 -13.39 -1.19
C ARG H 18 -26.13 -14.51 -2.09
N GLU H 19 -25.93 -14.38 -3.40
CA GLU H 19 -26.42 -15.40 -4.33
C GLU H 19 -25.81 -16.76 -4.03
N HIS H 20 -24.53 -16.79 -3.67
CA HIS H 20 -23.89 -18.05 -3.30
C HIS H 20 -24.54 -18.63 -2.05
N ALA H 21 -24.85 -17.78 -1.08
CA ALA H 21 -25.46 -18.24 0.16
C ALA H 21 -26.88 -18.73 -0.06
N LEU H 22 -27.59 -18.17 -1.04
CA LEU H 22 -28.96 -18.60 -1.30
C LEU H 22 -29.02 -20.05 -1.78
N THR H 23 -27.88 -20.67 -2.13
CA THR H 23 -27.80 -22.11 -2.30
C THR H 23 -28.48 -22.88 -1.19
N SER H 24 -28.18 -22.52 0.05
CA SER H 24 -28.80 -23.17 1.19
C SER H 24 -30.13 -22.47 1.44
N GLY H 25 -31.23 -23.20 1.23
CA GLY H 25 -32.52 -22.65 1.58
C GLY H 25 -32.59 -22.36 3.07
N THR H 26 -31.86 -23.15 3.86
CA THR H 26 -31.75 -22.90 5.29
C THR H 26 -31.22 -21.49 5.55
N ILE H 27 -30.07 -21.16 4.94
CA ILE H 27 -29.49 -19.85 5.13
C ILE H 27 -30.41 -18.76 4.58
N LYS H 28 -31.00 -19.00 3.41
CA LYS H 28 -31.93 -18.03 2.84
C LYS H 28 -33.07 -17.69 3.80
N ALA H 29 -33.64 -18.71 4.45
CA ALA H 29 -34.72 -18.45 5.40
C ALA H 29 -34.21 -17.71 6.64
N MET H 30 -33.02 -18.09 7.12
CA MET H 30 -32.38 -17.47 8.27
C MET H 30 -31.99 -16.03 8.01
N LEU H 31 -31.98 -15.60 6.75
CA LEU H 31 -31.64 -14.24 6.39
C LEU H 31 -32.87 -13.37 6.22
N SER H 32 -33.99 -13.94 5.78
CA SER H 32 -35.22 -13.17 5.60
C SER H 32 -36.25 -13.54 6.66
N THR H 42 -32.16 -9.30 7.12
CA THR H 42 -30.90 -9.46 7.84
C THR H 42 -29.73 -9.67 6.90
N ASN H 43 -28.56 -9.15 7.28
CA ASN H 43 -27.32 -9.36 6.55
C ASN H 43 -26.30 -10.14 7.36
N GLU H 44 -26.71 -10.75 8.48
CA GLU H 44 -25.78 -11.45 9.34
C GLU H 44 -26.46 -12.67 9.95
N VAL H 45 -25.69 -13.75 10.08
CA VAL H 45 -26.14 -14.96 10.74
C VAL H 45 -25.00 -15.46 11.64
N ASN H 46 -25.34 -15.87 12.85
CA ASN H 46 -24.40 -16.43 13.80
C ASN H 46 -24.62 -17.94 13.94
N PHE H 47 -23.53 -18.71 13.90
CA PHE H 47 -23.55 -20.15 14.11
C PHE H 47 -22.74 -20.43 15.38
N ARG H 48 -23.43 -20.67 16.49
CA ARG H 48 -22.75 -20.91 17.76
C ARG H 48 -22.19 -22.32 17.92
N GLU H 49 -22.35 -23.20 16.92
CA GLU H 49 -21.84 -24.56 17.06
C GLU H 49 -20.90 -24.98 15.94
N ILE H 50 -20.70 -24.18 14.90
CA ILE H 50 -19.89 -24.54 13.75
C ILE H 50 -18.58 -23.77 13.84
N PRO H 51 -17.45 -24.44 14.07
CA PRO H 51 -16.17 -23.73 14.15
C PRO H 51 -15.69 -23.27 12.77
N SER H 52 -14.63 -22.45 12.80
CA SER H 52 -14.13 -21.81 11.59
C SER H 52 -13.51 -22.79 10.61
N HIS H 53 -12.90 -23.86 11.10
CA HIS H 53 -12.33 -24.91 10.25
C HIS H 53 -13.40 -25.67 9.51
N VAL H 54 -14.62 -25.60 9.96
CA VAL H 54 -15.75 -26.21 9.25
C VAL H 54 -16.48 -25.18 8.41
N LEU H 55 -16.74 -23.98 8.97
CA LEU H 55 -17.52 -22.98 8.26
C LEU H 55 -16.79 -22.46 7.03
N SER H 56 -15.45 -22.45 7.06
CA SER H 56 -14.69 -22.05 5.89
C SER H 56 -14.96 -23.00 4.72
N LYS H 57 -14.99 -24.30 4.98
CA LYS H 57 -15.31 -25.26 3.92
C LYS H 57 -16.75 -25.12 3.45
N VAL H 58 -17.66 -24.73 4.34
CA VAL H 58 -19.04 -24.48 3.94
C VAL H 58 -19.09 -23.41 2.85
N CYS H 59 -18.34 -22.32 3.05
CA CYS H 59 -18.33 -21.25 2.05
C CYS H 59 -17.66 -21.69 0.76
N MET H 60 -16.62 -22.52 0.85
CA MET H 60 -16.02 -23.07 -0.36
C MET H 60 -17.04 -23.87 -1.15
N TYR H 61 -17.88 -24.64 -0.45
CA TYR H 61 -18.91 -25.43 -1.12
C TYR H 61 -19.89 -24.52 -1.86
N PHE H 62 -20.23 -23.37 -1.28
CA PHE H 62 -21.09 -22.42 -1.99
C PHE H 62 -20.46 -22.03 -3.32
N THR H 63 -19.16 -21.70 -3.29
CA THR H 63 -18.47 -21.30 -4.51
C THR H 63 -18.41 -22.45 -5.50
N TYR H 64 -18.04 -23.64 -5.01
CA TYR H 64 -17.93 -24.80 -5.89
C TYR H 64 -19.27 -25.15 -6.52
N LYS H 65 -20.34 -25.08 -5.74
CA LYS H 65 -21.67 -25.42 -6.26
C LYS H 65 -22.12 -24.42 -7.31
N VAL H 66 -22.01 -23.12 -7.02
CA VAL H 66 -22.43 -22.12 -7.99
C VAL H 66 -21.63 -22.26 -9.29
N ARG H 67 -20.34 -22.61 -9.18
CA ARG H 67 -19.46 -22.65 -10.33
C ARG H 67 -19.72 -23.86 -11.24
N TYR H 68 -19.92 -25.03 -10.65
CA TYR H 68 -19.94 -26.27 -11.43
C TYR H 68 -21.33 -26.84 -11.65
N THR H 69 -22.37 -26.20 -11.12
CA THR H 69 -23.71 -26.69 -11.37
C THR H 69 -24.07 -26.40 -12.83
N ASN H 70 -24.65 -27.38 -13.52
CA ASN H 70 -25.00 -27.26 -14.95
C ASN H 70 -23.75 -27.12 -15.82
N SER H 71 -22.80 -28.04 -15.65
CA SER H 71 -21.57 -28.03 -16.41
C SER H 71 -21.37 -29.34 -17.17
N SER H 72 -21.02 -29.20 -18.45
CA SER H 72 -20.54 -30.31 -19.25
C SER H 72 -19.05 -30.53 -19.01
N THR H 73 -18.33 -29.45 -18.74
CA THR H 73 -16.91 -29.52 -18.40
C THR H 73 -16.71 -30.39 -17.17
N GLU H 74 -15.58 -31.09 -17.17
CA GLU H 74 -15.28 -32.03 -16.09
C GLU H 74 -15.32 -31.33 -14.74
N ILE H 75 -16.22 -31.79 -13.88
CA ILE H 75 -16.32 -31.24 -12.53
C ILE H 75 -15.30 -31.95 -11.65
N PRO H 76 -14.52 -31.23 -10.84
CA PRO H 76 -13.60 -31.91 -9.93
C PRO H 76 -14.30 -32.31 -8.65
N GLU H 77 -13.65 -33.23 -7.94
CA GLU H 77 -14.16 -33.68 -6.65
C GLU H 77 -14.14 -32.52 -5.65
N PHE H 78 -15.13 -32.50 -4.78
CA PHE H 78 -15.08 -31.62 -3.62
C PHE H 78 -14.17 -32.24 -2.57
N PRO H 79 -13.06 -31.59 -2.21
CA PRO H 79 -12.11 -32.21 -1.27
C PRO H 79 -12.45 -31.95 0.20
N ILE H 80 -12.44 -33.02 1.00
CA ILE H 80 -12.72 -32.95 2.43
C ILE H 80 -11.66 -33.75 3.17
N ALA H 81 -10.89 -33.06 4.02
CA ALA H 81 -9.88 -33.73 4.81
C ALA H 81 -10.55 -34.64 5.84
N PRO H 82 -9.95 -35.79 6.15
CA PRO H 82 -10.56 -36.70 7.14
C PRO H 82 -10.78 -36.06 8.50
N GLU H 83 -9.91 -35.18 8.90
CA GLU H 83 -10.01 -34.58 10.20
C GLU H 83 -11.22 -33.73 10.36
N ILE H 84 -11.87 -33.37 9.28
CA ILE H 84 -13.00 -32.47 9.37
C ILE H 84 -14.24 -33.11 8.86
N ALA H 85 -14.15 -34.37 8.55
CA ALA H 85 -15.26 -35.06 7.89
C ALA H 85 -16.49 -35.16 8.80
N LEU H 86 -16.29 -35.50 10.07
CA LEU H 86 -17.42 -35.68 10.98
C LEU H 86 -18.09 -34.35 11.30
N GLU H 87 -17.33 -33.33 11.63
CA GLU H 87 -17.89 -32.01 11.97
C GLU H 87 -18.56 -31.31 10.80
N LEU H 88 -18.03 -31.49 9.61
CA LEU H 88 -18.75 -30.98 8.44
C LEU H 88 -20.05 -31.74 8.24
N LEU H 89 -20.03 -33.05 8.47
CA LEU H 89 -21.25 -33.85 8.32
C LEU H 89 -22.34 -33.38 9.28
N MET H 90 -21.98 -33.17 10.55
CA MET H 90 -22.95 -32.68 11.52
C MET H 90 -23.46 -31.28 11.13
N ALA H 91 -22.57 -30.44 10.61
CA ALA H 91 -23.00 -29.13 10.12
C ALA H 91 -23.93 -29.28 8.92
N ALA H 92 -23.59 -30.16 7.98
CA ALA H 92 -24.43 -30.34 6.79
C ALA H 92 -25.79 -30.94 7.13
N ASN H 93 -25.86 -31.80 8.13
CA ASN H 93 -27.17 -32.34 8.53
C ASN H 93 -28.06 -31.24 9.11
N PHE H 94 -27.48 -30.32 9.90
CA PHE H 94 -28.29 -29.28 10.51
C PHE H 94 -28.74 -28.24 9.48
N LEU H 95 -27.89 -27.93 8.50
CA LEU H 95 -28.26 -27.00 7.44
C LEU H 95 -28.94 -27.68 6.26
N ASP H 96 -28.86 -29.01 6.15
CA ASP H 96 -29.40 -29.77 5.03
C ASP H 96 -28.99 -29.15 3.69
N CYS H 97 -27.68 -29.10 3.46
CA CYS H 97 -27.14 -28.57 2.22
C CYS H 97 -26.19 -29.56 1.53
N VAL I 11 -40.52 -52.42 -15.51
CA VAL I 11 -40.75 -51.02 -15.81
C VAL I 11 -39.60 -50.47 -16.65
N LEU I 12 -38.45 -50.29 -16.02
CA LEU I 12 -37.25 -49.80 -16.68
C LEU I 12 -36.55 -50.99 -17.33
N ARG I 13 -36.56 -51.01 -18.67
CA ARG I 13 -36.14 -52.20 -19.39
C ARG I 13 -35.44 -51.80 -20.67
N SER I 14 -34.55 -52.69 -21.13
CA SER I 14 -33.96 -52.57 -22.45
C SER I 14 -34.89 -53.24 -23.46
N VAL I 15 -34.93 -52.67 -24.66
CA VAL I 15 -35.73 -53.20 -25.76
C VAL I 15 -34.82 -54.06 -26.61
N ASN I 16 -35.24 -55.30 -26.89
CA ASN I 16 -34.44 -56.21 -27.73
C ASN I 16 -34.62 -55.86 -29.20
N SER I 17 -34.08 -54.73 -29.61
CA SER I 17 -34.22 -54.25 -30.98
C SER I 17 -33.32 -55.00 -31.95
N ARG I 18 -32.18 -55.49 -31.47
CA ARG I 18 -31.23 -56.19 -32.33
C ARG I 18 -30.65 -55.27 -33.37
N GLU I 19 -30.56 -53.99 -33.07
CA GLU I 19 -30.04 -53.00 -33.99
C GLU I 19 -28.75 -52.42 -33.40
N PRO I 20 -27.59 -52.81 -33.90
CA PRO I 20 -26.33 -52.45 -33.23
C PRO I 20 -26.07 -50.95 -33.25
N SER I 21 -25.27 -50.52 -32.26
CA SER I 21 -24.92 -49.11 -32.12
C SER I 21 -23.60 -49.01 -31.37
N GLN I 22 -22.62 -48.34 -31.96
CA GLN I 22 -21.31 -48.18 -31.34
C GLN I 22 -21.31 -46.94 -30.46
N VAL I 23 -20.74 -47.07 -29.26
CA VAL I 23 -20.77 -46.03 -28.24
C VAL I 23 -19.38 -45.89 -27.63
N ILE I 24 -18.97 -44.67 -27.32
CA ILE I 24 -17.75 -44.41 -26.57
C ILE I 24 -18.12 -44.17 -25.11
N PHE I 25 -17.62 -45.02 -24.24
CA PHE I 25 -17.81 -44.82 -22.82
C PHE I 25 -16.60 -44.01 -22.40
N CAS I 26 -16.81 -42.81 -21.89
CA CAS I 26 -15.74 -41.89 -21.57
CB CAS I 26 -15.81 -40.78 -22.61
C CAS I 26 -15.77 -41.35 -20.16
O CAS I 26 -16.61 -40.48 -19.83
SG CAS I 26 -14.78 -39.39 -22.25
AS CAS I 26 -12.78 -40.18 -22.80
CE1 CAS I 26 -11.53 -39.36 -21.48
CE2 CAS I 26 -12.28 -39.70 -24.65
N ASN I 27 -14.86 -41.84 -19.31
CA ASN I 27 -14.83 -41.46 -17.89
C ASN I 27 -14.17 -40.12 -17.63
N ARG I 28 -14.97 -39.06 -17.56
CA ARG I 28 -14.49 -37.73 -17.21
C ARG I 28 -14.73 -37.44 -15.73
N SER I 29 -14.33 -38.37 -14.88
CA SER I 29 -14.45 -38.30 -13.44
C SER I 29 -13.17 -38.83 -12.83
N PRO I 30 -12.87 -38.46 -11.57
CA PRO I 30 -11.71 -39.05 -10.90
C PRO I 30 -11.95 -40.42 -10.28
N ARG I 31 -13.11 -41.03 -10.50
CA ARG I 31 -13.47 -42.29 -9.90
C ARG I 31 -13.49 -43.40 -10.95
N VAL I 32 -13.25 -44.63 -10.51
CA VAL I 32 -13.45 -45.79 -11.38
C VAL I 32 -14.94 -46.00 -11.58
N VAL I 33 -15.35 -46.08 -12.85
CA VAL I 33 -16.76 -46.10 -13.23
C VAL I 33 -17.19 -47.53 -13.47
N LEU I 34 -18.34 -47.90 -12.91
CA LEU I 34 -18.99 -49.17 -13.20
C LEU I 34 -20.14 -48.93 -14.16
N PRO I 35 -20.05 -49.47 -15.38
CA PRO I 35 -21.20 -49.38 -16.26
C PRO I 35 -22.25 -50.42 -15.89
N VAL I 36 -23.52 -50.04 -15.85
CA VAL I 36 -24.59 -50.95 -15.45
C VAL I 36 -25.61 -51.00 -16.58
N TRP I 37 -25.82 -52.19 -17.09
CA TRP I 37 -26.81 -52.37 -18.13
C TRP I 37 -28.06 -52.97 -17.57
N LEU I 38 -29.19 -52.42 -17.93
CA LEU I 38 -30.48 -52.97 -17.49
C LEU I 38 -30.90 -54.01 -18.53
N ASN I 39 -30.99 -55.27 -18.12
CA ASN I 39 -31.27 -56.34 -19.06
C ASN I 39 -32.76 -56.35 -19.44
N PHE I 40 -33.14 -57.32 -20.23
CA PHE I 40 -34.52 -57.38 -20.71
C PHE I 40 -35.52 -57.65 -19.61
N ASP I 41 -35.09 -58.22 -18.50
CA ASP I 41 -35.98 -58.38 -17.36
C ASP I 41 -35.98 -57.16 -16.45
N GLY I 42 -35.16 -56.16 -16.74
CA GLY I 42 -35.00 -55.01 -15.87
C GLY I 42 -33.91 -55.16 -14.83
N GLU I 43 -33.23 -56.30 -14.82
CA GLU I 43 -32.22 -56.59 -13.80
C GLU I 43 -30.92 -55.88 -14.14
N PRO I 44 -30.28 -55.21 -13.18
CA PRO I 44 -29.01 -54.55 -13.47
C PRO I 44 -27.87 -55.56 -13.61
N GLN I 45 -27.10 -55.42 -14.69
CA GLN I 45 -25.92 -56.26 -14.90
C GLN I 45 -24.69 -55.38 -14.99
N PRO I 46 -23.70 -55.58 -14.12
CA PRO I 46 -22.48 -54.78 -14.19
C PRO I 46 -21.57 -55.24 -15.32
N TYR I 47 -20.90 -54.26 -15.91
CA TYR I 47 -19.99 -54.54 -17.00
C TYR I 47 -18.62 -54.11 -16.57
N PRO I 48 -17.61 -54.41 -17.36
CA PRO I 48 -16.23 -54.08 -17.01
C PRO I 48 -16.04 -52.63 -16.57
N THR I 49 -15.15 -52.38 -15.61
CA THR I 49 -14.97 -51.04 -15.08
C THR I 49 -14.03 -50.22 -15.95
N LEU I 50 -14.15 -48.90 -15.83
CA LEU I 50 -13.27 -48.00 -16.56
C LEU I 50 -12.50 -47.13 -15.57
N PRO I 51 -11.16 -47.20 -15.60
CA PRO I 51 -10.35 -46.38 -14.68
C PRO I 51 -10.53 -44.90 -14.94
N PRO I 52 -10.19 -44.05 -13.98
CA PRO I 52 -10.40 -42.60 -14.17
C PRO I 52 -9.65 -42.06 -15.37
N GLY I 53 -10.34 -41.22 -16.13
CA GLY I 53 -9.79 -40.60 -17.32
C GLY I 53 -9.61 -41.50 -18.53
N THR I 54 -10.16 -42.71 -18.51
CA THR I 54 -10.02 -43.63 -19.64
C THR I 54 -11.28 -43.68 -20.48
N GLY I 55 -11.14 -44.22 -21.68
CA GLY I 55 -12.25 -44.40 -22.59
C GLY I 55 -12.16 -45.72 -23.30
N ARG I 56 -13.33 -46.23 -23.71
CA ARG I 56 -13.39 -47.48 -24.40
C ARG I 56 -14.50 -47.48 -25.43
N ARG I 57 -14.26 -48.08 -26.59
CA ARG I 57 -15.25 -48.17 -27.65
C ARG I 57 -15.94 -49.53 -27.54
N ILE I 58 -17.25 -49.47 -27.37
CA ILE I 58 -18.00 -50.68 -27.12
C ILE I 58 -19.16 -50.86 -28.06
N HIS I 59 -19.66 -52.08 -28.12
CA HIS I 59 -20.76 -52.38 -28.99
C HIS I 59 -22.01 -52.61 -28.17
N SER I 60 -23.10 -51.94 -28.52
CA SER I 60 -24.35 -52.12 -27.83
C SER I 60 -25.44 -52.00 -28.88
N TYR I 61 -26.65 -51.73 -28.45
CA TYR I 61 -27.76 -51.68 -29.39
C TYR I 61 -28.71 -50.53 -29.14
N ARG I 62 -29.43 -50.14 -30.17
CA ARG I 62 -30.42 -49.08 -30.04
C ARG I 62 -31.52 -49.47 -29.07
N GLY I 63 -31.89 -48.53 -28.19
CA GLY I 63 -32.95 -48.75 -27.24
C GLY I 63 -32.56 -49.42 -25.94
N HIS I 64 -31.27 -49.65 -25.75
CA HIS I 64 -30.79 -50.27 -24.53
C HIS I 64 -30.60 -49.24 -23.42
N LEU I 65 -30.76 -49.67 -22.17
CA LEU I 65 -30.69 -48.76 -21.03
C LEU I 65 -29.41 -49.00 -20.26
N TRP I 66 -28.69 -47.93 -19.96
CA TRP I 66 -27.47 -48.01 -19.19
C TRP I 66 -27.39 -46.90 -18.17
N LEU I 67 -26.84 -47.18 -17.00
CA LEU I 67 -26.57 -46.15 -16.01
C LEU I 67 -25.17 -46.39 -15.50
N PHE I 68 -24.64 -45.44 -14.74
CA PHE I 68 -23.22 -45.49 -14.35
C PHE I 68 -23.04 -45.08 -12.90
N ARG I 69 -22.19 -45.84 -12.20
CA ARG I 69 -21.92 -45.65 -10.78
C ARG I 69 -20.42 -45.74 -10.53
N ASP I 70 -20.02 -45.30 -9.35
CA ASP I 70 -18.68 -45.57 -8.84
C ASP I 70 -18.54 -47.05 -8.49
N ALA I 71 -17.43 -47.64 -8.94
CA ALA I 71 -17.21 -49.06 -8.78
C ALA I 71 -16.93 -49.45 -7.33
N GLY I 72 -16.38 -48.54 -6.53
CA GLY I 72 -16.03 -48.88 -5.18
C GLY I 72 -17.14 -48.63 -4.16
N THR I 73 -18.02 -47.68 -4.46
CA THR I 73 -19.04 -47.26 -3.51
C THR I 73 -20.46 -47.24 -4.07
N HIS I 74 -20.63 -47.43 -5.38
CA HIS I 74 -21.92 -47.41 -6.06
C HIS I 74 -22.59 -46.03 -6.02
N ASP I 75 -21.85 -44.98 -5.71
CA ASP I 75 -22.40 -43.63 -5.81
C ASP I 75 -22.87 -43.37 -7.23
N GLY I 76 -23.99 -42.65 -7.35
CA GLY I 76 -24.54 -42.35 -8.65
C GLY I 76 -23.68 -41.37 -9.42
N LEU I 77 -23.58 -41.59 -10.73
CA LEU I 77 -22.86 -40.72 -11.65
C LEU I 77 -23.77 -40.29 -12.79
N LEU I 78 -23.38 -39.23 -13.47
CA LEU I 78 -24.14 -38.67 -14.57
C LEU I 78 -23.52 -39.08 -15.88
N VAL I 79 -24.37 -39.32 -16.87
CA VAL I 79 -23.94 -39.59 -18.24
C VAL I 79 -24.66 -38.61 -19.15
N ASN I 80 -23.91 -37.80 -19.87
CA ASN I 80 -24.46 -36.72 -20.68
C ASN I 80 -25.43 -35.87 -19.85
N GLN I 81 -25.03 -35.59 -18.61
CA GLN I 81 -25.72 -34.72 -17.67
C GLN I 81 -27.08 -35.26 -17.25
N THR I 82 -27.35 -36.53 -17.51
CA THR I 82 -28.59 -37.19 -17.11
C THR I 82 -28.27 -38.54 -16.46
N GLU I 83 -29.32 -39.20 -15.95
CA GLU I 83 -29.14 -40.43 -15.21
C GLU I 83 -29.07 -41.66 -16.10
N LEU I 84 -29.84 -41.69 -17.18
CA LEU I 84 -29.93 -42.84 -18.05
C LEU I 84 -29.40 -42.48 -19.43
N PHE I 85 -28.75 -43.45 -20.08
CA PHE I 85 -28.20 -43.28 -21.41
C PHE I 85 -28.79 -44.35 -22.31
N VAL I 86 -29.32 -43.95 -23.46
CA VAL I 86 -29.94 -44.88 -24.40
C VAL I 86 -29.23 -44.77 -25.75
N PRO I 87 -28.52 -45.81 -26.18
CA PRO I 87 -27.85 -45.78 -27.48
C PRO I 87 -28.82 -45.49 -28.62
N SER I 88 -28.43 -44.58 -29.50
CA SER I 88 -29.23 -44.23 -30.65
C SER I 88 -28.54 -44.75 -31.91
N LEU I 89 -29.02 -44.32 -33.06
CA LEU I 89 -28.46 -44.75 -34.34
C LEU I 89 -27.19 -43.96 -34.66
N ASN I 90 -26.15 -44.67 -35.07
CA ASN I 90 -24.89 -44.04 -35.47
C ASN I 90 -25.05 -43.40 -36.85
N VAL I 91 -25.11 -42.07 -36.88
CA VAL I 91 -25.24 -41.34 -38.12
C VAL I 91 -23.87 -41.13 -38.75
N ASP I 92 -23.75 -41.49 -40.03
CA ASP I 92 -22.50 -41.37 -40.79
C ASP I 92 -21.35 -42.17 -40.15
N GLY I 93 -21.68 -43.27 -39.47
CA GLY I 93 -20.69 -44.08 -38.80
C GLY I 93 -20.14 -43.51 -37.52
N GLN I 94 -20.47 -42.26 -37.19
CA GLN I 94 -19.95 -41.66 -35.97
C GLN I 94 -20.57 -42.32 -34.76
N PRO I 95 -19.77 -42.78 -33.80
CA PRO I 95 -20.36 -43.43 -32.62
C PRO I 95 -21.01 -42.43 -31.69
N ILE I 96 -21.90 -42.95 -30.85
CA ILE I 96 -22.58 -42.10 -29.87
C ILE I 96 -21.65 -41.93 -28.69
N PHE I 97 -21.56 -40.72 -28.15
CA PHE I 97 -20.53 -40.43 -27.18
C PHE I 97 -21.23 -40.35 -25.81
N ALA I 98 -20.78 -41.15 -24.85
CA ALA I 98 -21.35 -41.15 -23.49
C ALA I 98 -20.35 -40.54 -22.51
N ASN I 99 -20.66 -39.34 -22.02
CA ASN I 99 -19.76 -38.57 -21.15
C ASN I 99 -20.15 -38.77 -19.69
N ILE I 100 -19.41 -39.63 -18.99
CA ILE I 100 -19.68 -39.95 -17.59
C ILE I 100 -18.97 -38.93 -16.72
N THR I 101 -19.73 -38.20 -15.91
CA THR I 101 -19.16 -37.14 -15.07
C THR I 101 -19.70 -37.21 -13.65
N LEU I 102 -19.00 -36.51 -12.77
CA LEU I 102 -19.42 -36.35 -11.39
C LEU I 102 -20.66 -35.46 -11.32
N PRO I 103 -21.65 -35.82 -10.52
CA PRO I 103 -22.72 -34.86 -10.21
C PRO I 103 -22.21 -33.83 -9.22
N VAL I 104 -22.90 -32.70 -9.18
CA VAL I 104 -22.66 -31.78 -8.07
C VAL I 104 -23.42 -32.35 -6.88
N TYR I 105 -22.72 -33.14 -6.07
CA TYR I 105 -23.34 -33.73 -4.89
C TYR I 105 -23.70 -32.64 -3.88
N THR I 106 -24.77 -32.91 -3.11
CA THR I 106 -25.01 -32.10 -1.92
C THR I 106 -23.85 -32.28 -0.95
N LEU I 107 -23.63 -31.26 -0.12
CA LEU I 107 -22.55 -31.35 0.86
C LEU I 107 -22.80 -32.49 1.84
N LYS I 108 -24.05 -32.81 2.13
CA LYS I 108 -24.36 -33.90 3.04
C LYS I 108 -23.95 -35.25 2.45
N GLU I 109 -24.30 -35.50 1.19
CA GLU I 109 -23.91 -36.76 0.56
C GLU I 109 -22.41 -36.86 0.43
N ARG I 110 -21.74 -35.75 0.10
CA ARG I 110 -20.30 -35.76 -0.04
C ARG I 110 -19.61 -36.07 1.30
N CYS I 111 -20.16 -35.55 2.39
CA CYS I 111 -19.63 -35.88 3.71
C CYS I 111 -19.86 -37.34 4.05
N LEU I 112 -21.05 -37.86 3.73
CA LEU I 112 -21.32 -39.29 3.96
C LEU I 112 -20.32 -40.17 3.21
N GLN I 113 -20.02 -39.82 1.95
CA GLN I 113 -19.09 -40.61 1.16
C GLN I 113 -17.72 -40.68 1.83
N VAL I 114 -17.22 -39.53 2.28
CA VAL I 114 -15.90 -39.49 2.91
C VAL I 114 -15.89 -40.30 4.20
N VAL I 115 -16.97 -40.21 4.99
CA VAL I 115 -17.00 -40.95 6.25
C VAL I 115 -17.13 -42.45 5.98
N ARG I 116 -17.99 -42.84 5.03
CA ARG I 116 -18.13 -44.26 4.69
C ARG I 116 -16.79 -44.86 4.26
N SER I 117 -15.97 -44.07 3.55
CA SER I 117 -14.66 -44.53 3.13
C SER I 117 -13.67 -44.60 4.29
N LEU I 118 -13.96 -43.94 5.41
CA LEU I 118 -13.05 -43.89 6.55
C LEU I 118 -13.44 -44.81 7.70
N VAL I 119 -14.72 -45.14 7.85
CA VAL I 119 -15.20 -45.93 8.98
C VAL I 119 -15.72 -47.27 8.48
N LYS I 120 -15.34 -48.35 9.17
CA LYS I 120 -15.90 -49.66 8.87
C LYS I 120 -17.39 -49.68 9.19
N PRO I 121 -18.17 -50.48 8.46
CA PRO I 121 -19.62 -50.52 8.73
C PRO I 121 -19.99 -50.96 10.13
N GLU I 122 -19.18 -51.81 10.77
CA GLU I 122 -19.47 -52.23 12.13
C GLU I 122 -19.33 -51.08 13.12
N ASN I 123 -18.46 -50.11 12.82
CA ASN I 123 -18.14 -49.01 13.71
C ASN I 123 -18.93 -47.74 13.43
N TYR I 124 -19.98 -47.79 12.60
CA TYR I 124 -20.78 -46.60 12.34
C TYR I 124 -21.48 -46.12 13.60
N ARG I 125 -22.11 -47.03 14.35
CA ARG I 125 -22.84 -46.67 15.55
C ARG I 125 -21.95 -46.25 16.70
N ARG I 126 -20.63 -46.27 16.53
CA ARG I 126 -19.70 -45.81 17.55
C ARG I 126 -19.30 -44.35 17.36
N LEU I 127 -19.64 -43.75 16.23
CA LEU I 127 -19.31 -42.35 16.01
C LEU I 127 -20.23 -41.45 16.82
N ASP I 128 -19.69 -40.31 17.26
CA ASP I 128 -20.42 -39.36 18.09
C ASP I 128 -21.22 -38.44 17.16
N ILE I 129 -22.42 -38.89 16.80
CA ILE I 129 -23.31 -38.19 15.89
C ILE I 129 -24.73 -38.48 16.32
N VAL I 130 -25.71 -37.82 15.68
CA VAL I 130 -27.09 -38.11 15.98
C VAL I 130 -27.43 -39.49 15.42
N ARG I 131 -28.39 -40.16 16.05
CA ARG I 131 -28.81 -41.47 15.57
C ARG I 131 -29.27 -41.42 14.12
N SER I 132 -29.78 -40.27 13.67
CA SER I 132 -30.25 -40.13 12.29
C SER I 132 -29.13 -40.34 11.28
N LEU I 133 -27.94 -39.84 11.57
CA LEU I 133 -26.80 -39.97 10.66
C LEU I 133 -26.22 -41.37 10.64
N TYR I 134 -26.40 -42.13 11.73
CA TYR I 134 -26.01 -43.54 11.68
C TYR I 134 -26.89 -44.29 10.69
N GLU I 135 -28.19 -44.03 10.68
CA GLU I 135 -29.06 -44.62 9.68
C GLU I 135 -28.74 -44.10 8.28
N ASP I 136 -28.27 -42.86 8.18
CA ASP I 136 -27.88 -42.31 6.88
C ASP I 136 -26.60 -42.98 6.38
N LEU I 137 -25.67 -43.28 7.29
CA LEU I 137 -24.44 -43.96 6.92
C LEU I 137 -24.70 -45.39 6.46
N GLU I 138 -25.71 -46.05 7.02
CA GLU I 138 -26.04 -47.42 6.63
C GLU I 138 -26.79 -47.49 5.31
N ASP I 139 -27.42 -46.39 4.89
CA ASP I 139 -28.14 -46.32 3.62
C ASP I 139 -27.17 -46.19 2.45
N HIS I 140 -26.27 -47.18 2.34
CA HIS I 140 -25.28 -47.15 1.27
C HIS I 140 -25.99 -47.13 -0.08
N PRO I 141 -25.48 -46.38 -1.06
CA PRO I 141 -26.13 -46.35 -2.37
C PRO I 141 -26.14 -47.75 -3.00
N ASN I 142 -27.29 -48.11 -3.55
CA ASN I 142 -27.43 -49.38 -4.25
C ASN I 142 -28.40 -49.18 -5.41
N VAL I 143 -28.08 -49.76 -6.56
CA VAL I 143 -28.79 -49.46 -7.80
C VAL I 143 -30.22 -49.98 -7.76
N GLN I 144 -30.43 -51.18 -7.23
CA GLN I 144 -31.75 -51.81 -7.27
C GLN I 144 -32.78 -50.94 -6.57
N LYS I 145 -32.40 -50.47 -5.37
CA LYS I 145 -33.31 -49.55 -4.64
C LYS I 145 -33.70 -48.28 -5.47
N ASP I 146 -32.73 -47.66 -6.14
CA ASP I 146 -33.07 -46.41 -6.80
C ASP I 146 -33.94 -46.67 -8.00
N LEU I 147 -33.79 -47.82 -8.65
CA LEU I 147 -34.62 -48.16 -9.82
C LEU I 147 -36.08 -48.27 -9.40
N GLU I 148 -36.32 -48.80 -8.21
CA GLU I 148 -37.68 -48.89 -7.71
C GLU I 148 -38.25 -47.52 -7.36
N ARG I 149 -37.40 -46.59 -6.94
CA ARG I 149 -37.87 -45.24 -6.67
C ARG I 149 -38.37 -44.56 -7.94
N LEU I 150 -37.61 -44.66 -9.02
CA LEU I 150 -38.08 -44.13 -10.30
C LEU I 150 -39.27 -44.92 -10.83
N THR I 151 -39.29 -46.23 -10.61
CA THR I 151 -40.43 -47.04 -11.02
C THR I 151 -41.70 -46.67 -10.28
N GLN I 152 -41.58 -45.99 -9.14
CA GLN I 152 -42.75 -45.55 -8.39
C GLN I 152 -42.90 -44.03 -8.47
N MET J 1 -12.25 15.81 -42.34
CA MET J 1 -11.98 16.35 -41.01
C MET J 1 -11.97 15.20 -40.00
N ASP J 2 -11.03 15.35 -39.10
CA ASP J 2 -10.68 14.38 -38.10
C ASP J 2 -11.41 14.59 -36.80
N VAL J 3 -11.72 13.49 -36.11
CA VAL J 3 -12.28 13.54 -34.77
C VAL J 3 -11.27 12.89 -33.84
N PHE J 4 -11.18 13.42 -32.62
CA PHE J 4 -10.17 12.99 -31.67
C PHE J 4 -10.89 12.41 -30.47
N LEU J 5 -10.51 11.19 -30.07
CA LEU J 5 -11.34 10.39 -29.20
C LEU J 5 -10.52 9.80 -28.06
N MET J 6 -11.20 9.57 -26.94
CA MET J 6 -10.68 8.81 -25.81
C MET J 6 -11.50 7.54 -25.71
N ILE J 7 -10.85 6.39 -25.95
CA ILE J 7 -11.49 5.10 -25.77
C ILE J 7 -11.13 4.63 -24.37
N ARG J 8 -12.14 4.52 -23.50
CA ARG J 8 -11.94 4.34 -22.07
C ARG J 8 -12.57 3.04 -21.61
N ARG J 9 -11.78 2.25 -20.89
CA ARG J 9 -12.26 1.01 -20.26
C ARG J 9 -11.53 0.84 -18.92
N HIS J 10 -12.29 0.87 -17.83
CA HIS J 10 -11.75 0.72 -16.46
C HIS J 10 -10.78 1.85 -16.21
N LYS J 11 -9.49 1.58 -15.98
CA LYS J 11 -8.48 2.62 -15.81
C LYS J 11 -7.61 2.77 -17.06
N THR J 12 -8.06 2.23 -18.18
CA THR J 12 -7.36 2.31 -19.44
C THR J 12 -7.96 3.42 -20.29
N THR J 13 -7.10 4.26 -20.87
CA THR J 13 -7.53 5.36 -21.71
C THR J 13 -6.67 5.41 -22.95
N ILE J 14 -7.28 5.22 -24.12
CA ILE J 14 -6.56 5.27 -25.39
C ILE J 14 -6.86 6.60 -26.06
N PHE J 15 -5.82 7.31 -26.47
CA PHE J 15 -5.96 8.55 -27.22
C PHE J 15 -5.71 8.20 -28.68
N THR J 16 -6.70 8.43 -29.53
CA THR J 16 -6.54 8.14 -30.94
C THR J 16 -7.43 9.07 -31.75
N ASP J 17 -7.21 9.08 -33.07
CA ASP J 17 -7.97 9.90 -33.99
C ASP J 17 -8.56 9.05 -35.10
N ALA J 18 -9.57 9.59 -35.75
CA ALA J 18 -10.20 8.96 -36.91
C ALA J 18 -10.86 10.06 -37.75
N LYS J 19 -11.59 9.65 -38.78
CA LYS J 19 -12.35 10.54 -39.64
C LYS J 19 -13.84 10.36 -39.36
N GLU J 20 -14.63 11.39 -39.69
CA GLU J 20 -16.08 11.27 -39.56
C GLU J 20 -16.65 10.17 -40.44
N SER J 21 -15.96 9.85 -41.54
CA SER J 21 -16.40 8.78 -42.44
C SER J 21 -16.03 7.40 -41.96
N SER J 22 -15.15 7.28 -40.98
CA SER J 22 -14.75 5.99 -40.44
C SER J 22 -15.92 5.30 -39.75
N THR J 23 -15.89 3.97 -39.74
CA THR J 23 -16.95 3.19 -39.11
C THR J 23 -16.53 2.75 -37.72
N VAL J 24 -17.51 2.31 -36.93
CA VAL J 24 -17.23 1.79 -35.60
C VAL J 24 -16.38 0.54 -35.67
N PHE J 25 -16.50 -0.23 -36.73
CA PHE J 25 -15.68 -1.40 -36.85
C PHE J 25 -14.21 -1.05 -36.97
N GLU J 26 -13.90 -0.08 -37.81
CA GLU J 26 -12.51 0.25 -38.03
C GLU J 26 -11.87 0.75 -36.76
N LEU J 27 -12.66 1.37 -35.91
CA LEU J 27 -12.14 1.86 -34.65
C LEU J 27 -11.84 0.69 -33.76
N LYS J 28 -12.65 -0.35 -33.86
CA LYS J 28 -12.43 -1.52 -33.05
C LYS J 28 -11.18 -2.23 -33.50
N ARG J 29 -10.81 -2.05 -34.76
CA ARG J 29 -9.58 -2.63 -35.26
C ARG J 29 -8.37 -1.90 -34.67
N ILE J 30 -8.50 -0.61 -34.47
CA ILE J 30 -7.42 0.15 -33.86
C ILE J 30 -7.20 -0.35 -32.46
N VAL J 31 -8.29 -0.58 -31.76
CA VAL J 31 -8.20 -1.09 -30.40
C VAL J 31 -7.57 -2.46 -30.38
N GLU J 32 -7.89 -3.27 -31.38
CA GLU J 32 -7.35 -4.60 -31.43
C GLU J 32 -5.86 -4.54 -31.60
N GLY J 33 -5.40 -3.57 -32.37
CA GLY J 33 -3.98 -3.43 -32.56
C GLY J 33 -3.30 -2.93 -31.32
N ILE J 34 -4.06 -2.28 -30.45
CA ILE J 34 -3.48 -1.76 -29.22
C ILE J 34 -3.59 -2.78 -28.09
N LEU J 35 -4.81 -3.24 -27.81
CA LEU J 35 -5.05 -4.14 -26.68
C LEU J 35 -5.11 -5.60 -27.09
N LYS J 36 -4.99 -5.91 -28.39
CA LYS J 36 -4.87 -7.29 -28.88
C LYS J 36 -6.11 -8.13 -28.55
N ARG J 37 -7.29 -7.54 -28.70
CA ARG J 37 -8.54 -8.26 -28.53
C ARG J 37 -9.42 -8.02 -29.75
N PRO J 38 -10.02 -9.06 -30.34
CA PRO J 38 -10.72 -8.93 -31.63
C PRO J 38 -12.04 -8.16 -31.52
N PRO J 39 -12.50 -7.57 -32.63
CA PRO J 39 -13.73 -6.79 -32.60
C PRO J 39 -14.96 -7.56 -32.10
N ASP J 40 -15.17 -8.81 -32.49
CA ASP J 40 -16.30 -9.56 -31.95
C ASP J 40 -16.30 -9.60 -30.43
N GLU J 41 -15.16 -9.42 -29.77
CA GLU J 41 -15.13 -9.43 -28.31
C GLU J 41 -15.18 -8.03 -27.70
N GLN J 42 -15.47 -7.01 -28.51
CA GLN J 42 -15.52 -5.61 -28.07
C GLN J 42 -16.91 -5.02 -28.23
N ARG J 43 -17.27 -4.13 -27.30
CA ARG J 43 -18.46 -3.30 -27.45
C ARG J 43 -18.07 -1.85 -27.22
N LEU J 44 -18.44 -0.97 -28.15
CA LEU J 44 -18.15 0.45 -28.06
C LEU J 44 -19.43 1.22 -27.79
N TYR J 45 -19.32 2.28 -26.99
CA TYR J 45 -20.46 3.05 -26.54
C TYR J 45 -20.20 4.54 -26.71
N LYS J 46 -21.23 5.27 -27.12
CA LYS J 46 -21.26 6.72 -26.94
C LYS J 46 -22.22 6.97 -25.79
N ASP J 47 -21.68 7.41 -24.65
CA ASP J 47 -22.41 7.47 -23.38
C ASP J 47 -22.89 6.06 -23.08
N ASP J 48 -24.18 5.79 -22.96
CA ASP J 48 -24.68 4.45 -22.68
C ASP J 48 -25.21 3.72 -23.92
N GLN J 49 -25.21 4.35 -25.08
CA GLN J 49 -25.76 3.75 -26.30
C GLN J 49 -24.69 2.91 -27.01
N LEU J 50 -25.03 1.67 -27.31
CA LEU J 50 -24.12 0.79 -28.05
C LEU J 50 -24.01 1.22 -29.50
N LEU J 51 -22.78 1.22 -30.03
CA LEU J 51 -22.51 1.65 -31.39
C LEU J 51 -22.44 0.46 -32.33
N ASP J 52 -23.11 0.58 -33.47
CA ASP J 52 -23.21 -0.51 -34.43
C ASP J 52 -21.99 -0.47 -35.34
N ASP J 53 -21.41 -1.65 -35.62
CA ASP J 53 -20.15 -1.70 -36.36
C ASP J 53 -20.23 -0.96 -37.69
N GLY J 54 -21.37 -1.08 -38.38
CA GLY J 54 -21.48 -0.54 -39.71
C GLY J 54 -21.69 0.96 -39.79
N LYS J 55 -22.13 1.58 -38.69
CA LYS J 55 -22.44 3.01 -38.73
C LYS J 55 -21.15 3.82 -38.72
N THR J 56 -21.19 4.97 -39.38
CA THR J 56 -20.05 5.87 -39.38
C THR J 56 -20.04 6.73 -38.12
N LEU J 57 -18.85 7.23 -37.78
CA LEU J 57 -18.70 8.03 -36.56
C LEU J 57 -19.50 9.32 -36.64
N GLY J 58 -19.57 9.94 -37.81
CA GLY J 58 -20.41 11.12 -37.97
C GLY J 58 -21.85 10.86 -37.60
N GLU J 59 -22.39 9.72 -38.04
CA GLU J 59 -23.75 9.32 -37.72
C GLU J 59 -24.01 9.19 -36.22
N CAS J 60 -23.05 8.63 -35.48
CA CAS J 60 -23.20 8.42 -34.05
CB CAS J 60 -22.29 7.30 -33.57
C CAS J 60 -22.93 9.68 -33.27
O CAS J 60 -22.82 9.60 -32.02
SG CAS J 60 -22.74 5.78 -34.33
AS CAS J 60 -24.84 5.49 -33.60
CE1 CAS J 60 -26.11 5.80 -35.10
CE2 CAS J 60 -25.11 3.63 -32.97
N GLY J 61 -22.82 10.82 -33.93
CA GLY J 61 -22.75 12.09 -33.23
C GLY J 61 -21.36 12.57 -32.83
N PHE J 62 -20.33 11.93 -33.36
CA PHE J 62 -18.95 12.36 -33.15
C PHE J 62 -18.58 13.26 -34.31
N THR J 63 -18.45 14.57 -34.04
CA THR J 63 -18.21 15.54 -35.09
C THR J 63 -16.88 16.23 -34.83
N SER J 64 -16.31 16.80 -35.89
CA SER J 64 -15.01 17.45 -35.81
C SER J 64 -15.00 18.60 -34.80
N GLN J 65 -16.17 19.14 -34.45
CA GLN J 65 -16.26 20.29 -33.57
C GLN J 65 -16.65 19.94 -32.13
N THR J 66 -17.02 18.69 -31.86
CA THR J 66 -17.20 18.23 -30.48
C THR J 66 -16.13 17.26 -30.04
N ALA J 67 -15.50 16.55 -30.97
CA ALA J 67 -14.37 15.67 -30.68
C ALA J 67 -13.11 16.41 -31.10
N ARG J 68 -12.59 17.25 -30.20
CA ARG J 68 -11.50 18.15 -30.56
C ARG J 68 -10.16 17.64 -30.02
N PRO J 69 -9.04 17.97 -30.68
CA PRO J 69 -7.75 17.48 -30.19
C PRO J 69 -7.45 17.91 -28.77
N GLN J 70 -7.80 19.15 -28.42
CA GLN J 70 -7.56 19.71 -27.09
C GLN J 70 -8.64 19.35 -26.09
N ALA J 71 -9.67 18.61 -26.51
CA ALA J 71 -10.78 18.17 -25.67
C ALA J 71 -11.49 17.00 -26.34
N PRO J 72 -10.92 15.81 -26.36
CA PRO J 72 -11.49 14.72 -27.17
C PRO J 72 -12.79 14.18 -26.59
N ALA J 73 -13.52 13.48 -27.45
CA ALA J 73 -14.77 12.83 -27.06
C ALA J 73 -14.49 11.44 -26.53
N THR J 74 -15.30 11.01 -25.57
CA THR J 74 -15.08 9.74 -24.89
C THR J 74 -15.94 8.64 -25.50
N VAL J 75 -15.30 7.53 -25.84
CA VAL J 75 -15.95 6.34 -26.36
C VAL J 75 -15.72 5.22 -25.37
N GLY J 76 -16.80 4.62 -24.87
CA GLY J 76 -16.66 3.54 -23.92
C GLY J 76 -16.26 2.24 -24.58
N LEU J 77 -15.54 1.41 -23.82
CA LEU J 77 -15.07 0.11 -24.30
C LEU J 77 -15.46 -0.95 -23.30
N ALA J 78 -15.99 -2.06 -23.79
CA ALA J 78 -16.39 -3.18 -22.95
C ALA J 78 -15.98 -4.47 -23.62
N PHE J 79 -15.30 -5.34 -22.88
CA PHE J 79 -14.78 -6.59 -23.40
C PHE J 79 -15.70 -7.75 -23.03
N ARG J 80 -15.51 -8.88 -23.69
CA ARG J 80 -16.30 -10.08 -23.42
C ARG J 80 -15.46 -11.02 -22.56
N ALA J 81 -15.88 -11.16 -21.30
CA ALA J 81 -15.24 -12.10 -20.37
C ALA J 81 -15.75 -13.50 -20.69
N ASP J 82 -14.91 -14.27 -21.39
CA ASP J 82 -15.16 -15.66 -21.78
C ASP J 82 -16.32 -15.80 -22.75
N ASP J 83 -17.56 -15.72 -22.26
CA ASP J 83 -18.75 -15.81 -23.11
C ASP J 83 -19.73 -14.67 -22.93
N THR J 84 -19.67 -13.96 -21.81
CA THR J 84 -20.58 -12.87 -21.49
C THR J 84 -19.81 -11.56 -21.56
N PHE J 85 -20.42 -10.54 -22.13
CA PHE J 85 -19.78 -9.23 -22.14
C PHE J 85 -19.84 -8.60 -20.76
N GLU J 86 -18.73 -7.96 -20.37
CA GLU J 86 -18.71 -7.25 -19.10
C GLU J 86 -19.53 -5.97 -19.22
N ALA J 87 -19.89 -5.42 -18.07
CA ALA J 87 -20.54 -4.13 -18.07
C ALA J 87 -19.54 -3.04 -18.42
N LEU J 88 -20.05 -1.93 -18.94
CA LEU J 88 -19.20 -0.78 -19.22
C LEU J 88 -18.77 -0.11 -17.92
N CAS J 89 -17.47 -0.15 -17.63
CA CAS J 89 -16.94 0.48 -16.43
CB CAS J 89 -16.38 -0.58 -15.48
C CAS J 89 -15.88 1.46 -16.82
O CAS J 89 -14.91 1.10 -17.51
SG CAS J 89 -15.33 0.14 -14.27
AS CAS J 89 -16.73 0.84 -12.68
CE1 CAS J 89 -16.91 -0.55 -11.26
CE2 CAS J 89 -16.02 2.52 -11.87
N ILE J 90 -16.05 2.71 -16.39
CA ILE J 90 -15.05 3.75 -16.65
C ILE J 90 -14.64 4.42 -15.35
N GLU J 91 -13.43 4.16 -14.89
CA GLU J 91 -12.98 4.76 -13.64
C GLU J 91 -12.80 6.25 -13.82
N PRO J 92 -13.38 7.08 -12.97
CA PRO J 92 -13.15 8.53 -13.08
C PRO J 92 -11.70 8.87 -12.80
N PHE J 93 -11.27 10.01 -13.34
CA PHE J 93 -9.94 10.49 -13.04
C PHE J 93 -9.89 10.99 -11.61
N SER J 94 -8.69 11.29 -11.13
CA SER J 94 -8.58 11.74 -9.75
C SER J 94 -9.28 13.09 -9.57
N SER J 95 -9.64 13.38 -8.34
CA SER J 95 -10.30 14.67 -8.26
C SER J 95 -9.31 15.73 -7.85
N PRO J 96 -9.39 16.92 -8.44
CA PRO J 96 -8.49 17.99 -8.04
C PRO J 96 -8.82 18.46 -6.64
N PRO J 97 -7.85 18.99 -5.90
CA PRO J 97 -8.14 19.48 -4.55
C PRO J 97 -8.93 20.78 -4.59
N GLU J 98 -9.26 21.32 -3.42
CA GLU J 98 -9.91 22.62 -3.40
C GLU J 98 -8.93 23.69 -3.83
N LEU J 99 -9.46 24.71 -4.49
CA LEU J 99 -8.64 25.83 -4.95
C LEU J 99 -7.92 26.48 -3.78
N PRO J 100 -6.60 26.68 -3.87
CA PRO J 100 -5.91 27.47 -2.85
C PRO J 100 -6.52 28.86 -2.69
N ASP J 101 -6.32 29.44 -1.51
CA ASP J 101 -6.97 30.69 -1.16
C ASP J 101 -6.52 31.84 -2.07
N VAL J 102 -5.22 31.94 -2.33
CA VAL J 102 -4.67 33.02 -3.16
C VAL J 102 -5.19 32.98 -4.58
N MET J 103 -5.81 31.88 -5.00
CA MET J 103 -6.36 31.76 -6.35
C MET J 103 -7.87 31.99 -6.38
N LYS J 104 -8.54 31.98 -5.23
CA LYS J 104 -9.98 32.20 -5.17
C LYS J 104 -10.31 33.67 -5.46
N MET K 1 0.13 1.92 -36.06
CA MET K 1 1.11 2.92 -35.60
C MET K 1 1.64 2.38 -34.29
N MET K 2 2.67 3.01 -33.73
CA MET K 2 3.18 2.50 -32.46
C MET K 2 2.65 3.37 -31.34
N TYR K 3 2.31 2.72 -30.23
CA TYR K 3 1.70 3.36 -29.10
C TYR K 3 2.57 3.21 -27.86
N VAL K 4 2.49 4.20 -26.98
CA VAL K 4 3.25 4.22 -25.74
C VAL K 4 2.23 4.33 -24.61
N LYS K 5 2.63 3.85 -23.44
CA LYS K 5 1.76 3.81 -22.28
C LYS K 5 2.28 4.81 -21.25
N LEU K 6 1.42 5.66 -20.74
CA LEU K 6 1.78 6.60 -19.69
C LEU K 6 0.92 6.32 -18.47
N ILE K 7 1.55 5.96 -17.36
CA ILE K 7 0.85 5.56 -16.15
C ILE K 7 0.98 6.67 -15.12
N SER K 8 -0.15 7.10 -14.58
CA SER K 8 -0.16 8.17 -13.58
C SER K 8 0.08 7.58 -12.20
N SER K 9 0.10 8.47 -11.18
CA SER K 9 0.35 8.01 -9.82
C SER K 9 -0.80 7.17 -9.28
N ASP K 10 -2.03 7.47 -9.69
CA ASP K 10 -3.20 6.74 -9.20
C ASP K 10 -3.57 5.54 -10.08
N GLY K 11 -2.68 5.12 -10.97
CA GLY K 11 -2.84 3.86 -11.68
C GLY K 11 -3.49 3.95 -13.05
N HIS K 12 -3.99 5.13 -13.44
CA HIS K 12 -4.61 5.27 -14.76
C HIS K 12 -3.58 5.08 -15.86
N GLU K 13 -4.00 4.39 -16.92
CA GLU K 13 -3.12 4.04 -18.02
C GLU K 13 -3.56 4.80 -19.27
N PHE K 14 -2.68 5.65 -19.78
CA PHE K 14 -2.96 6.47 -20.95
C PHE K 14 -2.09 5.96 -22.10
N ILE K 15 -2.74 5.53 -23.18
CA ILE K 15 -2.04 4.98 -24.33
C ILE K 15 -2.08 6.03 -25.43
N VAL K 16 -0.91 6.55 -25.79
CA VAL K 16 -0.80 7.59 -26.81
C VAL K 16 0.12 7.08 -27.91
N LYS K 17 -0.03 7.66 -29.09
CA LYS K 17 0.85 7.34 -30.20
C LYS K 17 2.27 7.81 -29.92
N ARG K 18 3.24 7.00 -30.36
CA ARG K 18 4.63 7.34 -30.12
C ARG K 18 4.99 8.67 -30.78
N GLU K 19 4.52 8.89 -32.01
CA GLU K 19 4.85 10.12 -32.72
C GLU K 19 4.36 11.35 -31.95
N HIS K 20 3.15 11.28 -31.40
CA HIS K 20 2.64 12.39 -30.60
C HIS K 20 3.48 12.60 -29.34
N ALA K 21 3.90 11.51 -28.70
CA ALA K 21 4.66 11.60 -27.46
C ALA K 21 6.06 12.16 -27.69
N LEU K 22 6.66 11.89 -28.86
CA LEU K 22 8.01 12.39 -29.12
C LEU K 22 8.07 13.90 -29.20
N THR K 23 6.91 14.57 -29.17
CA THR K 23 6.84 16.01 -28.94
C THR K 23 7.76 16.45 -27.80
N SER K 24 7.66 15.79 -26.66
CA SER K 24 8.50 16.10 -25.52
C SER K 24 9.80 15.33 -25.63
N GLY K 25 10.90 16.06 -25.75
CA GLY K 25 12.20 15.40 -25.68
C GLY K 25 12.39 14.71 -24.34
N THR K 26 11.72 15.22 -23.31
CA THR K 26 11.72 14.58 -22.01
C THR K 26 11.22 13.14 -22.11
N ILE K 27 10.05 12.97 -22.74
CA ILE K 27 9.46 11.64 -22.91
C ILE K 27 10.36 10.76 -23.78
N LYS K 28 10.86 11.32 -24.88
CA LYS K 28 11.78 10.61 -25.76
C LYS K 28 12.98 10.08 -25.00
N ALA K 29 13.52 10.90 -24.10
CA ALA K 29 14.64 10.45 -23.29
C ALA K 29 14.18 9.35 -22.33
N MET K 30 12.99 9.50 -21.75
CA MET K 30 12.45 8.48 -20.85
C MET K 30 12.10 7.18 -21.57
N LEU K 31 12.09 7.19 -22.92
CA LEU K 31 11.82 5.99 -23.68
C LEU K 31 13.08 5.25 -24.09
N SER K 32 14.18 5.97 -24.33
CA SER K 32 15.44 5.35 -24.72
C SER K 32 16.48 5.48 -23.59
N ASN K 43 8.61 1.56 -23.85
CA ASN K 43 7.27 1.75 -24.39
C ASN K 43 6.26 2.02 -23.28
N GLU K 44 6.77 2.24 -22.07
CA GLU K 44 5.96 2.55 -20.90
C GLU K 44 6.79 3.46 -20.01
N VAL K 45 6.14 4.44 -19.40
CA VAL K 45 6.78 5.34 -18.46
C VAL K 45 5.81 5.51 -17.31
N ASN K 46 6.32 5.44 -16.08
CA ASN K 46 5.44 5.62 -14.94
C ASN K 46 5.76 6.96 -14.26
N PHE K 47 4.73 7.77 -14.00
CA PHE K 47 4.88 9.08 -13.36
C PHE K 47 4.21 9.00 -11.99
N ARG K 48 5.03 8.78 -10.96
CA ARG K 48 4.52 8.66 -9.60
C ARG K 48 4.22 10.00 -8.95
N GLU K 49 4.35 11.11 -9.67
CA GLU K 49 4.04 12.43 -9.14
C GLU K 49 2.89 13.13 -9.82
N ILE K 50 2.44 12.63 -10.97
CA ILE K 50 1.43 13.29 -11.78
C ILE K 50 0.13 12.48 -11.69
N PRO K 51 -0.92 13.01 -11.08
CA PRO K 51 -2.20 12.29 -11.03
C PRO K 51 -2.87 12.27 -12.39
N SER K 52 -3.94 11.49 -12.48
CA SER K 52 -4.61 11.28 -13.77
C SER K 52 -5.30 12.54 -14.26
N HIS K 53 -5.83 13.37 -13.36
CA HIS K 53 -6.46 14.60 -13.82
C HIS K 53 -5.46 15.56 -14.46
N VAL K 54 -4.17 15.33 -14.26
CA VAL K 54 -3.12 16.12 -14.90
C VAL K 54 -2.58 15.43 -16.14
N LEU K 55 -2.27 14.14 -16.03
CA LEU K 55 -1.63 13.46 -17.13
C LEU K 55 -2.59 13.36 -18.32
N SER K 56 -3.89 13.38 -18.05
CA SER K 56 -4.89 13.36 -19.11
C SER K 56 -4.79 14.59 -20.00
N LYS K 57 -4.74 15.79 -19.40
CA LYS K 57 -4.57 16.99 -20.22
C LYS K 57 -3.19 17.05 -20.86
N VAL K 58 -2.18 16.46 -20.22
CA VAL K 58 -0.87 16.38 -20.86
C VAL K 58 -0.98 15.66 -22.20
N CYS K 59 -1.70 14.54 -22.23
CA CYS K 59 -1.90 13.84 -23.49
C CYS K 59 -2.79 14.64 -24.43
N MET K 60 -3.77 15.36 -23.87
CA MET K 60 -4.56 16.27 -24.68
C MET K 60 -3.67 17.33 -25.31
N TYR K 61 -2.66 17.79 -24.57
CA TYR K 61 -1.71 18.76 -25.11
C TYR K 61 -0.89 18.17 -26.25
N PHE K 62 -0.50 16.90 -26.13
CA PHE K 62 0.24 16.23 -27.20
C PHE K 62 -0.52 16.27 -28.51
N THR K 63 -1.80 15.90 -28.47
CA THR K 63 -2.61 15.89 -29.70
C THR K 63 -2.77 17.29 -30.25
N TYR K 64 -3.04 18.26 -29.38
CA TYR K 64 -3.24 19.64 -29.81
C TYR K 64 -2.00 20.20 -30.49
N LYS K 65 -0.82 19.92 -29.94
CA LYS K 65 0.42 20.44 -30.51
C LYS K 65 0.70 19.85 -31.89
N VAL K 66 0.61 18.52 -32.02
CA VAL K 66 0.87 17.88 -33.31
C VAL K 66 -0.12 18.38 -34.36
N ARG K 67 -1.36 18.66 -33.94
CA ARG K 67 -2.39 19.06 -34.89
C ARG K 67 -2.18 20.49 -35.37
N TYR K 68 -1.79 21.39 -34.47
CA TYR K 68 -1.77 22.81 -34.78
C TYR K 68 -0.38 23.39 -35.03
N THR K 69 0.68 22.59 -34.93
CA THR K 69 2.01 23.08 -35.28
C THR K 69 2.11 23.19 -36.81
N ASN K 70 2.60 24.34 -37.28
CA ASN K 70 2.73 24.62 -38.71
C ASN K 70 1.36 24.61 -39.39
N SER K 71 0.41 25.32 -38.80
CA SER K 71 -0.95 25.41 -39.34
C SER K 71 -1.32 26.88 -39.53
N SER K 72 -1.86 27.20 -40.70
CA SER K 72 -2.39 28.54 -40.94
C SER K 72 -3.80 28.73 -40.41
N THR K 73 -4.60 27.67 -40.38
CA THR K 73 -5.95 27.75 -39.83
C THR K 73 -5.92 28.22 -38.38
N GLU K 74 -6.96 28.96 -37.99
CA GLU K 74 -7.02 29.57 -36.67
C GLU K 74 -6.84 28.52 -35.57
N ILE K 75 -5.84 28.75 -34.73
CA ILE K 75 -5.53 27.88 -33.60
C ILE K 75 -6.40 28.28 -32.41
N PRO K 76 -7.05 27.33 -31.74
CA PRO K 76 -7.82 27.65 -30.54
C PRO K 76 -6.95 27.61 -29.30
N GLU K 77 -7.48 28.19 -28.22
CA GLU K 77 -6.78 28.14 -26.94
C GLU K 77 -6.72 26.71 -26.43
N PHE K 78 -5.61 26.37 -25.78
CA PHE K 78 -5.57 25.14 -25.01
C PHE K 78 -6.30 25.40 -23.70
N PRO K 79 -7.39 24.70 -23.41
CA PRO K 79 -8.20 25.03 -22.23
C PRO K 79 -7.62 24.36 -20.99
N ILE K 80 -7.51 25.14 -19.91
CA ILE K 80 -7.00 24.64 -18.63
C ILE K 80 -7.93 25.10 -17.53
N ALA K 81 -8.57 24.15 -16.85
CA ALA K 81 -9.43 24.49 -15.73
C ALA K 81 -8.59 25.02 -14.57
N PRO K 82 -9.10 25.99 -13.81
CA PRO K 82 -8.31 26.52 -12.69
C PRO K 82 -7.96 25.48 -11.63
N GLU K 83 -8.85 24.53 -11.36
CA GLU K 83 -8.63 23.58 -10.28
C GLU K 83 -7.39 22.71 -10.49
N ILE K 84 -6.94 22.55 -11.74
CA ILE K 84 -5.77 21.74 -12.05
C ILE K 84 -4.60 22.58 -12.52
N ALA K 85 -4.77 23.92 -12.60
CA ALA K 85 -3.73 24.75 -13.21
C ALA K 85 -2.44 24.59 -12.44
N LEU K 86 -2.48 24.52 -11.15
CA LEU K 86 -1.23 24.46 -10.43
C LEU K 86 -0.44 23.17 -10.57
N GLU K 87 -1.11 22.04 -10.61
CA GLU K 87 -0.44 20.76 -10.77
C GLU K 87 0.09 20.51 -12.15
N LEU K 88 -0.56 21.03 -13.14
CA LEU K 88 -0.03 20.90 -14.44
C LEU K 88 1.15 21.80 -14.57
N LEU K 89 1.12 22.96 -13.94
CA LEU K 89 2.31 23.82 -13.99
C LEU K 89 3.52 23.12 -13.39
N MET K 90 3.35 22.50 -12.23
CA MET K 90 4.45 21.76 -11.61
C MET K 90 4.87 20.57 -12.47
N ALA K 91 3.89 19.87 -13.05
CA ALA K 91 4.20 18.78 -13.96
C ALA K 91 4.94 19.29 -15.20
N ALA K 92 4.48 20.41 -15.77
CA ALA K 92 5.10 20.95 -16.97
C ALA K 92 6.52 21.45 -16.73
N ASN K 93 6.81 21.98 -15.53
CA ASN K 93 8.16 22.45 -15.25
C ASN K 93 9.16 21.31 -15.27
N PHE K 94 8.79 20.17 -14.71
CA PHE K 94 9.70 19.03 -14.67
C PHE K 94 9.85 18.36 -16.04
N LEU K 95 8.78 18.31 -16.82
CA LEU K 95 8.88 17.72 -18.15
C LEU K 95 9.36 18.71 -19.23
N ASP K 96 9.29 20.02 -18.95
CA ASP K 96 9.69 21.05 -19.92
C ASP K 96 9.08 20.78 -21.31
N CYS K 97 7.76 20.78 -21.35
CA CYS K 97 7.04 20.57 -22.61
C CYS K 97 6.05 21.70 -22.87
N VAL L 11 18.92 48.33 -33.39
CA VAL L 11 18.81 47.53 -34.60
C VAL L 11 17.38 47.61 -35.15
N LEU L 12 16.46 47.05 -34.37
CA LEU L 12 15.07 46.86 -34.76
C LEU L 12 14.28 48.17 -34.75
N ARG L 13 14.21 48.81 -35.89
CA ARG L 13 13.49 50.04 -36.00
C ARG L 13 12.78 50.09 -37.33
N SER L 14 11.97 51.13 -37.51
CA SER L 14 11.21 51.27 -38.75
C SER L 14 11.80 52.31 -39.67
N VAL L 15 11.82 52.02 -40.97
CA VAL L 15 12.30 52.96 -41.95
C VAL L 15 11.33 54.07 -42.27
N ASN L 16 11.79 55.31 -42.21
CA ASN L 16 10.96 56.45 -42.57
C ASN L 16 10.95 56.54 -44.08
N SER L 17 10.30 55.58 -44.72
CA SER L 17 10.26 55.52 -46.17
C SER L 17 9.26 56.47 -46.80
N ARG L 18 8.27 56.94 -46.03
CA ARG L 18 7.27 57.85 -46.56
C ARG L 18 6.47 57.26 -47.72
N GLU L 19 6.30 55.95 -47.73
CA GLU L 19 5.53 55.27 -48.76
C GLU L 19 4.27 54.69 -48.14
N PRO L 20 3.09 55.22 -48.42
CA PRO L 20 1.88 54.63 -47.84
C PRO L 20 1.71 53.18 -48.26
N SER L 21 1.09 52.40 -47.38
CA SER L 21 0.83 50.98 -47.64
C SER L 21 -0.31 50.55 -46.75
N GLN L 22 -1.40 50.06 -47.37
CA GLN L 22 -2.60 49.73 -46.62
C GLN L 22 -2.57 48.27 -46.18
N VAL L 23 -3.04 48.01 -44.96
CA VAL L 23 -2.92 46.72 -44.31
C VAL L 23 -4.26 46.32 -43.71
N ILE L 24 -4.52 45.02 -43.66
CA ILE L 24 -5.70 44.47 -42.99
C ILE L 24 -5.22 43.74 -41.74
N PHE L 25 -5.46 44.32 -40.57
CA PHE L 25 -5.11 43.67 -39.33
C PHE L 25 -6.26 42.77 -38.92
N CAS L 26 -6.09 41.47 -39.07
CA CAS L 26 -7.17 40.53 -38.78
CB CAS L 26 -7.44 39.65 -39.98
C CAS L 26 -6.86 39.68 -37.59
O CAS L 26 -5.90 38.89 -37.61
SG CAS L 26 -8.60 38.39 -39.57
AS CAS L 26 -10.46 39.38 -40.24
CE1 CAS L 26 -11.92 38.83 -38.99
CE2 CAS L 26 -10.93 38.83 -42.09
N ASN L 27 -7.68 39.81 -36.55
CA ASN L 27 -7.47 39.06 -35.32
C ASN L 27 -8.16 37.70 -35.35
N ARG L 28 -7.43 36.70 -35.82
CA ARG L 28 -7.91 35.31 -35.79
C ARG L 28 -7.52 34.62 -34.50
N SER L 29 -7.80 35.24 -33.36
CA SER L 29 -7.41 34.72 -32.06
C SER L 29 -8.53 34.92 -31.08
N PRO L 30 -8.55 34.16 -29.98
CA PRO L 30 -9.54 34.39 -28.93
C PRO L 30 -9.25 35.59 -28.05
N ARG L 31 -8.14 36.28 -28.30
CA ARG L 31 -7.64 37.30 -27.39
C ARG L 31 -7.77 38.70 -27.99
N VAL L 32 -7.91 39.68 -27.10
CA VAL L 32 -7.82 41.08 -27.51
C VAL L 32 -6.38 41.40 -27.88
N VAL L 33 -6.19 42.04 -29.04
CA VAL L 33 -4.88 42.21 -29.65
C VAL L 33 -4.42 43.65 -29.52
N LEU L 34 -3.14 43.82 -29.23
CA LEU L 34 -2.46 45.12 -29.22
C LEU L 34 -1.49 45.17 -30.38
N PRO L 35 -1.73 46.06 -31.35
CA PRO L 35 -0.73 46.23 -32.39
C PRO L 35 0.40 47.12 -31.88
N VAL L 36 1.64 46.72 -32.05
CA VAL L 36 2.78 47.49 -31.58
C VAL L 36 3.64 47.88 -32.78
N TRP L 37 3.83 49.17 -32.95
CA TRP L 37 4.69 49.62 -34.01
C TRP L 37 5.99 50.04 -33.42
N LEU L 38 7.08 49.70 -34.10
CA LEU L 38 8.35 50.12 -33.67
C LEU L 38 8.65 51.43 -34.39
N ASN L 39 9.05 52.44 -33.63
CA ASN L 39 9.33 53.74 -34.17
C ASN L 39 10.69 53.86 -34.73
N PHE L 40 10.95 54.99 -35.35
CA PHE L 40 12.23 55.18 -35.98
C PHE L 40 13.35 55.06 -34.97
N ASP L 41 13.13 55.52 -33.75
CA ASP L 41 14.12 55.34 -32.69
C ASP L 41 14.19 53.91 -32.18
N GLY L 42 13.34 53.02 -32.67
CA GLY L 42 13.29 51.66 -32.16
C GLY L 42 12.44 51.48 -30.93
N GLU L 43 11.72 52.51 -30.51
CA GLU L 43 10.88 52.48 -29.32
C GLU L 43 9.51 51.90 -29.67
N PRO L 44 8.99 50.97 -28.87
CA PRO L 44 7.66 50.42 -29.16
C PRO L 44 6.55 51.41 -28.84
N GLN L 45 5.63 51.56 -29.77
CA GLN L 45 4.48 52.42 -29.55
C GLN L 45 3.24 51.58 -29.77
N PRO L 46 2.35 51.53 -28.77
CA PRO L 46 1.13 50.71 -28.90
C PRO L 46 -0.02 51.46 -29.55
N TYR L 47 -0.79 50.71 -30.33
CA TYR L 47 -1.89 51.29 -31.06
C TYR L 47 -3.21 50.71 -30.62
N PRO L 48 -4.32 51.27 -31.09
CA PRO L 48 -5.65 50.84 -30.66
C PRO L 48 -5.88 49.33 -30.67
N THR L 49 -6.51 48.80 -29.62
CA THR L 49 -6.70 47.37 -29.52
C THR L 49 -7.70 46.86 -30.56
N LEU L 50 -7.73 45.54 -30.72
CA LEU L 50 -8.64 44.93 -31.66
C LEU L 50 -9.35 43.78 -30.96
N PRO L 51 -10.68 43.89 -30.80
CA PRO L 51 -11.43 42.83 -30.11
C PRO L 51 -11.31 41.50 -30.84
N PRO L 52 -11.53 40.39 -30.15
CA PRO L 52 -11.32 39.08 -30.78
C PRO L 52 -12.24 38.87 -31.98
N GLY L 53 -11.66 38.40 -33.08
CA GLY L 53 -12.43 38.11 -34.28
C GLY L 53 -12.72 39.30 -35.16
N THR L 54 -12.18 40.47 -34.86
CA THR L 54 -12.43 41.67 -35.63
C THR L 54 -11.27 41.93 -36.60
N GLY L 55 -11.45 42.96 -37.44
CA GLY L 55 -10.44 43.30 -38.42
C GLY L 55 -10.64 44.70 -38.93
N ARG L 56 -9.53 45.37 -39.20
CA ARG L 56 -9.59 46.74 -39.64
C ARG L 56 -8.60 47.07 -40.73
N ARG L 57 -9.02 47.87 -41.70
CA ARG L 57 -8.12 48.36 -42.73
C ARG L 57 -7.42 49.60 -42.19
N ILE L 58 -6.11 49.49 -42.01
CA ILE L 58 -5.35 50.55 -41.42
C ILE L 58 -4.37 51.17 -42.39
N HIS L 59 -3.71 52.22 -41.94
CA HIS L 59 -2.75 52.91 -42.80
C HIS L 59 -1.37 52.94 -42.19
N SER L 60 -0.40 52.36 -42.89
CA SER L 60 0.97 52.35 -42.43
C SER L 60 1.89 52.64 -43.61
N TYR L 61 3.16 52.33 -43.47
CA TYR L 61 4.11 52.62 -44.54
C TYR L 61 5.06 51.47 -44.80
N ARG L 62 5.61 51.41 -46.00
CA ARG L 62 6.53 50.34 -46.37
C ARG L 62 7.76 50.36 -45.47
N GLY L 63 8.15 49.22 -44.97
CA GLY L 63 9.31 49.16 -44.12
C GLY L 63 9.11 49.39 -42.66
N HIS L 64 7.87 49.55 -42.25
CA HIS L 64 7.56 49.74 -40.85
C HIS L 64 7.40 48.40 -40.16
N LEU L 65 7.83 48.31 -38.92
CA LEU L 65 7.79 47.07 -38.20
C LEU L 65 6.73 47.01 -37.16
N TRP L 66 5.95 45.94 -37.22
CA TRP L 66 4.90 45.75 -36.27
C TRP L 66 4.92 44.42 -35.57
N LEU L 67 4.53 44.40 -34.31
CA LEU L 67 4.33 43.14 -33.61
C LEU L 67 3.03 43.22 -32.82
N PHE L 68 2.52 42.06 -32.43
CA PHE L 68 1.18 41.98 -31.85
C PHE L 68 1.21 41.11 -30.60
N ARG L 69 0.49 41.56 -29.57
CA ARG L 69 0.44 40.90 -28.28
C ARG L 69 -0.97 40.87 -27.75
N ASP L 70 -1.20 40.02 -26.75
CA ASP L 70 -2.40 40.12 -25.94
C ASP L 70 -2.41 41.49 -25.27
N ALA L 71 -3.54 42.19 -25.37
CA ALA L 71 -3.61 43.54 -24.81
C ALA L 71 -3.58 43.51 -23.29
N GLY L 72 -4.23 42.51 -22.69
CA GLY L 72 -4.28 42.44 -21.24
C GLY L 72 -3.02 41.90 -20.59
N THR L 73 -2.33 40.98 -21.26
CA THR L 73 -1.23 40.23 -20.65
C THR L 73 0.13 40.46 -21.31
N HIS L 74 0.17 41.03 -22.52
CA HIS L 74 1.38 41.17 -23.34
C HIS L 74 1.94 39.82 -23.80
N ASP L 75 1.15 38.75 -23.69
CA ASP L 75 1.50 37.48 -24.31
C ASP L 75 1.80 37.69 -25.80
N GLY L 76 2.94 37.17 -26.24
CA GLY L 76 3.32 37.31 -27.64
C GLY L 76 2.37 36.54 -28.55
N LEU L 77 2.11 37.13 -29.72
CA LEU L 77 1.23 36.53 -30.72
C LEU L 77 1.94 36.52 -32.06
N LEU L 78 1.53 35.58 -32.92
CA LEU L 78 2.09 35.45 -34.25
C LEU L 78 1.30 36.26 -35.25
N VAL L 79 2.00 36.87 -36.20
CA VAL L 79 1.40 37.52 -37.35
C VAL L 79 1.97 36.90 -38.62
N ASN L 80 1.08 36.43 -39.49
CA ASN L 80 1.46 35.72 -40.70
C ASN L 80 2.51 34.65 -40.42
N GLN L 81 2.26 33.83 -39.39
CA GLN L 81 3.05 32.64 -39.08
C GLN L 81 4.37 32.98 -38.39
N THR L 82 4.65 34.26 -38.13
CA THR L 82 5.94 34.69 -37.61
C THR L 82 5.75 35.80 -36.57
N GLU L 83 6.86 36.40 -36.13
CA GLU L 83 6.90 37.31 -34.99
C GLU L 83 6.72 38.77 -35.38
N LEU L 84 7.25 39.20 -36.53
CA LEU L 84 7.21 40.59 -36.92
C LEU L 84 6.55 40.75 -38.29
N PHE L 85 5.78 41.82 -38.44
CA PHE L 85 5.13 42.13 -39.70
C PHE L 85 5.72 43.41 -40.29
N VAL L 86 5.88 43.42 -41.61
CA VAL L 86 6.40 44.55 -42.37
C VAL L 86 5.48 44.81 -43.56
N PRO L 87 4.73 45.91 -43.58
CA PRO L 87 3.89 46.21 -44.74
C PRO L 87 4.70 46.27 -46.03
N SER L 88 4.14 45.69 -47.09
CA SER L 88 4.84 45.64 -48.38
C SER L 88 4.09 46.43 -49.45
N LEU L 89 4.40 46.14 -50.72
CA LEU L 89 3.88 46.93 -51.83
C LEU L 89 2.48 46.48 -52.21
N ASN L 90 1.56 47.45 -52.28
CA ASN L 90 0.17 47.18 -52.68
C ASN L 90 0.13 47.03 -54.19
N VAL L 91 0.24 45.79 -54.66
CA VAL L 91 0.09 45.50 -56.08
C VAL L 91 -1.38 45.54 -56.45
N ASP L 92 -1.72 46.34 -57.46
CA ASP L 92 -3.08 46.42 -58.01
C ASP L 92 -4.11 46.82 -56.97
N GLY L 93 -3.71 47.61 -55.98
CA GLY L 93 -4.66 48.11 -55.00
C GLY L 93 -5.12 47.11 -53.97
N GLN L 94 -4.52 45.93 -53.90
CA GLN L 94 -4.89 45.02 -52.83
C GLN L 94 -4.17 45.43 -51.54
N PRO L 95 -4.86 45.43 -50.40
CA PRO L 95 -4.17 45.70 -49.13
C PRO L 95 -3.41 44.48 -48.65
N ILE L 96 -2.34 44.72 -47.94
CA ILE L 96 -1.56 43.64 -47.39
C ILE L 96 -2.25 43.09 -46.15
N PHE L 97 -2.36 41.80 -46.08
CA PHE L 97 -3.08 41.16 -45.01
C PHE L 97 -2.22 40.61 -43.91
N ALA L 98 -2.63 40.82 -42.68
CA ALA L 98 -1.86 40.42 -41.53
C ALA L 98 -2.68 39.56 -40.62
N ASN L 99 -2.39 38.26 -40.56
CA ASN L 99 -3.23 37.34 -39.83
C ASN L 99 -2.60 37.09 -38.46
N ILE L 100 -3.23 37.64 -37.43
CA ILE L 100 -2.74 37.54 -36.06
C ILE L 100 -3.34 36.29 -35.42
N THR L 101 -2.50 35.32 -35.10
CA THR L 101 -2.96 34.03 -34.61
C THR L 101 -2.29 33.67 -33.30
N LEU L 102 -2.88 32.70 -32.63
CA LEU L 102 -2.28 32.14 -31.43
C LEU L 102 -1.08 31.29 -31.80
N PRO L 103 0.07 31.52 -31.19
CA PRO L 103 1.17 30.56 -31.33
C PRO L 103 0.82 29.27 -30.60
N VAL L 104 1.55 28.21 -30.91
CA VAL L 104 1.42 27.00 -30.12
C VAL L 104 2.28 27.19 -28.87
N TYR L 105 1.71 27.81 -27.85
CA TYR L 105 2.41 27.97 -26.58
C TYR L 105 2.86 26.61 -26.05
N THR L 106 4.04 26.59 -25.43
CA THR L 106 4.40 25.42 -24.65
C THR L 106 3.45 25.27 -23.47
N LEU L 107 3.29 24.03 -23.00
CA LEU L 107 2.36 23.78 -21.91
C LEU L 107 2.74 24.59 -20.66
N LYS L 108 4.04 24.86 -20.48
CA LYS L 108 4.46 25.62 -19.32
C LYS L 108 4.02 27.08 -19.42
N GLU L 109 4.22 27.70 -20.58
CA GLU L 109 3.83 29.09 -20.74
C GLU L 109 2.32 29.26 -20.62
N ARG L 110 1.54 28.33 -21.18
CA ARG L 110 0.09 28.40 -21.02
C ARG L 110 -0.31 28.19 -19.57
N CYS L 111 0.39 27.29 -18.86
CA CYS L 111 0.13 27.12 -17.44
C CYS L 111 0.55 28.36 -16.65
N LEU L 112 1.68 28.96 -17.01
CA LEU L 112 2.06 30.23 -16.40
C LEU L 112 1.02 31.31 -16.69
N GLN L 113 0.44 31.30 -17.90
CA GLN L 113 -0.58 32.28 -18.26
C GLN L 113 -1.81 32.13 -17.38
N VAL L 114 -2.32 30.91 -17.23
CA VAL L 114 -3.55 30.69 -16.47
C VAL L 114 -3.37 31.09 -15.02
N VAL L 115 -2.25 30.69 -14.41
CA VAL L 115 -1.96 31.06 -13.03
C VAL L 115 -1.79 32.56 -12.88
N ARG L 116 -1.04 33.20 -13.78
CA ARG L 116 -0.90 34.66 -13.72
C ARG L 116 -2.26 35.34 -13.76
N SER L 117 -3.17 34.83 -14.60
CA SER L 117 -4.49 35.42 -14.71
C SER L 117 -5.35 35.18 -13.48
N LEU L 118 -4.88 34.40 -12.51
CA LEU L 118 -5.66 34.00 -11.36
C LEU L 118 -5.07 34.45 -10.03
N VAL L 119 -3.76 34.58 -9.92
CA VAL L 119 -3.08 35.00 -8.70
C VAL L 119 -2.60 36.43 -8.86
N LYS L 120 -2.93 37.28 -7.88
CA LYS L 120 -2.38 38.61 -7.85
C LYS L 120 -0.85 38.54 -7.76
N PRO L 121 -0.15 39.52 -8.33
CA PRO L 121 1.33 39.44 -8.36
C PRO L 121 1.98 39.37 -6.98
N GLU L 122 1.30 39.82 -5.92
CA GLU L 122 1.89 39.74 -4.59
C GLU L 122 1.72 38.36 -3.95
N ASN L 123 0.71 37.60 -4.37
CA ASN L 123 0.44 36.29 -3.79
C ASN L 123 1.10 35.15 -4.55
N TYR L 124 2.01 35.45 -5.48
CA TYR L 124 2.79 34.39 -6.11
C TYR L 124 3.60 33.62 -5.07
N ARG L 125 4.26 34.36 -4.15
CA ARG L 125 5.12 33.75 -3.15
C ARG L 125 4.35 32.96 -2.09
N ARG L 126 3.03 33.02 -2.10
CA ARG L 126 2.22 32.20 -1.20
C ARG L 126 1.79 30.88 -1.82
N LEU L 127 2.18 30.62 -3.07
CA LEU L 127 1.78 29.40 -3.75
C LEU L 127 2.64 28.22 -3.33
N ASP L 128 2.05 27.02 -3.32
CA ASP L 128 2.74 25.80 -2.92
C ASP L 128 3.43 25.17 -4.12
N ILE L 129 4.54 25.79 -4.50
CA ILE L 129 5.28 25.44 -5.71
C ILE L 129 6.75 25.79 -5.48
N VAL L 130 7.65 25.17 -6.26
CA VAL L 130 9.06 25.43 -6.09
C VAL L 130 9.36 26.91 -6.32
N ARG L 131 10.43 27.39 -5.67
CA ARG L 131 10.74 28.81 -5.68
C ARG L 131 11.17 29.29 -7.06
N SER L 132 11.71 28.39 -7.89
CA SER L 132 12.00 28.74 -9.27
C SER L 132 10.72 29.18 -9.98
N LEU L 133 9.61 28.47 -9.76
CA LEU L 133 8.34 28.84 -10.38
C LEU L 133 7.87 30.21 -9.92
N TYR L 134 8.23 30.60 -8.69
CA TYR L 134 7.91 31.96 -8.24
C TYR L 134 8.61 33.00 -9.09
N GLU L 135 9.87 32.74 -9.46
CA GLU L 135 10.58 33.65 -10.34
C GLU L 135 10.06 33.57 -11.77
N ASP L 136 9.48 32.43 -12.15
CA ASP L 136 8.89 32.31 -13.48
C ASP L 136 7.58 33.07 -13.57
N LEU L 137 6.75 32.98 -12.52
CA LEU L 137 5.45 33.64 -12.54
C LEU L 137 5.58 35.15 -12.64
N GLU L 138 6.68 35.71 -12.17
CA GLU L 138 6.88 37.16 -12.20
C GLU L 138 7.50 37.63 -13.51
N ASP L 139 8.27 36.79 -14.18
CA ASP L 139 8.87 37.13 -15.46
C ASP L 139 7.80 37.11 -16.56
N HIS L 140 6.72 37.87 -16.36
CA HIS L 140 5.61 37.83 -17.29
C HIS L 140 6.00 38.56 -18.58
N PRO L 141 5.33 38.26 -19.70
CA PRO L 141 5.83 38.72 -21.01
C PRO L 141 6.03 40.23 -21.03
N ASN L 142 6.99 40.65 -21.85
CA ASN L 142 7.45 42.03 -21.85
C ASN L 142 8.00 42.36 -23.22
N VAL L 143 7.50 43.43 -23.82
CA VAL L 143 7.85 43.76 -25.20
C VAL L 143 9.33 44.10 -25.31
N GLN L 144 9.81 45.05 -24.52
CA GLN L 144 11.22 45.42 -24.55
C GLN L 144 12.12 44.23 -24.24
N LYS L 145 11.64 43.28 -23.42
CA LYS L 145 12.37 42.05 -23.17
C LYS L 145 12.58 41.25 -24.45
N ASP L 146 11.52 41.10 -25.25
CA ASP L 146 11.64 40.32 -26.47
C ASP L 146 12.51 41.01 -27.51
N LEU L 147 12.45 42.35 -27.57
CA LEU L 147 13.28 43.09 -28.52
C LEU L 147 14.77 42.90 -28.24
N GLU L 148 15.16 42.93 -26.96
CA GLU L 148 16.56 42.70 -26.61
C GLU L 148 16.99 41.28 -26.97
N ARG L 149 16.07 40.32 -26.85
CA ARG L 149 16.40 38.93 -27.16
C ARG L 149 16.83 38.78 -28.61
N LEU L 150 16.02 39.30 -29.54
CA LEU L 150 16.37 39.22 -30.96
C LEU L 150 17.71 39.91 -31.24
N THR L 151 18.09 40.88 -30.43
CA THR L 151 19.35 41.58 -30.61
C THR L 151 20.46 40.91 -29.80
C10 VYQ M . -0.26 45.40 23.61
C13 VYQ M . -2.28 43.21 26.04
C15 VYQ M . -4.83 43.87 25.67
C17 VYQ M . -2.66 40.96 27.13
C20 VYQ M . -1.21 46.92 25.33
C21 VYQ M . -1.44 48.30 25.97
C24 VYQ M . 5.20 49.34 23.09
C26 VYQ M . 6.30 50.79 24.85
C28 VYQ M . 5.83 49.78 25.92
C02 VYQ M . 5.67 45.57 23.38
C03 VYQ M . 4.18 45.63 23.33
C04 VYQ M . 3.92 47.04 22.92
C05 VYQ M . 2.67 47.57 23.63
C07 VYQ M . 0.17 47.99 23.57
C08 VYQ M . -0.77 48.51 22.49
C09 VYQ M . -0.48 46.78 24.23
C11 VYQ M . -0.81 44.33 24.17
C12 VYQ M . -1.66 44.48 25.43
C14 VYQ M . -3.70 42.94 26.15
C19 VYQ M . -1.85 45.67 25.98
C25 VYQ M . 6.47 50.09 23.49
C27 VYQ M . 5.26 51.93 24.72
C29 VYQ M . 7.66 51.39 25.28
C31 VYQ M . 7.80 50.95 21.53
C32 VYQ M . 7.99 52.01 20.44
C34 VYQ M . 9.45 52.41 20.14
C35 VYQ M . 8.67 51.52 19.15
C38 VYQ M . 6.13 46.95 23.84
F33 VYQ M . 7.04 52.98 20.25
N06 VYQ M . 1.37 47.51 22.92
N16 VYQ M . -3.91 41.55 26.82
N23 VYQ M . 5.10 47.88 23.28
N30 VYQ M . 6.68 51.08 22.47
O01 VYQ M . 6.15 45.34 22.08
O22 VYQ M . 2.74 48.01 24.73
O36 VYQ M . 8.53 50.03 21.63
O37 VYQ M . 4.29 49.94 22.63
S18 VYQ M . -1.44 41.97 26.66
C10 VYQ N . 19.55 22.49 -11.95
C13 VYQ N . 17.55 20.27 -9.51
C15 VYQ N . 15.04 21.09 -9.69
C17 VYQ N . 17.10 17.98 -8.53
C20 VYQ N . 18.80 23.94 -10.07
C21 VYQ N . 18.72 25.30 -9.34
C24 VYQ N . 25.12 26.20 -12.80
C26 VYQ N . 26.43 27.60 -11.14
C28 VYQ N . 25.89 26.65 -10.05
C02 VYQ N . 25.54 22.42 -12.47
C03 VYQ N . 24.05 22.49 -12.46
C04 VYQ N . 23.76 23.93 -12.84
C05 VYQ N . 22.60 24.47 -12.03
C07 VYQ N . 20.13 25.05 -11.86
C08 VYQ N . 19.15 25.71 -12.81
C09 VYQ N . 19.45 23.84 -11.23
C11 VYQ N . 18.97 21.43 -11.42
C12 VYQ N . 18.22 21.53 -10.10
C14 VYQ N . 16.13 20.07 -9.34
C19 VYQ N . 18.13 22.69 -9.46
C25 VYQ N . 26.45 26.90 -12.51
C27 VYQ N . 25.53 28.86 -11.22
C29 VYQ N . 27.88 28.02 -10.80
C31 VYQ N . 27.75 27.80 -14.47
C32 VYQ N . 27.88 28.86 -15.58
C34 VYQ N . 29.30 29.36 -15.88
C35 VYQ N . 28.61 28.39 -16.84
C38 VYQ N . 26.06 23.80 -12.09
F33 VYQ N . 26.88 29.77 -15.79
N06 VYQ N . 21.25 24.54 -12.64
N16 VYQ N . 15.88 18.67 -8.73
N23 VYQ N . 24.99 24.73 -12.60
N30 VYQ N . 26.61 27.88 -13.55
O01 VYQ N . 25.96 22.16 -13.79
O22 VYQ N . 22.77 24.85 -10.92
O36 VYQ N . 28.54 26.94 -14.36
O37 VYQ N . 24.20 26.81 -13.22
S18 VYQ N . 18.35 18.95 -9.03
C10 VYQ O . -19.84 -54.15 -24.59
C13 VYQ O . -17.48 -52.96 -21.76
C15 VYQ O . -15.01 -53.63 -22.46
C17 VYQ O . -16.89 -51.23 -20.01
C20 VYQ O . -18.81 -56.16 -23.57
C21 VYQ O . -18.62 -57.69 -23.45
C24 VYQ O . -25.58 -57.67 -25.75
C26 VYQ O . -26.70 -59.57 -24.45
C28 VYQ O . -25.76 -59.10 -23.31
C02 VYQ O . -25.81 -54.22 -24.11
C03 VYQ O . -24.34 -54.27 -24.37
C04 VYQ O . -24.17 -55.46 -25.26
C05 VYQ O . -22.88 -56.19 -24.92
C07 VYQ O . -20.41 -56.58 -25.44
C08 VYQ O . -19.62 -56.70 -26.73
C09 VYQ O . -19.65 -55.66 -24.48
C11 VYQ O . -19.19 -53.33 -23.77
C12 VYQ O . -18.23 -53.91 -22.72
C14 VYQ O . -16.04 -52.84 -21.65
C19 VYQ O . -18.07 -55.22 -22.61
C25 VYQ O . -26.87 -58.46 -25.51
C27 VYQ O . -26.09 -60.83 -25.12
C29 VYQ O . -28.08 -59.92 -23.88
C31 VYQ O . -28.30 -58.54 -27.58
C32 VYQ O . -28.61 -59.22 -28.93
C34 VYQ O . -30.09 -59.38 -29.30
C35 VYQ O . -29.24 -58.31 -30.00
C38 VYQ O . -26.32 -55.65 -24.17
F33 VYQ O . -27.78 -60.20 -29.40
N06 VYQ O . -21.68 -55.91 -25.73
N16 VYQ O . -15.70 -51.78 -20.56
N23 VYQ O . -25.37 -56.35 -25.09
N30 VYQ O . -27.20 -59.07 -26.77
O01 VYQ O . -26.41 -53.51 -25.16
O22 VYQ O . -22.84 -56.96 -24.02
O36 VYQ O . -28.94 -57.62 -27.21
O37 VYQ O . -24.75 -58.11 -26.47
S18 VYQ O . -18.20 -51.95 -20.72
C10 VYQ P . -3.16 53.39 -38.40
C13 VYQ P . -5.03 51.32 -35.74
C15 VYQ P . -7.55 52.13 -35.82
C17 VYQ P . -5.43 49.08 -34.60
C20 VYQ P . -3.72 54.91 -36.52
C21 VYQ P . -3.72 56.30 -35.84
C24 VYQ P . 2.47 57.05 -39.20
C26 VYQ P . 3.82 58.47 -37.58
C28 VYQ P . 3.24 57.52 -36.48
C02 VYQ P . 2.95 53.29 -38.63
C03 VYQ P . 1.46 53.36 -38.64
C04 VYQ P . 1.16 54.75 -39.15
C05 VYQ P . -0.03 55.33 -38.41
C07 VYQ P . -2.50 55.95 -38.43
C08 VYQ P . -3.46 56.48 -39.49
C09 VYQ P . -3.16 54.76 -37.71
C11 VYQ P . -3.73 52.36 -37.80
C12 VYQ P . -4.38 52.53 -36.42
C14 VYQ P . -6.44 51.13 -35.47
C19 VYQ P . -4.37 53.72 -35.82
C25 VYQ P . 3.81 57.77 -38.95
C27 VYQ P . 2.96 59.76 -37.65
C29 VYQ P . 5.27 58.85 -37.22
C31 VYQ P . 4.85 58.53 -41.13
C32 VYQ P . 5.00 59.62 -42.21
C34 VYQ P . 6.43 59.84 -42.73
C35 VYQ P . 5.38 59.13 -43.61
C38 VYQ P . 3.48 54.71 -38.47
F33 VYQ P . 4.22 60.74 -42.15
N06 VYQ P . -1.33 55.41 -39.11
N16 VYQ P . -6.66 49.76 -34.77
N23 VYQ P . 2.37 55.60 -38.95
N30 VYQ P . 3.97 58.78 -39.98
O01 VYQ P . 3.39 52.81 -39.88
O22 VYQ P . 0.07 55.70 -37.29
O36 VYQ P . 5.43 57.49 -41.22
O37 VYQ P . 1.52 57.65 -39.59
S18 VYQ P . -4.20 50.02 -35.21
#